data_5FW1
#
_entry.id   5FW1
#
_cell.length_a   176.637
_cell.length_b   66.984
_cell.length_c   187.228
_cell.angle_alpha   90.00
_cell.angle_beta   111.12
_cell.angle_gamma   90.00
#
_symmetry.space_group_name_H-M   'C 1 2 1'
#
loop_
_entity.id
_entity.type
_entity.pdbx_description
1 polymer SGRNA
2 polymer 'CRISPR-ASSOCIATED ENDONUCLEASE CAS9/CSN1'
3 polymer 'TARGET DNA STRAND'
4 polymer 'NON-TARGET DNA STRAND'
5 non-polymer 'POTASSIUM ION'
6 non-polymer 'MAGNESIUM ION'
7 water water
#
loop_
_entity_poly.entity_id
_entity_poly.type
_entity_poly.pdbx_seq_one_letter_code
_entity_poly.pdbx_strand_id
1 'polyribonucleotide'
;GGAUAACUCAAUUUGUAAAAAAGUUUUAGAGCUAGAAAUAGCAAGUUAAAAUAAGGCUAGUCCGUUAUCAACUUGAAAAA
GUG
;
A
2 'polypeptide(L)'
;GAASMDKKYSIGLAIGTNSVGWAVITDEYKVPSKKFKVLGNTDRHSIKKNLIGALLFDSGETAEATRLKRTARRRYTRRK
NRICYLQEIFSNEMAKVDDSFFHRLEESFLVEEDKKHERHPIFGNIVDEVAYHEKYPTIYHLRKKLVDSTDKADLRLIYL
ALAHMIKFRGHFLIEGDLNPDNSDVDKLFIQLVQTYNQLFEENPINASGVDAKAILSARLSKSRRLENLIAQLPGEKKNG
LFGNLIALSLGLTPNFKSNFDLAEDAKLQLSKDTYDDDLDNLLAQIGDQYADLFLAAKNLSDAILLSDILRVNTEITKAP
LSASMIKRYDEHHQDLTLLKALVRQQLPEKYKEIFFDQSKNGYAGYIDGGASQEEFYKFIKPILEKMDGTEELLVKLNRE
DLLRKQRTFDNGSIPHQIHLGELHAILRRQEDFYPFLKDNREKIEKILTFRIPYYVGPLARGNSRFAWMTRKSEETITPW
NFEEVVDKGASAQSFIERMTNFDKNLPNEKVLPKHSLLYEYFTVYNELTKVKYVTEGMRKPAFLSGEQKKAIVDLLFKTN
RKVTVKQLKEDYFKKIECFDSVEISGVEDRFNASLGTYHDLLKIIKDKDFLDNEENEDILEDIVLTLTLFEDREMIEERL
KTYAHLFDDKVMKQLKRRRYTGWGRLSRKLINGIRDKQSGKTILDFLKSDGFANRNFMQLIHDDSLTFKEDIQKAQVSGQ
GDSLHEHIANLAGSPAIKKGILQTVKVVDELVKVMGRHKPENIVIEMARENQTTQKGQKNSRERMKRIEEGIKELGSQIL
KEHPVENTQLQNEKLYLYYLQNGRDMYVDQELDINRLSDYDVDAIVPQSFLKDDSIDNKVLTRSDKNRGKSDNVPSEEVV
KKMKNYWRQLLNAKLITQRKFDNLTKAERGGLSELDKAGFIKRQLVETRQITKHVAQILDSRMNTKYDENDKLIREVKVI
TLKSKLVSDFRKDFQFYKVREINNYHHAHDAYLNAVVGTALIKKYPKLESEFVYGDYKVYDVRKMIAKSEQEIGKATAKY
FFYSNIMNFFKTEITLANGEIRKRPLIETNGETGEIVWDKGRDFATVRKVLSMPQVNIVKKTEVQTGGFSKESILPKRNS
DKLIARKKDWDPKKYGGFVSPTVAYSVLVVAKVEKGKSKKLKSVKELLGITIMERSSFEKNPIDFLEAKGYKEVKKDLII
KLPKYSLFELENGRKRMLASAGELQKGNELALPSKYVNFLYLASHYEKLKGSPEDNEQKQLFVEQHKHYLDEIIEQISEF
SKRVILADANLDKVLSAYNKHRDKPIREQAENIIHLFTLTNLGAPAAFKYFDTTIDRKQYRSTKEVLDATLIHQSITGLY
ETRIDLSQLGGD
;
B
3 'polydeoxyribonucleotide'
;(DC)(DA)(DA)(DT)(DC)(DT)(DC)(DA)(DT)(DT)(DT)(DT)(DT)(DT)(DA)(DC)(DA)(DA)(DA)(DT)
(DT)(DG)(DA)(DG)(DT)(DT)(DA)(DT)
;
C
4 'polydeoxyribonucleotide' (DA)(DA)(DA)(DA)(DT)(DG)(DA)(DG)(DA)(DT)(DT)(DG) D
#
loop_
_chem_comp.id
_chem_comp.type
_chem_comp.name
_chem_comp.formula
A RNA linking ADENOSINE-5'-MONOPHOSPHATE 'C10 H14 N5 O7 P'
C RNA linking CYTIDINE-5'-MONOPHOSPHATE 'C9 H14 N3 O8 P'
DA DNA linking 2'-DEOXYADENOSINE-5'-MONOPHOSPHATE 'C10 H14 N5 O6 P'
DC DNA linking 2'-DEOXYCYTIDINE-5'-MONOPHOSPHATE 'C9 H14 N3 O7 P'
DG DNA linking 2'-DEOXYGUANOSINE-5'-MONOPHOSPHATE 'C10 H14 N5 O7 P'
DT DNA linking THYMIDINE-5'-MONOPHOSPHATE 'C10 H15 N2 O8 P'
G RNA linking GUANOSINE-5'-MONOPHOSPHATE 'C10 H14 N5 O8 P'
K non-polymer 'POTASSIUM ION' 'K 1'
MG non-polymer 'MAGNESIUM ION' 'Mg 2'
U RNA linking URIDINE-5'-MONOPHOSPHATE 'C9 H13 N2 O9 P'
#
# COMPACT_ATOMS: atom_id res chain seq x y z
N LYS B 8 29.87 19.25 -28.48
CA LYS B 8 30.86 19.58 -27.46
C LYS B 8 30.72 18.68 -26.24
N TYR B 9 29.50 18.56 -25.71
CA TYR B 9 29.32 17.96 -24.40
C TYR B 9 28.09 17.04 -24.35
N SER B 10 28.14 16.09 -23.43
CA SER B 10 27.03 15.20 -23.13
C SER B 10 26.76 15.27 -21.63
N ILE B 11 25.57 14.80 -21.24
CA ILE B 11 25.11 14.86 -19.85
C ILE B 11 24.80 13.46 -19.37
N GLY B 12 25.42 13.05 -18.27
CA GLY B 12 24.98 11.91 -17.52
C GLY B 12 24.02 12.27 -16.39
N LEU B 13 23.08 11.36 -16.14
CA LEU B 13 22.07 11.53 -15.09
C LEU B 13 21.83 10.18 -14.42
N ALA B 14 21.84 10.19 -13.09
CA ALA B 14 21.48 9.01 -12.30
C ALA B 14 20.29 9.39 -11.43
N ILE B 15 19.12 8.84 -11.75
CA ILE B 15 17.87 9.22 -11.11
C ILE B 15 17.57 8.25 -9.97
N GLY B 16 17.20 8.79 -8.82
CA GLY B 16 16.95 8.02 -7.63
C GLY B 16 15.82 8.66 -6.84
N THR B 17 15.42 7.96 -5.77
CA THR B 17 14.34 8.48 -4.96
C THR B 17 14.80 9.62 -4.06
N ASN B 18 16.02 9.54 -3.54
CA ASN B 18 16.60 10.61 -2.73
C ASN B 18 17.67 11.42 -3.44
N SER B 19 17.97 11.15 -4.71
CA SER B 19 19.13 11.76 -5.35
C SER B 19 18.91 11.90 -6.85
N VAL B 20 19.53 12.92 -7.43
CA VAL B 20 19.81 12.96 -8.87
C VAL B 20 21.30 13.28 -9.03
N GLY B 21 22.06 12.31 -9.51
CA GLY B 21 23.43 12.60 -9.91
C GLY B 21 23.48 13.13 -11.34
N TRP B 22 24.48 13.97 -11.59
CA TRP B 22 24.60 14.63 -12.88
C TRP B 22 26.08 14.86 -13.19
N ALA B 23 26.40 14.79 -14.48
CA ALA B 23 27.74 15.06 -14.95
C ALA B 23 27.70 15.62 -16.37
N VAL B 24 28.73 16.39 -16.70
CA VAL B 24 28.94 16.89 -18.06
C VAL B 24 30.27 16.35 -18.54
N ILE B 25 30.28 15.78 -19.75
CA ILE B 25 31.50 15.21 -20.32
C ILE B 25 31.75 15.78 -21.70
N THR B 26 33.03 15.77 -22.10
CA THR B 26 33.48 16.29 -23.38
C THR B 26 33.66 15.14 -24.37
N ASP B 27 34.24 15.46 -25.54
CA ASP B 27 34.53 14.45 -26.55
C ASP B 27 35.35 13.30 -25.96
N GLU B 28 36.39 13.63 -25.20
CA GLU B 28 37.33 12.64 -24.65
C GLU B 28 36.92 12.17 -23.25
N TYR B 29 35.69 12.43 -22.83
CA TYR B 29 35.15 12.00 -21.55
C TYR B 29 35.75 12.74 -20.36
N LYS B 30 36.27 13.95 -20.59
CA LYS B 30 36.63 14.83 -19.50
C LYS B 30 35.40 15.58 -19.01
N VAL B 31 35.44 15.99 -17.75
CA VAL B 31 34.39 16.81 -17.17
C VAL B 31 34.93 18.24 -17.01
N PRO B 32 34.37 19.23 -17.70
CA PRO B 32 34.97 20.57 -17.64
C PRO B 32 34.92 21.16 -16.25
N SER B 33 35.75 22.19 -16.05
CA SER B 33 35.75 23.01 -14.86
C SER B 33 35.57 24.44 -15.32
N LYS B 34 34.66 25.17 -14.68
CA LYS B 34 34.34 26.52 -15.11
C LYS B 34 34.41 27.46 -13.92
N LYS B 35 34.52 28.74 -14.19
CA LYS B 35 34.44 29.76 -13.16
C LYS B 35 33.07 30.39 -13.17
N PHE B 36 32.42 30.40 -12.01
CA PHE B 36 31.07 30.90 -11.84
C PHE B 36 31.09 32.11 -10.94
N LYS B 37 30.36 33.15 -11.34
CA LYS B 37 30.19 34.33 -10.51
C LYS B 37 29.56 33.95 -9.18
N VAL B 38 30.10 34.55 -8.11
CA VAL B 38 29.46 34.52 -6.80
C VAL B 38 28.83 35.88 -6.57
N LEU B 39 27.65 35.88 -5.95
CA LEU B 39 26.97 37.12 -5.60
C LEU B 39 26.96 37.26 -4.08
N GLY B 40 26.38 38.35 -3.60
CA GLY B 40 26.31 38.63 -2.19
C GLY B 40 27.30 39.69 -1.74
N ASN B 41 27.41 39.79 -0.41
CA ASN B 41 28.18 40.85 0.24
C ASN B 41 29.61 40.45 0.58
N THR B 42 30.07 39.30 0.11
CA THR B 42 31.29 38.67 0.64
C THR B 42 32.55 39.08 -0.10
N ASP B 43 33.68 38.53 0.37
CA ASP B 43 34.97 38.66 -0.30
C ASP B 43 34.92 38.08 -1.72
N ARG B 44 34.55 36.80 -1.83
CA ARG B 44 34.62 36.11 -3.12
C ARG B 44 33.72 36.78 -4.14
N HIS B 45 34.26 37.03 -5.34
CA HIS B 45 33.42 37.32 -6.49
C HIS B 45 33.22 36.13 -7.42
N SER B 46 33.93 35.02 -7.21
CA SER B 46 33.82 33.89 -8.13
C SER B 46 34.35 32.62 -7.48
N ILE B 47 34.00 31.49 -8.08
CA ILE B 47 34.44 30.17 -7.62
C ILE B 47 34.59 29.26 -8.83
N LYS B 48 35.60 28.39 -8.80
CA LYS B 48 35.74 27.38 -9.84
C LYS B 48 35.01 26.12 -9.41
N LYS B 49 34.21 25.56 -10.32
CA LYS B 49 33.44 24.36 -10.04
C LYS B 49 33.64 23.35 -11.15
N ASN B 50 33.83 22.10 -10.74
CA ASN B 50 33.70 20.99 -11.67
C ASN B 50 32.22 20.76 -11.99
N LEU B 51 31.95 20.32 -13.21
CA LEU B 51 30.61 20.17 -13.73
C LEU B 51 30.00 18.81 -13.39
N ILE B 52 30.55 18.13 -12.40
CA ILE B 52 29.97 16.92 -11.83
C ILE B 52 29.32 17.28 -10.49
N GLY B 53 28.27 16.55 -10.13
CA GLY B 53 27.65 16.75 -8.82
C GLY B 53 26.40 15.91 -8.63
N ALA B 54 25.75 16.14 -7.50
CA ALA B 54 24.52 15.41 -7.18
C ALA B 54 23.62 16.24 -6.28
N LEU B 55 22.31 16.11 -6.49
CA LEU B 55 21.28 16.79 -5.70
C LEU B 55 20.61 15.78 -4.77
N LEU B 56 20.52 16.13 -3.49
CA LEU B 56 19.93 15.27 -2.47
C LEU B 56 18.63 15.87 -1.97
N PHE B 57 17.65 15.02 -1.70
CA PHE B 57 16.36 15.51 -1.20
C PHE B 57 15.67 14.43 -0.37
N ASP B 58 14.88 14.89 0.60
CA ASP B 58 14.00 14.01 1.34
C ASP B 58 12.98 13.37 0.39
N SER B 59 12.55 12.17 0.76
CA SER B 59 11.62 11.42 -0.09
C SER B 59 10.32 12.17 -0.30
N GLY B 60 9.84 12.16 -1.54
CA GLY B 60 8.46 12.54 -1.77
C GLY B 60 7.51 11.53 -1.15
N GLU B 61 6.44 12.04 -0.55
CA GLU B 61 5.52 11.22 0.21
C GLU B 61 4.23 10.99 -0.55
N THR B 62 3.64 9.81 -0.34
CA THR B 62 2.33 9.49 -0.87
C THR B 62 1.26 10.35 -0.20
N ALA B 63 0.11 10.42 -0.87
CA ALA B 63 -1.04 11.14 -0.34
C ALA B 63 -1.76 10.37 0.76
N GLU B 64 -1.34 9.14 1.05
CA GLU B 64 -2.15 8.25 1.89
C GLU B 64 -2.40 8.84 3.27
N ALA B 65 -1.32 9.15 4.01
CA ALA B 65 -1.48 9.67 5.36
C ALA B 65 -2.42 10.88 5.36
N THR B 66 -2.20 11.82 4.44
CA THR B 66 -3.08 12.97 4.30
C THR B 66 -4.54 12.54 4.12
N ARG B 67 -4.76 11.49 3.33
CA ARG B 67 -6.11 11.00 3.08
C ARG B 67 -6.74 10.47 4.36
N LEU B 68 -6.03 9.57 5.06
CA LEU B 68 -6.53 9.03 6.32
C LEU B 68 -6.89 10.15 7.30
N LYS B 69 -6.03 11.17 7.40
CA LYS B 69 -6.33 12.28 8.30
C LYS B 69 -7.60 13.01 7.86
N ARG B 70 -7.70 13.36 6.58
CA ARG B 70 -8.85 14.11 6.09
C ARG B 70 -10.15 13.35 6.36
N THR B 71 -10.17 12.05 6.05
CA THR B 71 -11.39 11.27 6.23
C THR B 71 -11.74 11.10 7.70
N ALA B 72 -10.74 10.84 8.55
CA ALA B 72 -11.01 10.81 9.98
C ALA B 72 -11.63 12.13 10.44
N ARG B 73 -11.10 13.24 9.95
CA ARG B 73 -11.67 14.56 10.26
C ARG B 73 -13.16 14.56 9.97
N ARG B 74 -13.53 14.17 8.74
CA ARG B 74 -14.95 14.15 8.39
C ARG B 74 -15.74 13.27 9.34
N ARG B 75 -15.19 12.12 9.72
CA ARG B 75 -15.89 11.27 10.68
C ARG B 75 -16.19 12.04 11.97
N TYR B 76 -15.19 12.73 12.51
CA TYR B 76 -15.41 13.47 13.76
C TYR B 76 -16.51 14.51 13.60
N THR B 77 -16.48 15.31 12.53
CA THR B 77 -17.45 16.38 12.47
C THR B 77 -18.87 15.85 12.22
N ARG B 78 -19.00 14.72 11.53
CA ARG B 78 -20.33 14.16 11.32
C ARG B 78 -20.87 13.49 12.58
N ARG B 79 -20.02 12.77 13.32
CA ARG B 79 -20.42 12.28 14.63
C ARG B 79 -20.94 13.42 15.52
N LYS B 80 -20.17 14.51 15.56
CA LYS B 80 -20.62 15.70 16.30
C LYS B 80 -22.00 16.14 15.82
N ASN B 81 -22.18 16.26 14.50
CA ASN B 81 -23.48 16.65 13.97
C ASN B 81 -24.58 15.70 14.42
N ARG B 82 -24.29 14.39 14.49
CA ARG B 82 -25.27 13.44 15.00
C ARG B 82 -25.74 13.84 16.39
N ILE B 83 -24.78 14.03 17.31
CA ILE B 83 -25.15 14.46 18.65
C ILE B 83 -25.99 15.73 18.59
N CYS B 84 -25.58 16.70 17.77
CA CYS B 84 -26.31 17.96 17.72
C CYS B 84 -27.75 17.76 17.24
N TYR B 85 -27.96 16.87 16.27
CA TYR B 85 -29.32 16.55 15.86
C TYR B 85 -30.12 16.04 17.05
N LEU B 86 -29.55 15.08 17.79
CA LEU B 86 -30.26 14.55 18.96
C LEU B 86 -30.62 15.66 19.93
N GLN B 87 -29.63 16.47 20.32
CA GLN B 87 -29.85 17.55 21.28
C GLN B 87 -30.88 18.54 20.78
N GLU B 88 -30.94 18.75 19.46
CA GLU B 88 -31.91 19.67 18.89
C GLU B 88 -33.32 19.08 18.96
N ILE B 89 -33.44 17.75 18.94
CA ILE B 89 -34.76 17.16 19.11
C ILE B 89 -35.21 17.26 20.57
N PHE B 90 -34.27 17.18 21.52
CA PHE B 90 -34.58 17.19 22.94
C PHE B 90 -34.69 18.58 23.55
N SER B 91 -34.39 19.63 22.78
CA SER B 91 -34.11 20.93 23.36
C SER B 91 -35.31 21.48 24.14
N ASN B 92 -36.45 21.62 23.46
CA ASN B 92 -37.60 22.27 24.08
C ASN B 92 -38.03 21.54 25.34
N GLU B 93 -38.12 20.21 25.29
CA GLU B 93 -38.59 19.44 26.44
C GLU B 93 -37.54 19.26 27.52
N MET B 94 -36.25 19.33 27.17
CA MET B 94 -35.23 19.32 28.20
C MET B 94 -35.17 20.65 28.94
N ALA B 95 -35.49 21.74 28.25
CA ALA B 95 -35.49 23.05 28.91
C ALA B 95 -36.46 23.10 30.07
N LYS B 96 -37.52 22.28 30.02
CA LYS B 96 -38.47 22.22 31.13
C LYS B 96 -37.91 21.41 32.29
N VAL B 97 -37.25 20.28 32.00
CA VAL B 97 -36.70 19.44 33.06
C VAL B 97 -35.50 20.11 33.71
N ASP B 98 -34.49 20.44 32.91
CA ASP B 98 -33.23 20.97 33.42
C ASP B 98 -32.77 22.09 32.50
N ASP B 99 -32.68 23.30 33.06
CA ASP B 99 -32.33 24.47 32.27
C ASP B 99 -30.97 24.31 31.61
N SER B 100 -29.96 23.93 32.39
CA SER B 100 -28.56 23.96 31.97
C SER B 100 -27.98 22.61 31.54
N PHE B 101 -28.77 21.55 31.49
CA PHE B 101 -28.21 20.19 31.34
C PHE B 101 -27.19 20.11 30.20
N PHE B 102 -27.61 20.51 28.99
CA PHE B 102 -26.71 20.39 27.85
C PHE B 102 -25.50 21.30 27.99
N HIS B 103 -25.65 22.43 28.69
CA HIS B 103 -24.50 23.29 28.96
C HIS B 103 -23.50 22.58 29.86
N ARG B 104 -23.98 21.98 30.95
CA ARG B 104 -23.09 21.20 31.80
C ARG B 104 -22.38 20.12 31.00
N LEU B 105 -23.10 19.49 30.07
CA LEU B 105 -22.45 18.48 29.22
C LEU B 105 -21.31 19.09 28.43
N GLU B 106 -21.57 20.17 27.71
CA GLU B 106 -20.56 20.69 26.79
C GLU B 106 -19.38 21.34 27.52
N GLU B 107 -19.55 21.80 28.76
CA GLU B 107 -18.44 22.30 29.56
C GLU B 107 -17.86 21.24 30.49
N SER B 108 -18.29 19.98 30.37
CA SER B 108 -17.78 18.93 31.25
C SER B 108 -16.26 18.92 31.32
N PHE B 109 -15.59 19.27 30.22
CA PHE B 109 -14.13 19.21 30.17
C PHE B 109 -13.46 20.30 30.99
N LEU B 110 -14.16 21.38 31.27
CA LEU B 110 -13.57 22.55 31.93
C LEU B 110 -13.33 22.30 33.41
N VAL B 111 -12.27 22.91 33.93
CA VAL B 111 -12.00 22.84 35.37
C VAL B 111 -13.07 23.65 36.10
N GLU B 112 -13.32 23.29 37.37
CA GLU B 112 -14.38 23.94 38.14
C GLU B 112 -14.24 25.46 38.09
N GLU B 113 -13.00 25.96 38.06
CA GLU B 113 -12.76 27.39 38.03
C GLU B 113 -13.41 28.04 36.80
N ASP B 114 -13.35 27.36 35.65
CA ASP B 114 -13.85 27.93 34.41
C ASP B 114 -15.31 27.59 34.12
N LYS B 115 -15.94 26.78 34.96
CA LYS B 115 -17.31 26.34 34.69
C LYS B 115 -18.33 27.44 34.99
N LYS B 116 -19.28 27.61 34.07
CA LYS B 116 -20.42 28.49 34.32
C LYS B 116 -21.38 27.87 35.33
N HIS B 117 -21.54 26.55 35.30
CA HIS B 117 -22.57 25.85 36.05
C HIS B 117 -21.90 24.87 37.03
N GLU B 118 -22.72 24.20 37.82
CA GLU B 118 -22.17 23.32 38.84
C GLU B 118 -21.51 22.10 38.18
N ARG B 119 -20.58 21.50 38.92
CA ARG B 119 -19.60 20.61 38.34
C ARG B 119 -20.13 19.22 38.05
N HIS B 120 -21.31 18.86 38.53
CA HIS B 120 -21.81 17.50 38.37
C HIS B 120 -22.67 17.41 37.13
N PRO B 121 -22.25 16.70 36.08
CA PRO B 121 -22.86 16.91 34.75
C PRO B 121 -24.34 16.56 34.69
N ILE B 122 -24.72 15.42 35.24
CA ILE B 122 -26.03 14.83 34.95
C ILE B 122 -27.11 15.61 35.69
N PHE B 123 -27.12 15.51 37.02
CA PHE B 123 -28.17 16.13 37.82
C PHE B 123 -27.78 17.44 38.49
N GLY B 124 -26.53 17.88 38.38
CA GLY B 124 -26.16 19.16 38.95
C GLY B 124 -26.11 19.24 40.46
N ASN B 125 -26.07 18.12 41.17
CA ASN B 125 -25.79 18.13 42.60
C ASN B 125 -25.17 16.80 43.00
N ILE B 126 -24.38 16.85 44.08
CA ILE B 126 -23.57 15.68 44.46
C ILE B 126 -24.46 14.49 44.81
N VAL B 127 -25.54 14.72 45.55
CA VAL B 127 -26.26 13.57 46.10
C VAL B 127 -26.96 12.80 44.98
N ASP B 128 -27.62 13.50 44.06
CA ASP B 128 -28.23 12.84 42.91
C ASP B 128 -27.18 12.18 42.02
N GLU B 129 -26.04 12.86 41.80
CA GLU B 129 -25.00 12.32 40.94
C GLU B 129 -24.45 11.02 41.51
N VAL B 130 -24.04 11.06 42.78
CA VAL B 130 -23.54 9.87 43.47
C VAL B 130 -24.58 8.76 43.41
N ALA B 131 -25.84 9.10 43.67
CA ALA B 131 -26.89 8.08 43.59
C ALA B 131 -26.91 7.45 42.20
N TYR B 132 -26.81 8.27 41.16
CA TYR B 132 -26.80 7.75 39.79
C TYR B 132 -25.71 6.72 39.61
N HIS B 133 -24.46 7.08 39.95
CA HIS B 133 -23.37 6.15 39.71
C HIS B 133 -23.53 4.88 40.55
N GLU B 134 -24.04 5.01 41.78
CA GLU B 134 -24.23 3.83 42.61
C GLU B 134 -25.25 2.89 41.98
N LYS B 135 -26.30 3.44 41.35
CA LYS B 135 -27.29 2.57 40.72
C LYS B 135 -26.83 2.05 39.36
N TYR B 136 -26.06 2.85 38.61
CA TYR B 136 -25.63 2.50 37.26
C TYR B 136 -24.13 2.70 37.15
N PRO B 137 -23.34 1.75 37.65
CA PRO B 137 -21.87 1.92 37.60
C PRO B 137 -21.31 1.99 36.19
N THR B 138 -22.01 1.45 35.19
CA THR B 138 -21.64 1.66 33.80
C THR B 138 -22.86 2.12 33.02
N ILE B 139 -22.60 2.78 31.89
CA ILE B 139 -23.68 3.25 31.04
C ILE B 139 -24.55 2.09 30.59
N TYR B 140 -23.99 0.87 30.56
CA TYR B 140 -24.73 -0.29 30.08
C TYR B 140 -25.79 -0.75 31.09
N HIS B 141 -25.55 -0.52 32.38
CA HIS B 141 -26.62 -0.70 33.36
C HIS B 141 -27.83 0.16 32.98
N LEU B 142 -27.58 1.44 32.67
CA LEU B 142 -28.67 2.35 32.32
C LEU B 142 -29.33 1.92 31.02
N ARG B 143 -28.54 1.47 30.05
CA ARG B 143 -29.11 0.97 28.80
C ARG B 143 -30.06 -0.19 29.08
N LYS B 144 -29.60 -1.20 29.82
CA LYS B 144 -30.43 -2.36 30.07
C LYS B 144 -31.71 -1.96 30.78
N LYS B 145 -31.60 -1.21 31.87
CA LYS B 145 -32.79 -0.86 32.63
C LYS B 145 -33.76 -0.03 31.78
N LEU B 146 -33.24 0.85 30.91
CA LEU B 146 -34.11 1.65 30.07
C LEU B 146 -34.72 0.86 28.92
N VAL B 147 -34.11 -0.25 28.54
CA VAL B 147 -34.72 -1.14 27.54
C VAL B 147 -35.78 -2.03 28.18
N ASP B 148 -35.50 -2.54 29.37
CA ASP B 148 -36.37 -3.52 30.03
C ASP B 148 -37.53 -2.87 30.78
N SER B 149 -37.28 -1.76 31.48
CA SER B 149 -38.26 -1.24 32.43
C SER B 149 -39.49 -0.67 31.73
N THR B 150 -40.63 -0.71 32.45
CA THR B 150 -41.82 0.01 32.05
C THR B 150 -41.92 1.40 32.68
N ASP B 151 -41.05 1.72 33.63
CA ASP B 151 -41.17 2.97 34.36
C ASP B 151 -40.85 4.16 33.46
N LYS B 152 -41.61 5.23 33.63
CA LYS B 152 -41.18 6.51 33.08
C LYS B 152 -39.81 6.86 33.63
N ALA B 153 -38.98 7.48 32.80
CA ALA B 153 -37.59 7.70 33.13
C ALA B 153 -37.26 9.18 33.06
N ASP B 154 -36.25 9.57 33.85
CA ASP B 154 -35.75 10.93 33.77
C ASP B 154 -35.24 11.22 32.36
N LEU B 155 -35.70 12.33 31.77
CA LEU B 155 -35.40 12.61 30.38
C LEU B 155 -33.90 12.72 30.13
N ARG B 156 -33.12 13.15 31.12
CA ARG B 156 -31.68 13.28 30.92
C ARG B 156 -31.01 11.92 30.79
N LEU B 157 -31.47 10.93 31.54
CA LEU B 157 -30.93 9.58 31.41
C LEU B 157 -31.31 8.97 30.07
N ILE B 158 -32.56 9.18 29.62
CA ILE B 158 -32.95 8.76 28.28
C ILE B 158 -31.98 9.34 27.28
N TYR B 159 -31.81 10.66 27.30
CA TYR B 159 -30.88 11.29 26.37
C TYR B 159 -29.51 10.62 26.44
N LEU B 160 -28.93 10.50 27.63
CA LEU B 160 -27.58 9.98 27.74
C LEU B 160 -27.48 8.59 27.09
N ALA B 161 -28.48 7.74 27.29
CA ALA B 161 -28.38 6.40 26.72
C ALA B 161 -28.47 6.44 25.19
N LEU B 162 -29.45 7.18 24.67
CA LEU B 162 -29.56 7.33 23.21
C LEU B 162 -28.27 7.90 22.64
N ALA B 163 -27.76 8.97 23.25
CA ALA B 163 -26.53 9.61 22.81
C ALA B 163 -25.37 8.62 22.82
N HIS B 164 -25.31 7.76 23.83
CA HIS B 164 -24.22 6.79 23.88
C HIS B 164 -24.31 5.81 22.72
N MET B 165 -25.53 5.37 22.39
CA MET B 165 -25.66 4.45 21.26
C MET B 165 -25.40 5.14 19.92
N ILE B 166 -25.73 6.42 19.81
CA ILE B 166 -25.54 7.14 18.55
C ILE B 166 -24.08 7.54 18.37
N LYS B 167 -23.40 7.88 19.46
CA LYS B 167 -22.02 8.34 19.36
C LYS B 167 -21.10 7.18 19.00
N PHE B 168 -21.28 6.02 19.63
CA PHE B 168 -20.55 4.82 19.25
C PHE B 168 -21.60 3.82 18.77
N ARG B 169 -21.78 3.77 17.45
CA ARG B 169 -22.92 3.09 16.85
C ARG B 169 -22.60 1.74 16.25
N GLY B 170 -21.34 1.31 16.26
CA GLY B 170 -20.96 0.05 15.65
C GLY B 170 -20.94 0.14 14.12
N HIS B 171 -20.60 -1.00 13.50
CA HIS B 171 -20.25 -0.97 12.08
C HIS B 171 -21.45 -1.32 11.20
N PHE B 172 -21.25 -1.12 9.89
CA PHE B 172 -22.26 -1.27 8.86
C PHE B 172 -22.05 -2.46 7.93
N LEU B 173 -21.16 -3.39 8.30
CA LEU B 173 -20.74 -4.47 7.40
C LEU B 173 -21.82 -5.51 7.10
N ILE B 174 -22.91 -5.55 7.86
CA ILE B 174 -24.01 -6.49 7.59
C ILE B 174 -25.22 -5.71 7.11
N GLU B 175 -25.74 -6.10 5.94
CA GLU B 175 -26.93 -5.48 5.38
C GLU B 175 -28.19 -6.07 6.01
N GLY B 176 -29.27 -5.30 5.96
CA GLY B 176 -30.50 -5.72 6.58
C GLY B 176 -30.37 -5.63 8.09
N ASP B 177 -31.34 -6.24 8.76
CA ASP B 177 -31.48 -6.10 10.19
C ASP B 177 -31.32 -7.44 10.88
N LEU B 178 -30.90 -7.39 12.14
CA LEU B 178 -30.83 -8.55 13.01
C LEU B 178 -31.85 -8.40 14.14
N ASN B 179 -32.35 -9.55 14.58
CA ASN B 179 -33.26 -9.63 15.71
C ASN B 179 -32.66 -10.73 16.58
N PRO B 180 -31.77 -10.38 17.51
CA PRO B 180 -30.73 -11.32 17.96
C PRO B 180 -31.25 -12.72 18.26
N ASP B 181 -30.54 -13.70 17.71
CA ASP B 181 -30.76 -15.11 17.99
C ASP B 181 -29.48 -15.74 18.51
N SER B 183 -30.41 -17.25 20.82
CA SER B 183 -31.51 -17.93 21.49
C SER B 183 -31.79 -19.28 20.83
N VAL B 185 -28.53 -20.99 18.88
CA VAL B 185 -27.70 -21.81 18.01
C VAL B 185 -28.12 -23.26 18.12
N ASP B 186 -28.71 -23.63 19.26
CA ASP B 186 -29.21 -24.98 19.44
C ASP B 186 -30.30 -25.31 18.43
N LYS B 187 -31.28 -24.40 18.29
CA LYS B 187 -32.37 -24.64 17.35
C LYS B 187 -31.87 -24.68 15.90
N LEU B 188 -30.92 -23.81 15.58
CA LEU B 188 -30.39 -23.78 14.21
C LEU B 188 -29.49 -24.98 13.94
N PHE B 189 -28.84 -25.51 14.98
CA PHE B 189 -28.07 -26.75 14.82
C PHE B 189 -28.99 -27.94 14.63
N ILE B 190 -29.97 -28.12 15.53
CA ILE B 190 -31.00 -29.14 15.32
C ILE B 190 -31.55 -29.03 13.90
N GLN B 191 -31.80 -27.80 13.45
CA GLN B 191 -32.29 -27.59 12.09
C GLN B 191 -31.33 -28.19 11.08
N LEU B 192 -30.06 -27.78 11.12
CA LEU B 192 -29.06 -28.32 10.20
C LEU B 192 -29.12 -29.84 10.18
N VAL B 193 -29.14 -30.46 11.37
CA VAL B 193 -29.22 -31.91 11.46
C VAL B 193 -30.47 -32.42 10.75
N GLN B 194 -31.57 -31.68 10.83
CA GLN B 194 -32.84 -32.20 10.34
C GLN B 194 -32.91 -32.15 8.81
N THR B 195 -32.57 -31.01 8.20
CA THR B 195 -32.54 -30.98 6.74
C THR B 195 -31.49 -31.95 6.20
N TYR B 196 -30.33 -32.04 6.87
CA TYR B 196 -29.36 -33.06 6.49
C TYR B 196 -29.97 -34.45 6.54
N ASN B 197 -30.80 -34.73 7.55
CA ASN B 197 -31.34 -36.07 7.71
C ASN B 197 -32.45 -36.36 6.72
N GLN B 198 -33.18 -35.33 6.27
CA GLN B 198 -34.09 -35.56 5.15
C GLN B 198 -33.33 -35.81 3.88
N LEU B 199 -32.15 -35.20 3.70
CA LEU B 199 -31.42 -35.41 2.47
C LEU B 199 -30.74 -36.77 2.45
N PHE B 200 -30.21 -37.22 3.59
CA PHE B 200 -29.65 -38.56 3.69
C PHE B 200 -30.57 -39.36 4.59
N GLU B 201 -31.38 -40.23 3.97
CA GLU B 201 -32.32 -41.05 4.70
C GLU B 201 -31.64 -42.29 5.27
N GLU B 202 -30.65 -42.81 4.56
CA GLU B 202 -30.05 -44.11 4.89
C GLU B 202 -29.08 -44.00 6.06
N ASN B 203 -28.30 -42.92 6.14
CA ASN B 203 -27.49 -42.65 7.32
C ASN B 203 -27.96 -41.36 7.99
N PRO B 204 -28.69 -41.44 9.10
CA PRO B 204 -28.95 -40.25 9.91
C PRO B 204 -27.81 -39.92 10.85
N ILE B 205 -27.84 -38.68 11.34
CA ILE B 205 -27.05 -38.27 12.50
C ILE B 205 -28.00 -38.12 13.68
N ASN B 206 -27.52 -38.46 14.87
CA ASN B 206 -28.32 -38.42 16.09
C ASN B 206 -28.01 -37.15 16.85
N ALA B 207 -29.02 -36.27 16.97
CA ALA B 207 -28.86 -35.07 17.79
C ALA B 207 -28.36 -35.43 19.19
N SER B 208 -28.77 -36.59 19.70
CA SER B 208 -28.05 -37.28 20.77
C SER B 208 -28.09 -36.59 22.13
N GLY B 209 -28.68 -35.40 22.21
CA GLY B 209 -28.48 -34.59 23.40
C GLY B 209 -27.12 -33.95 23.41
N VAL B 210 -26.57 -33.65 22.24
CA VAL B 210 -25.37 -32.83 22.15
C VAL B 210 -25.72 -31.41 22.58
N ASP B 211 -24.79 -30.75 23.26
CA ASP B 211 -24.98 -29.34 23.55
C ASP B 211 -24.30 -28.59 22.41
N ALA B 212 -25.12 -28.06 21.49
CA ALA B 212 -24.57 -27.34 20.36
C ALA B 212 -24.23 -25.90 20.75
N LYS B 213 -25.05 -25.31 21.61
CA LYS B 213 -24.77 -23.97 22.11
C LYS B 213 -23.39 -23.91 22.74
N ALA B 214 -23.17 -24.75 23.76
CA ALA B 214 -21.94 -24.66 24.55
C ALA B 214 -20.72 -24.89 23.67
N ILE B 215 -20.81 -25.81 22.72
CA ILE B 215 -19.63 -26.20 21.94
C ILE B 215 -19.33 -25.19 20.85
N LEU B 216 -20.36 -24.69 20.15
CA LEU B 216 -20.11 -23.81 19.02
C LEU B 216 -19.84 -22.37 19.44
N SER B 217 -20.38 -21.93 20.58
CA SER B 217 -20.14 -20.57 21.07
C SER B 217 -19.01 -20.50 22.08
N ALA B 218 -18.36 -21.62 22.39
CA ALA B 218 -17.26 -21.59 23.33
C ALA B 218 -16.15 -20.70 22.79
N ARG B 219 -15.28 -20.26 23.67
CA ARG B 219 -14.35 -19.17 23.36
C ARG B 219 -13.18 -19.62 22.50
N LEU B 220 -13.15 -20.89 22.11
CA LEU B 220 -12.02 -21.49 21.41
C LEU B 220 -11.97 -21.04 19.95
N SER B 221 -10.97 -21.55 19.23
CA SER B 221 -10.84 -21.32 17.81
C SER B 221 -11.82 -22.20 17.04
N LYS B 222 -12.14 -21.76 15.82
CA LYS B 222 -13.16 -22.43 15.01
C LYS B 222 -12.86 -23.91 14.85
N SER B 223 -11.63 -24.25 14.47
CA SER B 223 -11.28 -25.65 14.23
C SER B 223 -11.50 -26.50 15.46
N ARG B 224 -11.19 -25.97 16.65
CA ARG B 224 -11.35 -26.77 17.87
C ARG B 224 -12.81 -26.99 18.21
N ARG B 225 -13.66 -25.97 17.99
CA ARG B 225 -15.09 -26.17 18.18
C ARG B 225 -15.64 -27.19 17.19
N LEU B 226 -15.16 -27.17 15.95
CA LEU B 226 -15.53 -28.21 15.00
C LEU B 226 -15.16 -29.59 15.53
N GLU B 227 -13.90 -29.76 15.93
CA GLU B 227 -13.43 -31.05 16.42
C GLU B 227 -14.26 -31.51 17.62
N ASN B 228 -14.55 -30.59 18.55
CA ASN B 228 -15.37 -30.93 19.71
C ASN B 228 -16.76 -31.37 19.27
N LEU B 229 -17.38 -30.62 18.36
CA LEU B 229 -18.72 -30.93 17.90
C LEU B 229 -18.78 -32.33 17.29
N ILE B 230 -17.84 -32.65 16.39
CA ILE B 230 -17.91 -33.97 15.76
C ILE B 230 -17.33 -35.06 16.65
N ALA B 231 -16.75 -34.69 17.81
CA ALA B 231 -16.47 -35.69 18.83
C ALA B 231 -17.76 -36.27 19.39
N GLN B 232 -18.73 -35.41 19.69
CA GLN B 232 -20.02 -35.87 20.18
C GLN B 232 -20.82 -36.62 19.11
N LEU B 233 -20.38 -36.58 17.85
CA LEU B 233 -21.06 -37.31 16.80
C LEU B 233 -20.29 -38.59 16.51
N PRO B 234 -20.84 -39.77 16.81
CA PRO B 234 -20.08 -41.00 16.60
C PRO B 234 -19.98 -41.35 15.13
N GLY B 235 -18.80 -41.81 14.73
CA GLY B 235 -18.58 -42.28 13.37
C GLY B 235 -18.64 -41.21 12.30
N GLU B 236 -18.84 -39.95 12.67
CA GLU B 236 -18.82 -38.83 11.75
C GLU B 236 -17.45 -38.19 11.81
N LYS B 237 -16.87 -37.91 10.64
CA LYS B 237 -15.52 -37.38 10.52
C LYS B 237 -15.58 -35.91 10.14
N LYS B 238 -14.65 -35.13 10.69
CA LYS B 238 -14.63 -33.68 10.45
C LYS B 238 -14.51 -33.35 8.97
N ASN B 239 -14.01 -34.29 8.16
CA ASN B 239 -13.96 -34.10 6.71
C ASN B 239 -15.19 -34.62 5.99
N GLY B 240 -16.07 -35.36 6.68
CA GLY B 240 -17.34 -35.76 6.10
C GLY B 240 -18.23 -34.57 5.81
N LEU B 241 -19.35 -34.84 5.15
CA LEU B 241 -20.23 -33.77 4.72
C LEU B 241 -20.67 -32.91 5.90
N PHE B 242 -21.27 -33.54 6.92
CA PHE B 242 -21.77 -32.76 8.05
C PHE B 242 -20.65 -31.94 8.68
N GLY B 243 -19.48 -32.55 8.88
CA GLY B 243 -18.34 -31.81 9.40
C GLY B 243 -18.02 -30.59 8.56
N ASN B 244 -18.01 -30.75 7.23
CA ASN B 244 -17.74 -29.62 6.35
C ASN B 244 -18.81 -28.55 6.48
N LEU B 245 -20.06 -28.95 6.73
CA LEU B 245 -21.13 -27.97 6.88
C LEU B 245 -20.98 -27.19 8.18
N ILE B 246 -20.69 -27.88 9.28
CA ILE B 246 -20.38 -27.19 10.54
C ILE B 246 -19.22 -26.21 10.32
N ALA B 247 -18.12 -26.71 9.78
CA ALA B 247 -16.97 -25.85 9.49
C ALA B 247 -17.38 -24.63 8.69
N LEU B 248 -18.17 -24.83 7.63
CA LEU B 248 -18.69 -23.72 6.86
C LEU B 248 -19.43 -22.73 7.75
N SER B 249 -20.36 -23.24 8.57
CA SER B 249 -21.09 -22.39 9.49
C SER B 249 -20.17 -21.69 10.48
N LEU B 250 -19.00 -22.27 10.74
CA LEU B 250 -18.07 -21.69 11.70
C LEU B 250 -17.25 -20.56 11.10
N GLY B 251 -17.54 -20.17 9.86
CA GLY B 251 -16.79 -19.16 9.16
C GLY B 251 -15.62 -19.70 8.38
N LEU B 252 -15.31 -20.97 8.53
CA LEU B 252 -14.16 -21.57 7.88
C LEU B 252 -14.40 -21.71 6.38
N THR B 253 -13.41 -22.28 5.70
CA THR B 253 -13.40 -22.43 4.24
C THR B 253 -13.20 -23.91 3.92
N PRO B 254 -14.27 -24.70 3.88
CA PRO B 254 -14.12 -26.12 3.56
C PRO B 254 -14.22 -26.38 2.07
N ASN B 255 -13.94 -27.63 1.71
CA ASN B 255 -13.92 -28.10 0.33
C ASN B 255 -14.88 -29.27 0.23
N PHE B 256 -15.95 -29.09 -0.54
CA PHE B 256 -17.02 -30.07 -0.65
C PHE B 256 -16.85 -31.01 -1.83
N LYS B 257 -15.77 -30.89 -2.60
CA LYS B 257 -15.65 -31.67 -3.82
C LYS B 257 -15.55 -33.16 -3.51
N SER B 258 -14.78 -33.52 -2.49
CA SER B 258 -14.58 -34.93 -2.18
C SER B 258 -15.82 -35.57 -1.53
N ASN B 259 -16.73 -34.76 -0.97
CA ASN B 259 -18.01 -35.31 -0.54
C ASN B 259 -18.85 -35.73 -1.74
N PHE B 260 -18.86 -34.92 -2.79
CA PHE B 260 -19.74 -35.09 -3.94
C PHE B 260 -19.09 -35.72 -5.15
N ASP B 261 -17.83 -36.13 -5.08
CA ASP B 261 -17.14 -36.76 -6.21
C ASP B 261 -16.91 -35.77 -7.35
N LEU B 262 -16.59 -34.52 -7.00
CA LEU B 262 -16.31 -33.49 -7.99
C LEU B 262 -14.81 -33.44 -8.27
N ALA B 263 -14.45 -33.39 -9.55
CA ALA B 263 -13.05 -33.20 -9.95
C ALA B 263 -12.61 -31.74 -9.85
N GLU B 264 -13.54 -30.82 -9.58
CA GLU B 264 -13.25 -29.40 -9.51
C GLU B 264 -13.43 -28.92 -8.08
N ASP B 265 -12.45 -28.19 -7.56
CA ASP B 265 -12.51 -27.75 -6.17
C ASP B 265 -13.80 -27.00 -5.91
N ALA B 266 -14.55 -27.48 -4.93
CA ALA B 266 -15.70 -26.75 -4.43
C ALA B 266 -15.35 -26.30 -3.01
N LYS B 267 -15.08 -25.02 -2.86
CA LYS B 267 -14.68 -24.45 -1.58
C LYS B 267 -15.58 -23.28 -1.25
N LEU B 268 -16.18 -23.29 -0.06
CA LEU B 268 -17.08 -22.21 0.31
C LEU B 268 -16.56 -21.48 1.53
N GLN B 269 -16.21 -20.21 1.34
CA GLN B 269 -15.92 -19.29 2.43
C GLN B 269 -17.13 -18.38 2.57
N LEU B 270 -17.77 -18.41 3.74
CA LEU B 270 -19.06 -17.72 3.86
C LEU B 270 -18.90 -16.21 3.76
N SER B 271 -17.72 -15.68 4.08
CA SER B 271 -17.54 -14.24 4.05
C SER B 271 -17.51 -13.72 2.61
N LYS B 272 -16.76 -14.39 1.73
CA LYS B 272 -16.51 -13.86 0.40
C LYS B 272 -17.82 -13.56 -0.33
N ASP B 273 -17.88 -12.39 -0.97
CA ASP B 273 -19.07 -11.98 -1.71
C ASP B 273 -19.49 -13.01 -2.75
N THR B 274 -18.56 -13.84 -3.20
CA THR B 274 -18.81 -14.79 -4.27
C THR B 274 -19.64 -15.99 -3.82
N TYR B 275 -19.93 -16.12 -2.53
CA TYR B 275 -20.57 -17.33 -2.01
C TYR B 275 -21.74 -17.74 -2.90
N ASP B 276 -22.79 -16.92 -2.97
CA ASP B 276 -24.01 -17.35 -3.65
C ASP B 276 -23.73 -17.89 -5.05
N ASP B 277 -22.65 -17.43 -5.70
CA ASP B 277 -22.30 -17.96 -7.02
C ASP B 277 -21.52 -19.27 -6.90
N ASP B 278 -20.63 -19.39 -5.93
CA ASP B 278 -19.94 -20.66 -5.71
C ASP B 278 -20.95 -21.75 -5.30
N LEU B 279 -21.93 -21.38 -4.49
CA LEU B 279 -23.05 -22.26 -4.22
C LEU B 279 -23.83 -22.52 -5.49
N ASP B 280 -24.09 -21.47 -6.29
CA ASP B 280 -24.86 -21.67 -7.51
C ASP B 280 -24.22 -22.71 -8.42
N ASN B 281 -22.90 -22.68 -8.61
CA ASN B 281 -22.27 -23.64 -9.52
C ASN B 281 -22.12 -25.02 -8.87
N LEU B 282 -21.61 -25.09 -7.63
CA LEU B 282 -21.53 -26.39 -6.97
C LEU B 282 -22.90 -27.07 -6.95
N LEU B 283 -23.90 -26.37 -6.43
CA LEU B 283 -25.29 -26.80 -6.48
C LEU B 283 -25.64 -27.26 -7.88
N ALA B 284 -25.22 -26.48 -8.88
CA ALA B 284 -25.54 -26.81 -10.26
C ALA B 284 -25.08 -28.23 -10.59
N GLN B 285 -23.91 -28.63 -10.12
CA GLN B 285 -23.46 -30.00 -10.37
C GLN B 285 -24.23 -31.00 -9.52
N ILE B 286 -24.25 -30.79 -8.19
CA ILE B 286 -24.71 -31.85 -7.29
C ILE B 286 -26.21 -31.94 -7.17
N GLY B 287 -26.97 -31.10 -7.87
CA GLY B 287 -28.41 -31.04 -7.71
C GLY B 287 -28.83 -29.98 -6.72
N ASP B 288 -30.08 -29.56 -6.84
CA ASP B 288 -30.62 -28.49 -6.01
C ASP B 288 -31.38 -29.00 -4.78
N GLN B 289 -31.53 -30.31 -4.62
CA GLN B 289 -32.06 -30.80 -3.36
C GLN B 289 -31.11 -30.50 -2.19
N TYR B 290 -29.90 -30.04 -2.48
CA TYR B 290 -28.91 -29.71 -1.46
C TYR B 290 -28.87 -28.23 -1.08
N ALA B 291 -29.78 -27.41 -1.62
CA ALA B 291 -29.76 -25.97 -1.31
C ALA B 291 -30.25 -25.72 0.12
N ASP B 292 -31.29 -26.45 0.55
CA ASP B 292 -31.74 -26.38 1.94
C ASP B 292 -30.56 -26.45 2.88
N LEU B 293 -29.69 -27.43 2.67
CA LEU B 293 -28.59 -27.70 3.58
C LEU B 293 -27.67 -26.49 3.72
N PHE B 294 -27.27 -25.92 2.59
CA PHE B 294 -26.29 -24.84 2.64
C PHE B 294 -26.88 -23.56 3.20
N LEU B 295 -28.15 -23.27 2.92
CA LEU B 295 -28.79 -22.15 3.60
C LEU B 295 -28.83 -22.39 5.11
N ALA B 296 -29.16 -23.62 5.53
CA ALA B 296 -29.11 -23.96 6.94
C ALA B 296 -27.75 -23.61 7.54
N ALA B 297 -26.68 -24.08 6.88
CA ALA B 297 -25.32 -23.75 7.34
C ALA B 297 -25.13 -22.25 7.46
N LYS B 298 -25.73 -21.46 6.55
CA LYS B 298 -25.57 -20.01 6.63
C LYS B 298 -26.26 -19.46 7.88
N ASN B 299 -27.49 -19.90 8.15
CA ASN B 299 -28.16 -19.47 9.39
C ASN B 299 -27.28 -19.75 10.60
N LEU B 300 -26.85 -21.00 10.74
CA LEU B 300 -26.01 -21.36 11.87
C LEU B 300 -24.76 -20.48 11.93
N SER B 301 -24.24 -20.07 10.76
CA SER B 301 -23.13 -19.12 10.76
C SER B 301 -23.53 -17.80 11.41
N ASP B 302 -24.69 -17.26 11.04
CA ASP B 302 -25.12 -16.00 11.62
C ASP B 302 -25.20 -16.10 13.14
N ALA B 303 -25.88 -17.13 13.65
CA ALA B 303 -26.07 -17.22 15.09
C ALA B 303 -24.73 -17.45 15.81
N ILE B 304 -23.85 -18.26 15.22
CA ILE B 304 -22.53 -18.48 15.84
C ILE B 304 -21.75 -17.17 15.89
N LEU B 305 -21.86 -16.35 14.84
CA LEU B 305 -21.17 -15.07 14.84
C LEU B 305 -21.71 -14.15 15.94
N LEU B 306 -23.04 -14.14 16.12
CA LEU B 306 -23.60 -13.35 17.21
C LEU B 306 -23.17 -13.88 18.58
N SER B 307 -22.96 -15.19 18.70
CA SER B 307 -22.63 -15.75 20.01
C SER B 307 -21.30 -15.23 20.55
N ASP B 308 -20.46 -14.66 19.69
CA ASP B 308 -19.23 -14.04 20.17
C ASP B 308 -19.55 -12.85 21.08
N ILE B 309 -20.46 -11.98 20.65
CA ILE B 309 -20.71 -10.73 21.37
C ILE B 309 -21.69 -10.91 22.52
N LEU B 310 -22.80 -11.63 22.31
CA LEU B 310 -23.96 -11.45 23.19
C LEU B 310 -23.84 -12.18 24.51
N ARG B 311 -23.38 -13.42 24.51
CA ARG B 311 -22.95 -14.11 25.73
C ARG B 311 -24.05 -14.14 26.80
N VAL B 312 -25.31 -14.00 26.43
CA VAL B 312 -26.41 -13.97 27.40
C VAL B 312 -27.66 -14.54 26.74
N ASN B 313 -28.49 -15.18 27.55
CA ASN B 313 -29.75 -15.72 27.06
C ASN B 313 -30.73 -14.57 26.78
N THR B 314 -31.28 -14.56 25.56
CA THR B 314 -32.14 -13.47 25.13
C THR B 314 -33.49 -13.45 25.83
N GLU B 315 -33.79 -14.46 26.65
CA GLU B 315 -35.08 -14.50 27.34
C GLU B 315 -35.15 -13.50 28.48
N ILE B 316 -34.01 -13.15 29.07
CA ILE B 316 -34.03 -12.25 30.23
C ILE B 316 -34.26 -10.80 29.81
N THR B 317 -33.81 -10.40 28.62
CA THR B 317 -33.71 -8.99 28.29
C THR B 317 -33.87 -8.79 26.79
N LYS B 318 -34.25 -7.56 26.42
CA LYS B 318 -34.16 -7.10 25.03
C LYS B 318 -32.81 -6.46 24.73
N ALA B 319 -31.88 -6.46 25.69
CA ALA B 319 -30.60 -5.76 25.56
C ALA B 319 -29.46 -6.72 25.83
N PRO B 320 -29.29 -7.75 24.98
CA PRO B 320 -28.23 -8.73 25.25
C PRO B 320 -26.83 -8.12 25.24
N LEU B 321 -26.58 -7.07 24.45
CA LEU B 321 -25.25 -6.46 24.48
C LEU B 321 -25.00 -5.79 25.83
N SER B 322 -25.86 -4.84 26.21
CA SER B 322 -25.68 -4.18 27.50
C SER B 322 -25.61 -5.20 28.62
N ALA B 323 -26.38 -6.27 28.50
CA ALA B 323 -26.38 -7.31 29.53
C ALA B 323 -25.04 -8.03 29.58
N SER B 324 -24.41 -8.25 28.42
CA SER B 324 -23.11 -8.91 28.44
C SER B 324 -22.00 -7.98 28.91
N MET B 325 -22.16 -6.68 28.70
CA MET B 325 -21.23 -5.74 29.31
C MET B 325 -21.38 -5.73 30.83
N ILE B 326 -22.62 -5.67 31.30
CA ILE B 326 -22.89 -5.81 32.73
C ILE B 326 -22.29 -7.11 33.26
N LYS B 327 -22.32 -8.17 32.44
CA LYS B 327 -21.69 -9.42 32.83
C LYS B 327 -20.19 -9.25 33.00
N ARG B 328 -19.53 -8.66 31.99
CA ARG B 328 -18.12 -8.32 32.13
C ARG B 328 -17.89 -7.59 33.45
N TYR B 329 -18.78 -6.66 33.80
CA TYR B 329 -18.61 -5.87 35.01
C TYR B 329 -18.72 -6.74 36.26
N ASP B 330 -19.75 -7.57 36.34
CA ASP B 330 -19.96 -8.38 37.53
C ASP B 330 -18.81 -9.36 37.74
N GLU B 331 -18.35 -10.01 36.67
CA GLU B 331 -17.25 -10.95 36.84
C GLU B 331 -15.95 -10.21 37.14
N HIS B 332 -15.81 -8.99 36.61
CA HIS B 332 -14.70 -8.13 37.00
C HIS B 332 -14.73 -7.87 38.51
N HIS B 333 -15.91 -7.60 39.06
CA HIS B 333 -16.05 -7.28 40.47
C HIS B 333 -15.79 -8.51 41.35
N GLN B 334 -16.48 -9.62 41.06
CA GLN B 334 -16.27 -10.84 41.83
C GLN B 334 -14.81 -11.27 41.78
N ASP B 335 -14.26 -11.38 40.57
CA ASP B 335 -12.88 -11.82 40.42
C ASP B 335 -11.91 -10.85 41.05
N LEU B 336 -12.27 -9.56 41.14
CA LEU B 336 -11.36 -8.60 41.78
C LEU B 336 -11.39 -8.76 43.29
N THR B 337 -12.59 -8.86 43.88
CA THR B 337 -12.69 -9.17 45.30
C THR B 337 -11.86 -10.40 45.64
N LEU B 338 -12.11 -11.50 44.90
CA LEU B 338 -11.36 -12.72 45.10
C LEU B 338 -9.85 -12.46 45.02
N LEU B 339 -9.38 -11.97 43.87
CA LEU B 339 -7.95 -11.76 43.67
C LEU B 339 -7.34 -10.97 44.82
N LYS B 340 -7.97 -9.85 45.21
CA LYS B 340 -7.47 -9.08 46.34
C LYS B 340 -7.33 -9.95 47.58
N ALA B 341 -8.37 -10.73 47.90
CA ALA B 341 -8.27 -11.65 49.03
C ALA B 341 -7.06 -12.57 48.90
N LEU B 342 -6.94 -13.23 47.74
CA LEU B 342 -5.86 -14.18 47.52
C LEU B 342 -4.50 -13.54 47.75
N VAL B 343 -4.30 -12.32 47.26
CA VAL B 343 -3.00 -11.68 47.42
C VAL B 343 -2.78 -11.28 48.87
N ARG B 344 -3.84 -10.83 49.55
CA ARG B 344 -3.77 -10.64 51.00
C ARG B 344 -3.19 -11.88 51.68
N GLN B 345 -3.89 -13.02 51.54
CA GLN B 345 -3.46 -14.26 52.15
C GLN B 345 -2.03 -14.63 51.77
N GLN B 346 -1.83 -14.95 50.48
CA GLN B 346 -0.63 -15.67 50.06
C GLN B 346 0.57 -14.75 49.84
N LEU B 347 0.39 -13.60 49.21
CA LEU B 347 1.50 -12.72 48.81
C LEU B 347 1.21 -11.29 49.25
N PRO B 348 1.06 -11.05 50.56
CA PRO B 348 0.77 -9.67 50.99
C PRO B 348 1.85 -8.68 50.60
N GLU B 349 3.12 -9.08 50.65
CA GLU B 349 4.22 -8.20 50.26
C GLU B 349 3.95 -7.55 48.90
N LYS B 350 3.47 -8.33 47.93
CA LYS B 350 3.29 -7.85 46.57
C LYS B 350 1.97 -7.09 46.37
N TYR B 351 1.17 -6.90 47.41
CA TYR B 351 -0.10 -6.21 47.24
C TYR B 351 0.12 -4.79 46.73
N LYS B 352 1.00 -4.04 47.40
CA LYS B 352 1.26 -2.66 47.01
C LYS B 352 1.45 -2.58 45.51
N GLU B 353 2.55 -3.16 45.02
CA GLU B 353 2.92 -3.08 43.61
C GLU B 353 1.71 -3.32 42.71
N ILE B 354 0.86 -4.27 43.10
CA ILE B 354 -0.21 -4.69 42.23
C ILE B 354 -1.31 -3.63 42.16
N PHE B 355 -1.82 -3.22 43.33
CA PHE B 355 -3.05 -2.44 43.37
C PHE B 355 -2.83 -0.94 43.57
N PHE B 356 -1.58 -0.49 43.64
CA PHE B 356 -1.29 0.91 43.94
C PHE B 356 -0.36 1.52 42.90
N ASP B 357 0.82 0.94 42.72
CA ASP B 357 1.82 1.56 41.84
C ASP B 357 1.30 1.57 40.40
N GLN B 358 1.21 2.77 39.83
CA GLN B 358 0.65 2.95 38.49
C GLN B 358 1.60 2.55 37.39
N SER B 359 2.88 2.39 37.69
CA SER B 359 3.91 2.16 36.69
C SER B 359 4.20 0.69 36.45
N LYS B 360 3.55 -0.22 37.18
CA LYS B 360 3.99 -1.61 37.23
C LYS B 360 3.17 -2.57 36.37
N ASN B 361 2.15 -2.11 35.67
CA ASN B 361 1.32 -2.99 34.85
C ASN B 361 0.57 -4.04 35.69
N GLY B 362 0.37 -3.76 36.97
CA GLY B 362 -0.55 -4.55 37.78
C GLY B 362 -1.96 -4.07 37.52
N TYR B 363 -2.85 -4.34 38.48
CA TYR B 363 -4.20 -3.83 38.36
C TYR B 363 -4.24 -2.31 38.43
N ALA B 364 -3.31 -1.69 39.17
CA ALA B 364 -3.26 -0.24 39.24
C ALA B 364 -2.75 0.37 37.94
N GLY B 365 -1.67 -0.19 37.37
CA GLY B 365 -1.25 0.25 36.06
C GLY B 365 -2.31 -0.02 35.01
N TYR B 366 -3.16 -1.02 35.25
CA TYR B 366 -4.20 -1.38 34.30
C TYR B 366 -5.34 -0.38 34.32
N ILE B 367 -5.84 -0.03 35.51
CA ILE B 367 -6.95 0.92 35.61
C ILE B 367 -6.46 2.35 35.44
N ASP B 368 -5.46 2.74 36.24
CA ASP B 368 -5.01 4.12 36.30
C ASP B 368 -3.80 4.45 35.42
N GLY B 369 -3.12 3.44 34.86
CA GLY B 369 -1.89 3.65 34.14
C GLY B 369 -2.05 3.48 32.64
N GLY B 370 -0.93 3.20 31.99
CA GLY B 370 -0.92 3.02 30.54
C GLY B 370 -0.80 1.57 30.09
N ALA B 371 -1.08 0.63 31.00
CA ALA B 371 -0.93 -0.78 30.68
C ALA B 371 -2.20 -1.31 30.03
N SER B 372 -2.04 -2.09 28.96
CA SER B 372 -3.15 -2.63 28.23
C SER B 372 -3.69 -3.90 28.91
N GLN B 373 -4.77 -4.45 28.36
CA GLN B 373 -5.26 -5.74 28.83
C GLN B 373 -4.20 -6.82 28.64
N GLU B 374 -3.54 -6.81 27.48
CA GLU B 374 -2.52 -7.80 27.19
C GLU B 374 -1.33 -7.68 28.14
N GLU B 375 -0.90 -6.44 28.41
CA GLU B 375 0.25 -6.24 29.28
C GLU B 375 -0.08 -6.58 30.73
N PHE B 376 -1.30 -6.25 31.17
CA PHE B 376 -1.73 -6.61 32.51
C PHE B 376 -1.79 -8.13 32.67
N TYR B 377 -2.52 -8.80 31.77
CA TYR B 377 -2.53 -10.27 31.77
C TYR B 377 -1.12 -10.83 31.83
N LYS B 378 -0.23 -10.34 30.95
CA LYS B 378 1.15 -10.81 30.93
C LYS B 378 1.83 -10.57 32.27
N PHE B 379 1.45 -9.51 32.98
CA PHE B 379 2.09 -9.21 34.26
C PHE B 379 1.63 -10.17 35.34
N ILE B 380 0.33 -10.47 35.40
CA ILE B 380 -0.20 -11.28 36.51
C ILE B 380 -0.27 -12.77 36.23
N LYS B 381 -0.01 -13.23 35.00
CA LYS B 381 0.03 -14.66 34.72
C LYS B 381 0.86 -15.37 35.77
N PRO B 382 2.14 -15.00 35.95
CA PRO B 382 2.95 -15.68 36.95
C PRO B 382 2.44 -15.48 38.36
N ILE B 383 1.78 -14.35 38.63
CA ILE B 383 1.27 -14.15 39.98
C ILE B 383 0.06 -15.04 40.24
N LEU B 384 -0.71 -15.38 39.21
CA LEU B 384 -1.81 -16.32 39.41
C LEU B 384 -1.29 -17.75 39.51
N GLU B 385 -0.51 -18.21 38.54
CA GLU B 385 -0.19 -19.63 38.52
C GLU B 385 0.81 -20.04 39.61
N LYS B 386 1.42 -19.07 40.30
CA LYS B 386 2.28 -19.36 41.45
C LYS B 386 1.53 -19.26 42.78
N MET B 387 0.21 -19.05 42.75
CA MET B 387 -0.63 -19.04 43.94
C MET B 387 -1.56 -20.24 43.93
N ASP B 388 -2.42 -20.30 44.94
CA ASP B 388 -3.49 -21.30 45.01
C ASP B 388 -4.81 -20.65 45.41
N THR B 390 -7.53 -19.82 42.48
CA THR B 390 -6.82 -19.11 41.43
C THR B 390 -6.98 -19.81 40.07
N GLU B 391 -7.31 -21.10 40.12
CA GLU B 391 -7.36 -21.90 38.90
C GLU B 391 -8.29 -21.27 37.86
N GLU B 392 -9.49 -20.88 38.29
CA GLU B 392 -10.46 -20.36 37.34
C GLU B 392 -10.04 -19.00 36.79
N LEU B 393 -9.38 -18.17 37.61
CA LEU B 393 -8.89 -16.89 37.11
C LEU B 393 -7.95 -17.10 35.92
N LEU B 394 -7.11 -18.13 35.99
CA LEU B 394 -6.29 -18.50 34.84
C LEU B 394 -7.16 -18.93 33.67
N VAL B 395 -8.17 -19.78 33.94
CA VAL B 395 -9.10 -20.16 32.86
C VAL B 395 -9.63 -18.91 32.16
N LYS B 396 -10.05 -17.91 32.93
CA LYS B 396 -10.54 -16.67 32.35
C LYS B 396 -9.44 -15.91 31.62
N LEU B 397 -8.19 -16.11 32.03
CA LEU B 397 -7.09 -15.38 31.40
C LEU B 397 -6.80 -15.93 30.01
N ASN B 398 -6.86 -17.26 29.82
CA ASN B 398 -6.67 -17.78 28.47
C ASN B 398 -7.89 -17.55 27.59
N ARG B 399 -9.08 -17.60 28.16
CA ARG B 399 -10.26 -17.05 27.52
C ARG B 399 -10.17 -15.54 27.32
N GLU B 400 -9.13 -14.89 27.84
CA GLU B 400 -8.97 -13.43 27.76
C GLU B 400 -10.19 -12.72 28.36
N ASP B 401 -10.87 -13.42 29.26
CA ASP B 401 -12.10 -12.98 29.89
C ASP B 401 -11.91 -12.43 31.30
N LEU B 402 -10.66 -12.23 31.76
CA LEU B 402 -10.39 -12.22 33.19
C LEU B 402 -10.95 -10.99 33.91
N LEU B 403 -10.33 -9.82 33.75
CA LEU B 403 -10.90 -8.59 34.28
C LEU B 403 -11.04 -7.65 33.09
N ARG B 404 -12.25 -7.52 32.59
CA ARG B 404 -12.49 -6.91 31.29
C ARG B 404 -13.20 -5.59 31.49
N LYS B 405 -12.67 -4.54 30.87
CA LYS B 405 -13.43 -3.30 30.83
C LYS B 405 -14.56 -3.48 29.83
N GLN B 406 -15.46 -2.50 29.78
CA GLN B 406 -16.56 -2.57 28.82
C GLN B 406 -16.24 -1.83 27.54
N ARG B 407 -15.19 -1.01 27.53
CA ARG B 407 -14.76 -0.28 26.35
C ARG B 407 -13.40 -0.84 25.96
N THR B 408 -13.35 -1.53 24.83
CA THR B 408 -12.26 -2.45 24.56
C THR B 408 -11.96 -2.49 23.07
N PHE B 409 -10.71 -2.84 22.77
CA PHE B 409 -10.23 -2.93 21.39
C PHE B 409 -11.05 -3.89 20.54
N ASP B 410 -11.67 -4.90 21.16
CA ASP B 410 -12.35 -5.95 20.41
C ASP B 410 -13.82 -5.66 20.14
N ASN B 411 -14.34 -4.52 20.58
CA ASN B 411 -15.75 -4.21 20.36
C ASN B 411 -16.06 -3.86 18.91
N GLY B 412 -15.06 -3.79 18.04
CA GLY B 412 -15.31 -3.51 16.63
C GLY B 412 -16.12 -4.56 15.90
N SER B 413 -16.43 -5.67 16.56
CA SER B 413 -17.31 -6.68 15.96
C SER B 413 -18.77 -6.24 15.95
N ILE B 414 -19.13 -5.28 16.79
CA ILE B 414 -20.53 -4.99 17.10
C ILE B 414 -21.20 -4.35 15.88
N PRO B 415 -22.19 -5.01 15.27
CA PRO B 415 -22.96 -4.34 14.21
C PRO B 415 -23.80 -3.22 14.79
N HIS B 416 -24.09 -2.22 13.95
CA HIS B 416 -24.95 -1.13 14.40
C HIS B 416 -26.38 -1.61 14.64
N GLN B 417 -26.74 -2.79 14.14
CA GLN B 417 -28.11 -3.26 14.29
C GLN B 417 -28.45 -3.58 15.74
N ILE B 418 -27.47 -3.97 16.56
CA ILE B 418 -27.76 -4.29 17.94
C ILE B 418 -27.93 -3.01 18.77
N HIS B 419 -27.01 -2.07 18.62
CA HIS B 419 -27.19 -0.76 19.23
C HIS B 419 -28.51 -0.17 18.80
N LEU B 420 -28.92 -0.44 17.56
CA LEU B 420 -30.22 0.01 17.09
C LEU B 420 -31.34 -0.72 17.81
N GLY B 421 -31.20 -2.03 18.02
CA GLY B 421 -32.21 -2.75 18.78
C GLY B 421 -32.46 -2.09 20.11
N GLU B 422 -31.39 -1.77 20.84
CA GLU B 422 -31.55 -1.14 22.14
C GLU B 422 -32.15 0.27 22.01
N LEU B 423 -31.65 1.07 21.06
CA LEU B 423 -32.20 2.41 20.85
C LEU B 423 -33.70 2.36 20.59
N HIS B 424 -34.12 1.43 19.74
CA HIS B 424 -35.53 1.31 19.38
C HIS B 424 -36.35 0.88 20.58
N ALA B 425 -35.84 -0.08 21.36
CA ALA B 425 -36.53 -0.50 22.57
C ALA B 425 -36.76 0.69 23.50
N ILE B 426 -35.70 1.47 23.74
CA ILE B 426 -35.82 2.62 24.65
C ILE B 426 -36.85 3.61 24.13
N LEU B 427 -36.78 3.93 22.83
CA LEU B 427 -37.75 4.87 22.27
C LEU B 427 -39.18 4.35 22.44
N ARG B 428 -39.40 3.04 22.24
CA ARG B 428 -40.73 2.48 22.43
C ARG B 428 -41.18 2.60 23.89
N ARG B 429 -40.28 2.28 24.83
CA ARG B 429 -40.61 2.39 26.24
C ARG B 429 -41.04 3.80 26.59
N GLN B 430 -40.19 4.79 26.30
CA GLN B 430 -40.38 6.12 26.82
C GLN B 430 -41.21 7.04 25.92
N GLU B 431 -41.51 6.63 24.68
CA GLU B 431 -42.42 7.43 23.88
C GLU B 431 -43.83 7.44 24.46
N ASP B 432 -44.17 6.45 25.30
CA ASP B 432 -45.48 6.45 25.94
C ASP B 432 -45.62 7.64 26.88
N PHE B 433 -44.55 7.96 27.62
CA PHE B 433 -44.55 9.07 28.55
C PHE B 433 -44.22 10.41 27.90
N TYR B 434 -43.38 10.43 26.88
CA TYR B 434 -42.93 11.67 26.26
C TYR B 434 -43.43 11.76 24.82
N PRO B 435 -44.42 12.62 24.51
CA PRO B 435 -44.95 12.66 23.13
C PRO B 435 -43.91 12.94 22.06
N PHE B 436 -42.97 13.86 22.33
CA PHE B 436 -42.02 14.26 21.29
C PHE B 436 -41.13 13.09 20.89
N LEU B 437 -40.93 12.11 21.78
CA LEU B 437 -40.21 10.91 21.40
C LEU B 437 -41.00 10.09 20.39
N LYS B 438 -42.31 10.00 20.56
CA LYS B 438 -43.13 9.33 19.56
C LYS B 438 -43.03 10.05 18.22
N ASP B 439 -43.26 11.35 18.22
CA ASP B 439 -43.23 12.08 16.95
C ASP B 439 -41.86 11.97 16.28
N ASN B 440 -40.79 11.99 17.06
CA ASN B 440 -39.42 11.98 16.55
C ASN B 440 -38.74 10.61 16.59
N ARG B 441 -39.43 9.55 16.99
CA ARG B 441 -38.77 8.25 17.11
C ARG B 441 -37.99 7.90 15.86
N GLU B 442 -38.63 8.02 14.70
CA GLU B 442 -38.02 7.58 13.44
C GLU B 442 -36.83 8.46 13.08
N LYS B 443 -36.95 9.78 13.23
CA LYS B 443 -35.81 10.66 13.03
C LYS B 443 -34.60 10.16 13.79
N ILE B 444 -34.78 9.86 15.08
CA ILE B 444 -33.66 9.49 15.93
C ILE B 444 -33.05 8.17 15.46
N GLU B 445 -33.89 7.17 15.25
CA GLU B 445 -33.40 5.92 14.69
C GLU B 445 -32.57 6.17 13.43
N LYS B 446 -33.00 7.12 12.61
CA LYS B 446 -32.30 7.39 11.37
C LYS B 446 -31.01 8.16 11.60
N ILE B 447 -30.92 8.94 12.69
CA ILE B 447 -29.62 9.49 13.08
C ILE B 447 -28.63 8.36 13.30
N LEU B 448 -29.04 7.34 14.06
CA LEU B 448 -28.10 6.22 14.25
C LEU B 448 -27.86 5.49 12.94
N THR B 449 -28.90 5.35 12.13
CA THR B 449 -28.89 4.43 11.00
C THR B 449 -28.23 5.03 9.76
N PHE B 450 -28.39 6.32 9.54
CA PHE B 450 -28.05 6.89 8.25
C PHE B 450 -26.54 7.00 8.09
N ARG B 451 -26.11 6.82 6.84
CA ARG B 451 -24.71 6.80 6.47
C ARG B 451 -24.59 7.44 5.10
N ILE B 452 -23.65 8.34 4.91
CA ILE B 452 -23.48 8.87 3.55
C ILE B 452 -22.93 7.75 2.68
N PRO B 453 -23.55 7.45 1.53
CA PRO B 453 -23.01 6.39 0.67
C PRO B 453 -21.64 6.77 0.16
N TYR B 454 -20.74 5.77 0.10
CA TYR B 454 -19.39 6.04 -0.39
C TYR B 454 -19.43 6.58 -1.82
N TYR B 455 -20.46 6.22 -2.59
CA TYR B 455 -20.56 6.70 -3.96
C TYR B 455 -21.11 8.12 -4.04
N VAL B 456 -21.64 8.66 -2.93
CA VAL B 456 -22.05 10.06 -2.91
C VAL B 456 -20.86 10.98 -2.66
N GLY B 457 -20.05 10.68 -1.65
CA GLY B 457 -18.93 11.51 -1.30
C GLY B 457 -19.32 12.67 -0.41
N PRO B 458 -18.35 13.54 -0.09
CA PRO B 458 -18.65 14.70 0.76
C PRO B 458 -19.85 15.47 0.25
N LEU B 459 -20.63 16.01 1.19
CA LEU B 459 -21.83 16.76 0.84
C LEU B 459 -21.40 18.21 0.80
N ALA B 460 -21.10 18.70 -0.39
CA ALA B 460 -20.35 19.93 -0.56
C ALA B 460 -21.14 20.90 -1.42
N ARG B 461 -20.90 22.19 -1.21
CA ARG B 461 -21.37 23.22 -2.12
C ARG B 461 -20.14 23.92 -2.70
N GLY B 462 -19.67 23.43 -3.85
CA GLY B 462 -18.70 24.12 -4.68
C GLY B 462 -17.27 24.23 -4.17
N ASN B 463 -17.06 24.04 -2.86
CA ASN B 463 -15.79 24.35 -2.24
C ASN B 463 -14.91 23.14 -1.93
N SER B 464 -15.32 21.93 -2.33
CA SER B 464 -14.51 20.73 -2.10
C SER B 464 -13.91 20.26 -3.42
N ARG B 465 -12.59 20.30 -3.51
CA ARG B 465 -11.89 19.68 -4.62
C ARG B 465 -12.20 18.19 -4.71
N PHE B 466 -12.62 17.58 -3.60
CA PHE B 466 -12.82 16.13 -3.54
C PHE B 466 -14.24 15.68 -3.90
N ALA B 467 -15.20 16.59 -4.01
CA ALA B 467 -16.63 16.22 -4.05
C ALA B 467 -17.16 16.21 -5.47
N TRP B 468 -17.85 15.12 -5.83
CA TRP B 468 -18.57 15.01 -7.10
C TRP B 468 -20.09 15.11 -7.01
N MET B 469 -20.67 15.19 -5.81
CA MET B 469 -22.09 14.86 -5.71
C MET B 469 -22.95 16.02 -6.22
N THR B 470 -24.11 15.66 -6.79
CA THR B 470 -25.05 16.60 -7.35
C THR B 470 -26.31 16.65 -6.49
N ARG B 471 -26.97 17.80 -6.50
CA ARG B 471 -28.13 18.04 -5.66
C ARG B 471 -29.39 18.03 -6.50
N LYS B 472 -30.42 17.33 -6.00
CA LYS B 472 -31.75 17.36 -6.57
C LYS B 472 -32.54 18.59 -6.15
N SER B 473 -32.14 19.22 -5.05
CA SER B 473 -32.81 20.39 -4.51
C SER B 473 -31.78 21.14 -3.67
N GLU B 474 -32.07 22.40 -3.39
CA GLU B 474 -31.08 23.27 -2.74
C GLU B 474 -31.20 23.30 -1.22
N GLU B 475 -32.06 22.47 -0.63
CA GLU B 475 -32.13 22.39 0.83
C GLU B 475 -30.77 22.02 1.41
N THR B 476 -30.53 22.49 2.64
CA THR B 476 -29.46 21.91 3.44
C THR B 476 -29.77 20.45 3.71
N ILE B 477 -28.77 19.60 3.55
CA ILE B 477 -28.99 18.16 3.58
C ILE B 477 -28.93 17.67 5.03
N THR B 478 -29.84 16.75 5.35
CA THR B 478 -29.98 16.15 6.66
C THR B 478 -30.15 14.65 6.45
N PRO B 479 -30.00 13.82 7.49
CA PRO B 479 -30.24 12.38 7.30
C PRO B 479 -31.67 12.08 6.86
N TRP B 480 -32.62 12.94 7.21
CA TRP B 480 -34.03 12.69 6.93
C TRP B 480 -34.44 13.09 5.51
N ASN B 481 -33.86 14.16 4.96
CA ASN B 481 -34.18 14.62 3.62
C ASN B 481 -33.19 14.11 2.56
N PHE B 482 -32.25 13.25 2.93
CA PHE B 482 -31.15 12.87 2.04
C PHE B 482 -31.65 12.37 0.69
N GLU B 483 -32.55 11.38 0.70
CA GLU B 483 -33.04 10.81 -0.56
C GLU B 483 -33.69 11.86 -1.43
N GLU B 484 -34.36 12.84 -0.83
CA GLU B 484 -35.08 13.84 -1.59
C GLU B 484 -34.14 14.94 -2.10
N VAL B 485 -33.19 15.38 -1.27
CA VAL B 485 -32.36 16.53 -1.62
C VAL B 485 -31.18 16.11 -2.49
N VAL B 486 -30.55 14.97 -2.18
CA VAL B 486 -29.38 14.53 -2.94
C VAL B 486 -29.83 13.69 -4.11
N ASP B 487 -29.17 13.85 -5.25
CA ASP B 487 -29.46 13.04 -6.44
C ASP B 487 -28.52 11.85 -6.36
N LYS B 488 -29.08 10.69 -6.00
CA LYS B 488 -28.24 9.54 -5.71
C LYS B 488 -27.81 8.82 -6.97
N GLY B 489 -28.69 8.72 -7.97
CA GLY B 489 -28.32 8.07 -9.21
C GLY B 489 -27.23 8.85 -9.95
N ALA B 490 -27.42 10.16 -10.06
CA ALA B 490 -26.40 10.99 -10.70
C ALA B 490 -25.09 10.93 -9.91
N SER B 491 -25.17 11.03 -8.59
CA SER B 491 -23.95 10.99 -7.77
C SER B 491 -23.22 9.66 -7.93
N ALA B 492 -23.95 8.55 -7.77
CA ALA B 492 -23.36 7.23 -7.95
C ALA B 492 -22.75 7.08 -9.34
N GLN B 493 -23.37 7.71 -10.35
CA GLN B 493 -22.87 7.62 -11.71
C GLN B 493 -21.59 8.42 -11.87
N SER B 494 -21.55 9.63 -11.32
CA SER B 494 -20.34 10.46 -11.37
C SER B 494 -19.20 9.80 -10.62
N PHE B 495 -19.51 9.12 -9.51
CA PHE B 495 -18.48 8.42 -8.74
C PHE B 495 -17.61 7.55 -9.66
N ILE B 496 -18.25 6.76 -10.52
CA ILE B 496 -17.48 5.89 -11.41
C ILE B 496 -17.02 6.64 -12.66
N GLU B 497 -17.88 7.45 -13.26
CA GLU B 497 -17.56 8.04 -14.56
C GLU B 497 -16.42 9.06 -14.47
N ARG B 498 -16.23 9.68 -13.30
CA ARG B 498 -15.12 10.62 -13.17
C ARG B 498 -13.77 9.89 -13.11
N MET B 499 -13.76 8.59 -12.80
CA MET B 499 -12.54 7.79 -12.88
C MET B 499 -12.40 6.95 -14.16
N THR B 500 -13.48 6.75 -14.92
CA THR B 500 -13.42 5.78 -16.02
C THR B 500 -12.80 6.38 -17.27
N ASN B 501 -12.14 5.52 -18.05
CA ASN B 501 -11.51 5.95 -19.29
C ASN B 501 -12.54 6.20 -20.37
N PHE B 502 -12.33 7.26 -21.14
CA PHE B 502 -12.94 7.37 -22.46
C PHE B 502 -12.18 6.50 -23.46
N ASP B 503 -12.84 6.20 -24.57
CA ASP B 503 -12.23 5.42 -25.63
C ASP B 503 -11.24 6.30 -26.38
N LYS B 504 -9.97 5.87 -26.42
CA LYS B 504 -8.94 6.71 -27.03
C LYS B 504 -9.18 6.89 -28.53
N ASN B 505 -9.83 5.92 -29.17
CA ASN B 505 -10.14 6.05 -30.60
C ASN B 505 -11.27 7.04 -30.83
N LEU B 506 -12.23 7.11 -29.91
CA LEU B 506 -13.35 8.04 -29.98
C LEU B 506 -13.40 8.76 -28.64
N PRO B 507 -12.52 9.74 -28.42
CA PRO B 507 -12.30 10.27 -27.07
C PRO B 507 -13.54 10.84 -26.40
N ASN B 508 -14.61 11.11 -27.14
CA ASN B 508 -15.84 11.60 -26.54
C ASN B 508 -16.82 10.48 -26.20
N GLU B 509 -16.41 9.22 -26.37
CA GLU B 509 -17.29 8.08 -26.13
C GLU B 509 -16.87 7.34 -24.87
N LYS B 510 -17.86 6.98 -24.05
CA LYS B 510 -17.59 6.20 -22.87
C LYS B 510 -17.26 4.77 -23.25
N VAL B 511 -16.34 4.19 -22.47
CA VAL B 511 -15.97 2.80 -22.66
C VAL B 511 -17.10 1.88 -22.22
N LEU B 512 -17.19 0.71 -22.88
CA LEU B 512 -18.25 -0.26 -22.55
C LEU B 512 -17.91 -1.02 -21.27
N PRO B 513 -18.93 -1.48 -20.54
CA PRO B 513 -18.67 -2.42 -19.44
C PRO B 513 -17.92 -3.64 -19.92
N LYS B 514 -16.98 -4.12 -19.12
CA LYS B 514 -16.21 -5.30 -19.49
C LYS B 514 -17.10 -6.51 -19.72
N HIS B 515 -18.19 -6.62 -18.96
CA HIS B 515 -19.09 -7.76 -19.04
C HIS B 515 -20.29 -7.50 -19.95
N SER B 516 -20.30 -6.36 -20.64
CA SER B 516 -21.29 -6.13 -21.70
C SER B 516 -21.30 -7.28 -22.69
N LEU B 517 -22.52 -7.67 -23.10
CA LEU B 517 -22.66 -8.72 -24.10
C LEU B 517 -21.95 -8.34 -25.40
N LEU B 518 -22.18 -7.14 -25.94
CA LEU B 518 -21.54 -6.76 -27.19
C LEU B 518 -20.04 -6.85 -27.06
N TYR B 519 -19.51 -6.32 -25.95
CA TYR B 519 -18.07 -6.38 -25.74
C TYR B 519 -17.57 -7.81 -25.83
N GLU B 520 -18.35 -8.76 -25.30
CA GLU B 520 -17.91 -10.14 -25.30
C GLU B 520 -18.07 -10.80 -26.67
N TYR B 521 -19.07 -10.41 -27.45
CA TYR B 521 -19.13 -10.83 -28.84
C TYR B 521 -17.91 -10.32 -29.59
N PHE B 522 -17.59 -9.04 -29.40
CA PHE B 522 -16.41 -8.46 -30.04
C PHE B 522 -15.15 -9.22 -29.68
N THR B 523 -14.99 -9.60 -28.41
CA THR B 523 -13.75 -10.26 -28.02
C THR B 523 -13.69 -11.68 -28.58
N VAL B 524 -14.81 -12.41 -28.51
CA VAL B 524 -14.84 -13.77 -29.04
C VAL B 524 -14.58 -13.76 -30.54
N TYR B 525 -15.32 -12.92 -31.27
CA TYR B 525 -15.16 -12.88 -32.72
C TYR B 525 -13.77 -12.38 -33.11
N ASN B 526 -13.24 -11.38 -32.40
CA ASN B 526 -11.90 -10.90 -32.71
C ASN B 526 -10.89 -12.02 -32.58
N GLU B 527 -11.03 -12.86 -31.54
CA GLU B 527 -10.12 -14.00 -31.41
C GLU B 527 -10.38 -15.03 -32.49
N LEU B 528 -11.65 -15.40 -32.68
CA LEU B 528 -12.03 -16.47 -33.62
C LEU B 528 -11.56 -16.15 -35.03
N THR B 529 -11.60 -14.88 -35.41
CA THR B 529 -11.35 -14.48 -36.79
C THR B 529 -9.96 -14.92 -37.26
N LYS B 530 -9.00 -15.05 -36.34
CA LYS B 530 -7.65 -15.46 -36.69
C LYS B 530 -7.36 -16.94 -36.45
N VAL B 531 -8.37 -17.73 -36.05
CA VAL B 531 -8.21 -19.17 -36.07
C VAL B 531 -8.05 -19.64 -37.51
N LYS B 532 -7.20 -20.65 -37.71
CA LYS B 532 -7.00 -21.29 -39.01
C LYS B 532 -6.98 -22.80 -38.83
N TYR B 533 -7.35 -23.52 -39.89
CA TYR B 533 -7.44 -24.97 -39.81
C TYR B 533 -6.93 -25.65 -41.08
N VAL B 534 -6.37 -26.85 -40.93
CA VAL B 534 -6.01 -27.73 -42.03
C VAL B 534 -6.50 -29.13 -41.74
N THR B 535 -6.97 -29.82 -42.77
CA THR B 535 -7.25 -31.25 -42.74
C THR B 535 -6.34 -31.94 -43.76
N GLU B 536 -6.56 -33.25 -43.93
CA GLU B 536 -5.74 -34.02 -44.85
C GLU B 536 -5.81 -33.46 -46.27
N GLY B 537 -7.02 -33.36 -46.81
CA GLY B 537 -7.20 -32.96 -48.20
C GLY B 537 -6.68 -31.58 -48.55
N MET B 538 -7.13 -30.56 -47.83
CA MET B 538 -6.85 -29.19 -48.20
C MET B 538 -5.35 -28.92 -48.24
N ARG B 539 -4.96 -28.01 -49.14
CA ARG B 539 -3.57 -27.71 -49.44
C ARG B 539 -2.97 -26.62 -48.55
N LYS B 540 -3.80 -25.84 -47.85
CA LYS B 540 -3.31 -24.77 -47.00
C LYS B 540 -4.26 -24.60 -45.82
N PRO B 541 -3.78 -24.10 -44.69
CA PRO B 541 -4.72 -23.69 -43.64
C PRO B 541 -5.59 -22.54 -44.11
N ALA B 542 -6.86 -22.59 -43.72
CA ALA B 542 -7.84 -21.58 -44.15
C ALA B 542 -8.48 -20.91 -42.95
N PHE B 543 -8.84 -19.65 -43.13
CA PHE B 543 -9.67 -18.94 -42.16
C PHE B 543 -11.03 -19.61 -42.04
N LEU B 544 -11.66 -19.42 -40.89
CA LEU B 544 -13.09 -19.67 -40.76
C LEU B 544 -13.87 -18.63 -41.56
N SER B 545 -14.91 -19.08 -42.27
CA SER B 545 -15.81 -18.15 -42.92
C SER B 545 -16.80 -17.59 -41.90
N GLY B 546 -17.61 -16.65 -42.35
CA GLY B 546 -18.65 -16.12 -41.48
C GLY B 546 -19.63 -17.20 -41.05
N GLU B 547 -20.02 -18.07 -41.97
CA GLU B 547 -20.93 -19.15 -41.66
C GLU B 547 -20.33 -20.08 -40.60
N GLN B 548 -19.06 -20.43 -40.76
CA GLN B 548 -18.40 -21.32 -39.80
C GLN B 548 -18.30 -20.68 -38.43
N LYS B 549 -18.01 -19.38 -38.38
CA LYS B 549 -17.87 -18.70 -37.09
C LYS B 549 -19.22 -18.61 -36.39
N LYS B 550 -20.25 -18.15 -37.11
CA LYS B 550 -21.60 -18.15 -36.53
C LYS B 550 -21.95 -19.54 -36.02
N ALA B 551 -21.60 -20.58 -36.77
CA ALA B 551 -21.88 -21.95 -36.34
C ALA B 551 -21.17 -22.26 -35.03
N ILE B 552 -19.87 -21.97 -34.96
CA ILE B 552 -19.09 -22.25 -33.76
C ILE B 552 -19.61 -21.45 -32.57
N VAL B 553 -20.12 -20.24 -32.81
CA VAL B 553 -20.62 -19.40 -31.72
C VAL B 553 -21.93 -19.95 -31.19
N ASP B 554 -22.91 -20.16 -32.07
CA ASP B 554 -24.20 -20.67 -31.63
C ASP B 554 -24.06 -22.03 -30.97
N LEU B 555 -23.16 -22.87 -31.51
CA LEU B 555 -23.08 -24.26 -31.06
C LEU B 555 -22.22 -24.41 -29.80
N LEU B 556 -21.10 -23.71 -29.73
CA LEU B 556 -20.14 -23.88 -28.64
C LEU B 556 -20.14 -22.71 -27.68
N PHE B 557 -19.84 -21.50 -28.13
CA PHE B 557 -19.77 -20.36 -27.22
C PHE B 557 -21.11 -20.08 -26.55
N LYS B 558 -22.23 -20.38 -27.21
CA LYS B 558 -23.55 -20.11 -26.63
C LYS B 558 -24.10 -21.29 -25.86
N THR B 559 -23.32 -22.36 -25.71
CA THR B 559 -23.67 -23.53 -24.92
C THR B 559 -22.67 -23.76 -23.80
N ASN B 560 -21.39 -23.88 -24.13
CA ASN B 560 -20.35 -24.07 -23.12
C ASN B 560 -19.76 -22.74 -22.67
N ARG B 561 -19.53 -22.63 -21.35
CA ARG B 561 -19.03 -21.39 -20.76
C ARG B 561 -17.64 -21.06 -21.26
N LYS B 562 -16.79 -22.08 -21.43
CA LYS B 562 -15.48 -21.92 -22.05
C LYS B 562 -15.35 -22.94 -23.17
N VAL B 563 -14.65 -22.56 -24.23
CA VAL B 563 -14.52 -23.38 -25.43
C VAL B 563 -13.07 -23.82 -25.57
N THR B 564 -12.83 -25.12 -25.37
CA THR B 564 -11.52 -25.73 -25.57
C THR B 564 -11.25 -26.02 -27.04
N VAL B 565 -9.97 -26.18 -27.37
CA VAL B 565 -9.61 -26.66 -28.70
C VAL B 565 -10.18 -28.04 -28.95
N LYS B 566 -10.17 -28.90 -27.92
CA LYS B 566 -10.75 -30.23 -28.07
C LYS B 566 -12.22 -30.17 -28.45
N GLN B 567 -12.97 -29.29 -27.78
CA GLN B 567 -14.38 -29.12 -28.13
C GLN B 567 -14.53 -28.58 -29.54
N LEU B 568 -13.63 -27.70 -29.97
CA LEU B 568 -13.69 -27.20 -31.34
C LEU B 568 -13.46 -28.34 -32.33
N LYS B 569 -12.55 -29.25 -32.00
CA LYS B 569 -12.24 -30.35 -32.91
C LYS B 569 -13.38 -31.36 -32.97
N GLU B 570 -13.80 -31.87 -31.81
CA GLU B 570 -14.81 -32.92 -31.77
C GLU B 570 -16.20 -32.39 -32.07
N ASP B 571 -16.62 -31.35 -31.36
CA ASP B 571 -18.02 -30.92 -31.40
C ASP B 571 -18.34 -30.05 -32.60
N TYR B 572 -17.34 -29.49 -33.29
CA TYR B 572 -17.58 -28.79 -34.53
C TYR B 572 -16.99 -29.52 -35.73
N PHE B 573 -15.67 -29.66 -35.79
CA PHE B 573 -15.04 -30.14 -37.02
C PHE B 573 -15.43 -31.58 -37.32
N LYS B 574 -15.56 -32.42 -36.29
CA LYS B 574 -16.01 -33.79 -36.52
C LYS B 574 -17.50 -33.83 -36.83
N LYS B 575 -18.33 -33.26 -35.94
CA LYS B 575 -19.77 -33.42 -36.07
C LYS B 575 -20.29 -32.77 -37.35
N ILE B 576 -19.98 -31.49 -37.54
CA ILE B 576 -20.59 -30.75 -38.64
C ILE B 576 -19.84 -31.00 -39.95
N GLU B 577 -18.50 -30.95 -39.92
CA GLU B 577 -17.71 -31.05 -41.13
C GLU B 577 -17.11 -32.44 -41.36
N CYS B 578 -17.35 -33.39 -40.46
CA CYS B 578 -16.96 -34.79 -40.66
C CYS B 578 -15.45 -34.94 -40.88
N PHE B 579 -14.66 -34.20 -40.10
CA PHE B 579 -13.21 -34.35 -40.10
C PHE B 579 -12.79 -35.17 -38.89
N ASP B 580 -12.18 -36.33 -39.12
CA ASP B 580 -11.64 -37.12 -38.04
C ASP B 580 -10.35 -36.53 -37.48
N SER B 581 -9.68 -35.67 -38.23
CA SER B 581 -8.47 -35.02 -37.77
C SER B 581 -8.38 -33.63 -38.39
N VAL B 582 -7.89 -32.67 -37.60
CA VAL B 582 -7.73 -31.30 -38.05
C VAL B 582 -6.66 -30.65 -37.19
N GLU B 583 -6.02 -29.60 -37.71
CA GLU B 583 -4.99 -28.87 -36.99
C GLU B 583 -5.41 -27.40 -36.89
N ILE B 584 -5.33 -26.85 -35.68
CA ILE B 584 -5.87 -25.53 -35.35
C ILE B 584 -4.70 -24.61 -35.03
N SER B 585 -4.59 -23.49 -35.74
CA SER B 585 -3.39 -22.65 -35.65
C SER B 585 -3.54 -21.38 -34.83
N GLY B 586 -4.75 -20.97 -34.43
CA GLY B 586 -4.94 -19.63 -33.89
C GLY B 586 -5.22 -19.52 -32.41
N VAL B 587 -5.16 -20.61 -31.67
CA VAL B 587 -5.62 -20.63 -30.29
C VAL B 587 -4.87 -21.75 -29.57
N GLU B 588 -4.72 -21.61 -28.26
CA GLU B 588 -3.93 -22.57 -27.49
C GLU B 588 -4.78 -23.11 -26.34
N ASP B 589 -5.17 -24.39 -26.47
CA ASP B 589 -5.77 -25.21 -25.42
C ASP B 589 -7.18 -24.81 -25.04
N ARG B 590 -7.51 -23.52 -25.09
CA ARG B 590 -8.89 -23.06 -25.06
C ARG B 590 -8.93 -21.60 -25.45
N PHE B 591 -10.10 -21.13 -25.84
CA PHE B 591 -10.26 -19.74 -26.22
C PHE B 591 -10.18 -18.85 -24.98
N ASN B 592 -9.41 -17.76 -25.10
CA ASN B 592 -9.32 -16.80 -24.02
C ASN B 592 -10.64 -16.03 -23.87
N ALA B 593 -11.24 -15.65 -24.98
CA ALA B 593 -12.54 -14.99 -24.95
C ALA B 593 -13.64 -16.00 -24.66
N SER B 594 -14.73 -15.51 -24.08
CA SER B 594 -15.87 -16.32 -23.72
C SER B 594 -17.09 -15.42 -23.59
N LEU B 595 -18.27 -16.00 -23.71
CA LEU B 595 -19.49 -15.25 -23.45
C LEU B 595 -19.93 -15.67 -22.05
N GLY B 596 -19.49 -14.90 -21.05
CA GLY B 596 -19.83 -15.19 -19.66
C GLY B 596 -21.16 -14.61 -19.26
N THR B 597 -21.37 -13.35 -19.64
CA THR B 597 -22.62 -12.67 -19.34
C THR B 597 -23.78 -13.34 -20.03
N TYR B 598 -23.56 -13.83 -21.26
CA TYR B 598 -24.60 -14.58 -21.96
C TYR B 598 -25.10 -15.74 -21.12
N HIS B 599 -24.18 -16.48 -20.49
CA HIS B 599 -24.57 -17.64 -19.70
C HIS B 599 -25.14 -17.24 -18.34
N ASP B 600 -24.56 -16.22 -17.69
CA ASP B 600 -25.15 -15.69 -16.47
C ASP B 600 -26.62 -15.35 -16.68
N LEU B 601 -26.88 -14.52 -17.69
CA LEU B 601 -28.24 -14.13 -18.01
C LEU B 601 -29.07 -15.34 -18.39
N LEU B 602 -28.50 -16.29 -19.13
CA LEU B 602 -29.27 -17.48 -19.47
C LEU B 602 -29.75 -18.18 -18.20
N LYS B 603 -28.88 -18.29 -17.19
CA LYS B 603 -29.29 -18.88 -15.93
C LYS B 603 -30.42 -18.08 -15.29
N ILE B 604 -30.35 -16.75 -15.35
CA ILE B 604 -31.32 -15.93 -14.64
C ILE B 604 -32.66 -15.88 -15.40
N ILE B 605 -32.65 -15.31 -16.60
CA ILE B 605 -33.88 -15.09 -17.38
C ILE B 605 -34.42 -16.34 -18.06
N LYS B 606 -33.61 -17.40 -18.18
CA LYS B 606 -34.10 -18.71 -18.62
C LYS B 606 -34.74 -18.67 -20.00
N ASP B 607 -34.45 -17.65 -20.80
CA ASP B 607 -35.04 -17.51 -22.12
C ASP B 607 -33.92 -17.26 -23.11
N LYS B 608 -33.62 -18.26 -23.93
CA LYS B 608 -32.52 -18.14 -24.88
C LYS B 608 -32.92 -17.36 -26.12
N ASP B 609 -34.18 -17.49 -26.54
CA ASP B 609 -34.67 -16.70 -27.67
C ASP B 609 -34.59 -15.22 -27.36
N PHE B 610 -34.87 -14.83 -26.12
CA PHE B 610 -34.75 -13.42 -25.72
C PHE B 610 -33.31 -12.93 -25.89
N LEU B 611 -32.34 -13.74 -25.45
CA LEU B 611 -30.94 -13.32 -25.56
C LEU B 611 -30.46 -13.29 -27.01
N ASP B 612 -30.97 -14.19 -27.86
CA ASP B 612 -30.52 -14.28 -29.23
C ASP B 612 -31.20 -13.29 -30.16
N ASN B 613 -32.18 -12.52 -29.67
CA ASN B 613 -32.98 -11.65 -30.51
C ASN B 613 -32.35 -10.27 -30.56
N GLU B 614 -31.93 -9.85 -31.75
CA GLU B 614 -31.28 -8.56 -31.94
C GLU B 614 -32.09 -7.42 -31.31
N GLU B 615 -33.42 -7.48 -31.40
CA GLU B 615 -34.23 -6.36 -30.96
C GLU B 615 -34.19 -6.13 -29.46
N ASN B 616 -33.60 -7.05 -28.69
CA ASN B 616 -33.38 -6.85 -27.26
C ASN B 616 -31.98 -6.36 -26.92
N GLU B 617 -31.10 -6.24 -27.93
CA GLU B 617 -29.71 -5.89 -27.67
C GLU B 617 -29.62 -4.69 -26.74
N ASP B 618 -30.23 -3.58 -27.17
CA ASP B 618 -30.21 -2.36 -26.37
C ASP B 618 -30.57 -2.66 -24.93
N ILE B 619 -31.74 -3.28 -24.72
CA ILE B 619 -32.21 -3.55 -23.37
C ILE B 619 -31.11 -4.25 -22.58
N LEU B 620 -30.59 -5.34 -23.12
CA LEU B 620 -29.60 -6.11 -22.36
C LEU B 620 -28.39 -5.26 -22.05
N GLU B 621 -27.91 -4.47 -23.03
CA GLU B 621 -26.83 -3.54 -22.75
C GLU B 621 -27.16 -2.70 -21.53
N ASP B 622 -28.30 -2.01 -21.60
CA ASP B 622 -28.69 -1.15 -20.50
C ASP B 622 -28.62 -1.92 -19.19
N ILE B 623 -29.20 -3.12 -19.17
CA ILE B 623 -29.26 -3.87 -17.93
C ILE B 623 -27.85 -4.08 -17.39
N VAL B 624 -26.95 -4.57 -18.24
CA VAL B 624 -25.59 -4.82 -17.79
C VAL B 624 -24.95 -3.51 -17.31
N LEU B 625 -25.17 -2.43 -18.07
CA LEU B 625 -24.63 -1.14 -17.64
C LEU B 625 -25.04 -0.86 -16.22
N THR B 626 -26.33 -0.99 -15.93
CA THR B 626 -26.80 -0.79 -14.58
C THR B 626 -26.03 -1.69 -13.62
N LEU B 627 -26.03 -3.00 -13.90
CA LEU B 627 -25.35 -3.93 -13.02
C LEU B 627 -23.89 -3.56 -12.81
N THR B 628 -23.26 -2.91 -13.80
CA THR B 628 -21.87 -2.49 -13.65
C THR B 628 -21.76 -1.16 -12.91
N LEU B 629 -22.65 -0.22 -13.24
CA LEU B 629 -22.44 1.17 -12.84
C LEU B 629 -22.81 1.39 -11.37
N PHE B 630 -23.73 0.60 -10.84
CA PHE B 630 -24.18 0.69 -9.46
C PHE B 630 -23.96 -0.63 -8.75
N GLU B 631 -23.47 -0.59 -7.52
CA GLU B 631 -23.47 -1.76 -6.65
C GLU B 631 -24.54 -1.72 -5.56
N ASP B 632 -25.33 -0.64 -5.46
CA ASP B 632 -26.38 -0.57 -4.43
C ASP B 632 -27.64 -1.23 -4.97
N ARG B 633 -28.09 -2.28 -4.28
CA ARG B 633 -29.16 -3.12 -4.80
C ARG B 633 -30.47 -2.35 -4.95
N GLU B 634 -30.72 -1.37 -4.06
CA GLU B 634 -31.94 -0.58 -4.18
C GLU B 634 -31.93 0.23 -5.47
N MET B 635 -30.81 0.90 -5.73
CA MET B 635 -30.70 1.70 -6.96
C MET B 635 -30.71 0.81 -8.20
N ILE B 636 -30.11 -0.38 -8.11
CA ILE B 636 -30.17 -1.32 -9.23
C ILE B 636 -31.62 -1.67 -9.53
N GLU B 637 -32.39 -1.99 -8.50
CA GLU B 637 -33.81 -2.30 -8.68
C GLU B 637 -34.52 -1.15 -9.37
N GLU B 638 -34.39 0.07 -8.82
CA GLU B 638 -35.07 1.21 -9.42
C GLU B 638 -34.65 1.40 -10.87
N ARG B 639 -33.40 1.08 -11.20
CA ARG B 639 -32.93 1.15 -12.59
C ARG B 639 -33.61 0.11 -13.47
N LEU B 640 -33.94 -1.08 -12.93
CA LEU B 640 -34.52 -2.16 -13.73
C LEU B 640 -36.04 -2.19 -13.73
N LYS B 641 -36.69 -1.31 -12.96
CA LYS B 641 -38.14 -1.23 -12.97
C LYS B 641 -38.69 -1.19 -14.39
N THR B 642 -38.12 -0.36 -15.26
CA THR B 642 -38.64 -0.21 -16.61
C THR B 642 -38.71 -1.54 -17.33
N TYR B 643 -37.85 -2.49 -16.98
CA TYR B 643 -37.88 -3.83 -17.53
C TYR B 643 -38.64 -4.80 -16.64
N ALA B 644 -39.24 -4.32 -15.56
CA ALA B 644 -40.12 -5.16 -14.75
C ALA B 644 -41.08 -6.01 -15.59
N HIS B 645 -41.73 -5.39 -16.59
CA HIS B 645 -42.77 -6.12 -17.32
C HIS B 645 -42.21 -7.31 -18.10
N LEU B 646 -40.92 -7.28 -18.46
CA LEU B 646 -40.41 -8.29 -19.40
C LEU B 646 -40.13 -9.63 -18.74
N PHE B 647 -39.85 -9.67 -17.44
CA PHE B 647 -39.52 -10.92 -16.76
C PHE B 647 -40.32 -11.04 -15.47
N ASP B 648 -40.57 -12.29 -15.08
CA ASP B 648 -41.31 -12.56 -13.86
C ASP B 648 -40.58 -11.98 -12.64
N ASP B 649 -41.36 -11.58 -11.65
CA ASP B 649 -40.79 -10.89 -10.49
C ASP B 649 -39.65 -11.68 -9.87
N LYS B 650 -39.69 -13.01 -9.97
CA LYS B 650 -38.59 -13.82 -9.47
C LYS B 650 -37.31 -13.55 -10.28
N VAL B 651 -37.45 -13.50 -11.60
CA VAL B 651 -36.30 -13.21 -12.45
C VAL B 651 -35.72 -11.84 -12.10
N MET B 652 -36.57 -10.84 -11.89
CA MET B 652 -36.08 -9.55 -11.44
C MET B 652 -35.37 -9.67 -10.10
N LYS B 653 -35.86 -10.56 -9.23
CA LYS B 653 -35.20 -10.79 -7.96
C LYS B 653 -33.77 -11.30 -8.17
N GLN B 654 -33.56 -12.16 -9.17
CA GLN B 654 -32.23 -12.70 -9.43
C GLN B 654 -31.34 -11.71 -10.19
N LEU B 655 -31.88 -11.06 -11.21
CA LEU B 655 -31.15 -10.01 -11.92
C LEU B 655 -30.67 -8.94 -10.94
N LYS B 656 -31.50 -8.61 -9.95
CA LYS B 656 -31.09 -7.66 -8.92
C LYS B 656 -29.73 -8.03 -8.34
N ARG B 657 -29.54 -9.31 -8.02
CA ARG B 657 -28.33 -9.73 -7.31
C ARG B 657 -27.13 -9.89 -8.24
N ARG B 658 -27.36 -10.03 -9.54
CA ARG B 658 -26.26 -10.11 -10.48
C ARG B 658 -25.55 -8.76 -10.50
N ARG B 659 -24.25 -8.76 -10.23
CA ARG B 659 -23.47 -7.53 -10.24
C ARG B 659 -22.12 -7.78 -10.89
N TYR B 660 -21.68 -6.80 -11.66
CA TYR B 660 -20.42 -6.87 -12.37
C TYR B 660 -19.59 -5.64 -12.04
N THR B 661 -18.28 -5.77 -12.25
CA THR B 661 -17.35 -4.67 -12.07
C THR B 661 -16.40 -4.64 -13.25
N GLY B 662 -15.89 -3.46 -13.55
CA GLY B 662 -14.84 -3.32 -14.53
C GLY B 662 -15.34 -2.77 -15.85
N TRP B 663 -14.40 -2.21 -16.61
CA TRP B 663 -14.71 -1.53 -17.87
C TRP B 663 -13.68 -1.93 -18.92
N GLY B 664 -14.13 -1.98 -20.17
CA GLY B 664 -13.26 -2.36 -21.28
C GLY B 664 -12.37 -1.22 -21.72
N ARG B 665 -11.73 -1.43 -22.88
CA ARG B 665 -10.93 -0.40 -23.52
C ARG B 665 -11.65 0.32 -24.65
N LEU B 666 -12.87 -0.10 -25.03
CA LEU B 666 -13.45 0.34 -26.28
C LEU B 666 -14.91 0.73 -26.07
N SER B 667 -15.36 1.65 -26.92
CA SER B 667 -16.73 2.15 -26.87
C SER B 667 -17.65 1.27 -27.70
N ARG B 668 -18.95 1.59 -27.64
CA ARG B 668 -19.93 0.87 -28.43
C ARG B 668 -19.94 1.37 -29.87
N LYS B 669 -19.75 2.68 -30.05
CA LYS B 669 -19.71 3.23 -31.39
C LYS B 669 -18.57 2.63 -32.20
N LEU B 670 -17.39 2.51 -31.59
CA LEU B 670 -16.25 1.92 -32.28
C LEU B 670 -16.57 0.49 -32.71
N ILE B 671 -17.16 -0.29 -31.79
CA ILE B 671 -17.36 -1.71 -32.03
C ILE B 671 -18.48 -1.90 -33.05
N ASN B 672 -19.72 -1.59 -32.65
CA ASN B 672 -20.86 -1.74 -33.52
C ASN B 672 -21.42 -0.43 -34.09
N GLY B 673 -20.90 0.73 -33.69
CA GLY B 673 -21.48 1.96 -34.19
C GLY B 673 -21.04 2.50 -35.53
N ILE B 674 -19.73 2.71 -35.73
CA ILE B 674 -19.27 3.30 -36.98
C ILE B 674 -19.51 2.30 -38.09
N ARG B 675 -19.68 2.82 -39.30
CA ARG B 675 -19.78 1.99 -40.49
C ARG B 675 -18.75 2.46 -41.51
N ASP B 676 -18.27 1.52 -42.30
CA ASP B 676 -17.43 1.88 -43.43
C ASP B 676 -18.31 2.37 -44.57
N LYS B 677 -17.90 3.47 -45.20
CA LYS B 677 -18.71 4.08 -46.25
C LYS B 677 -19.01 3.08 -47.36
N GLN B 678 -17.97 2.44 -47.90
CA GLN B 678 -18.14 1.48 -48.97
C GLN B 678 -18.98 0.28 -48.51
N SER B 679 -18.61 -0.29 -47.35
CA SER B 679 -19.23 -1.54 -46.91
C SER B 679 -20.58 -1.30 -46.26
N GLY B 680 -20.70 -0.26 -45.44
CA GLY B 680 -21.85 -0.12 -44.55
C GLY B 680 -21.78 -1.02 -43.35
N LYS B 681 -20.65 -1.69 -43.12
CA LYS B 681 -20.48 -2.65 -42.04
C LYS B 681 -19.75 -2.01 -40.87
N THR B 682 -20.16 -2.36 -39.66
CA THR B 682 -19.45 -1.92 -38.47
C THR B 682 -18.18 -2.77 -38.29
N ILE B 683 -17.39 -2.43 -37.27
CA ILE B 683 -16.22 -3.24 -36.95
C ILE B 683 -16.64 -4.68 -36.73
N LEU B 684 -17.71 -4.88 -35.96
CA LEU B 684 -18.13 -6.22 -35.60
C LEU B 684 -18.67 -6.97 -36.81
N ASP B 685 -19.32 -6.27 -37.74
CA ASP B 685 -19.75 -6.89 -38.99
C ASP B 685 -18.56 -7.52 -39.71
N PHE B 686 -17.43 -6.82 -39.75
CA PHE B 686 -16.23 -7.38 -40.36
C PHE B 686 -15.71 -8.57 -39.55
N LEU B 687 -15.62 -8.42 -38.23
CA LEU B 687 -15.18 -9.55 -37.42
C LEU B 687 -16.04 -10.78 -37.67
N LYS B 688 -17.34 -10.60 -37.92
CA LYS B 688 -18.21 -11.73 -38.21
C LYS B 688 -17.95 -12.30 -39.60
N SER B 689 -18.02 -11.47 -40.64
CA SER B 689 -17.71 -11.93 -42.00
C SER B 689 -16.89 -10.88 -42.73
N ASP B 690 -15.61 -11.20 -42.99
CA ASP B 690 -14.74 -10.37 -43.83
C ASP B 690 -14.42 -10.99 -45.20
N GLY B 691 -15.03 -12.11 -45.56
CA GLY B 691 -14.65 -12.78 -46.80
C GLY B 691 -13.37 -13.58 -46.67
N PHE B 692 -12.45 -13.44 -47.64
CA PHE B 692 -11.23 -14.23 -47.63
C PHE B 692 -10.28 -13.75 -46.53
N ALA B 693 -9.93 -12.47 -46.57
CA ALA B 693 -9.20 -11.88 -45.47
C ALA B 693 -10.12 -11.86 -44.26
N ASN B 694 -9.61 -12.28 -43.12
CA ASN B 694 -10.37 -12.29 -41.88
C ASN B 694 -9.71 -11.24 -41.00
N ARG B 695 -10.27 -10.04 -40.98
CA ARG B 695 -9.48 -8.90 -40.56
C ARG B 695 -9.66 -8.59 -39.09
N ASN B 696 -8.53 -8.35 -38.43
CA ASN B 696 -8.46 -8.03 -37.02
C ASN B 696 -9.03 -6.66 -36.74
N PHE B 697 -9.36 -6.44 -35.46
CA PHE B 697 -9.63 -5.09 -34.99
C PHE B 697 -8.49 -4.15 -35.35
N MET B 698 -7.25 -4.55 -35.03
CA MET B 698 -6.09 -3.75 -35.41
C MET B 698 -6.10 -3.45 -36.90
N GLN B 699 -6.28 -4.49 -37.71
CA GLN B 699 -6.28 -4.31 -39.17
C GLN B 699 -7.40 -3.37 -39.61
N LEU B 700 -8.64 -3.66 -39.20
CA LEU B 700 -9.75 -2.78 -39.52
C LEU B 700 -9.42 -1.33 -39.19
N ILE B 701 -8.75 -1.11 -38.06
CA ILE B 701 -8.51 0.25 -37.60
C ILE B 701 -7.41 0.92 -38.42
N HIS B 702 -6.43 0.17 -38.90
CA HIS B 702 -5.31 0.74 -39.64
C HIS B 702 -5.42 0.60 -41.16
N ASP B 703 -6.53 0.07 -41.68
CA ASP B 703 -6.63 -0.28 -43.09
C ASP B 703 -7.02 0.94 -43.92
N ASP B 704 -6.18 1.29 -44.91
CA ASP B 704 -6.41 2.49 -45.71
C ASP B 704 -7.53 2.33 -46.72
N SER B 705 -7.89 1.10 -47.09
CA SER B 705 -9.04 0.91 -47.98
C SER B 705 -10.35 1.13 -47.25
N LEU B 706 -10.43 0.74 -45.98
CA LEU B 706 -11.58 1.03 -45.15
C LEU B 706 -11.47 2.44 -44.56
N THR B 707 -12.62 3.01 -44.21
CA THR B 707 -12.70 4.39 -43.72
C THR B 707 -12.69 4.48 -42.20
N PHE B 708 -12.58 3.36 -41.48
CA PHE B 708 -12.55 3.44 -40.02
C PHE B 708 -11.42 4.34 -39.55
N LYS B 709 -10.24 4.22 -40.18
CA LYS B 709 -9.09 4.97 -39.71
C LYS B 709 -9.31 6.47 -39.79
N GLU B 710 -9.87 6.96 -40.90
CA GLU B 710 -10.04 8.40 -41.03
C GLU B 710 -11.16 8.91 -40.13
N ASP B 711 -12.22 8.12 -39.92
CA ASP B 711 -13.23 8.50 -38.95
C ASP B 711 -12.66 8.57 -37.54
N ILE B 712 -11.68 7.73 -37.24
CA ILE B 712 -11.02 7.79 -35.94
C ILE B 712 -10.10 9.00 -35.85
N GLN B 713 -9.33 9.26 -36.92
CA GLN B 713 -8.24 10.22 -36.84
C GLN B 713 -8.69 11.58 -36.34
N LYS B 714 -9.98 11.90 -36.48
CA LYS B 714 -10.56 13.03 -35.76
C LYS B 714 -10.30 12.92 -34.25
N SER B 723 1.37 20.87 -19.00
CA SER B 723 2.37 21.44 -18.10
C SER B 723 3.33 20.35 -17.61
N LEU B 724 4.61 20.72 -17.47
CA LEU B 724 5.63 19.74 -17.11
C LEU B 724 5.29 19.07 -15.78
N HIS B 725 4.80 19.87 -14.83
CA HIS B 725 4.63 19.42 -13.45
C HIS B 725 3.37 18.58 -13.32
N GLU B 726 2.27 19.04 -13.92
CA GLU B 726 1.07 18.23 -14.02
C GLU B 726 1.38 16.92 -14.75
N HIS B 727 2.05 17.02 -15.90
CA HIS B 727 2.41 15.84 -16.69
C HIS B 727 3.13 14.82 -15.82
N ILE B 728 4.18 15.25 -15.12
CA ILE B 728 4.94 14.32 -14.28
C ILE B 728 4.04 13.75 -13.18
N ALA B 729 3.23 14.61 -12.56
CA ALA B 729 2.34 14.14 -11.48
C ALA B 729 1.36 13.10 -11.98
N ASN B 730 1.04 13.11 -13.27
CA ASN B 730 0.04 12.20 -13.84
C ASN B 730 0.60 10.85 -14.24
N LEU B 731 1.92 10.68 -14.28
CA LEU B 731 2.48 9.39 -14.62
C LEU B 731 2.11 8.38 -13.53
N ALA B 732 2.04 7.11 -13.94
CA ALA B 732 1.89 6.03 -12.97
C ALA B 732 3.26 5.70 -12.39
N GLY B 733 3.38 5.77 -11.08
CA GLY B 733 4.62 5.48 -10.40
C GLY B 733 4.60 6.07 -9.01
N SER B 734 5.59 5.68 -8.23
CA SER B 734 5.65 6.16 -6.85
C SER B 734 5.90 7.66 -6.85
N PRO B 735 5.19 8.44 -6.03
CA PRO B 735 5.51 9.88 -5.96
C PRO B 735 6.97 10.12 -5.63
N ALA B 736 7.58 9.15 -4.95
CA ALA B 736 9.02 9.22 -4.65
C ALA B 736 9.84 9.37 -5.93
N ILE B 737 9.65 8.47 -6.89
CA ILE B 737 10.46 8.54 -8.10
C ILE B 737 10.06 9.75 -8.94
N LYS B 738 8.79 10.14 -8.90
CA LYS B 738 8.37 11.33 -9.65
C LYS B 738 9.11 12.57 -9.18
N LYS B 739 9.28 12.71 -7.87
CA LYS B 739 10.06 13.83 -7.35
C LYS B 739 11.41 13.91 -8.07
N GLY B 740 12.10 12.77 -8.17
CA GLY B 740 13.39 12.74 -8.84
C GLY B 740 13.30 13.00 -10.32
N ILE B 741 12.17 12.65 -10.94
CA ILE B 741 11.98 12.94 -12.36
C ILE B 741 11.94 14.45 -12.59
N LEU B 742 11.05 15.14 -11.88
CA LEU B 742 10.98 16.59 -12.03
C LEU B 742 12.32 17.23 -11.72
N GLN B 743 12.95 16.80 -10.62
CA GLN B 743 14.25 17.36 -10.26
C GLN B 743 15.27 17.15 -11.39
N THR B 744 15.24 15.97 -12.01
CA THR B 744 16.17 15.69 -13.10
C THR B 744 15.96 16.67 -14.25
N VAL B 745 14.71 16.96 -14.59
CA VAL B 745 14.47 17.92 -15.67
C VAL B 745 15.01 19.29 -15.30
N LYS B 746 14.78 19.75 -14.06
CA LYS B 746 15.29 21.06 -13.68
C LYS B 746 16.82 21.09 -13.73
N VAL B 747 17.46 19.99 -13.34
CA VAL B 747 18.92 19.90 -13.45
C VAL B 747 19.35 20.08 -14.90
N VAL B 748 18.71 19.36 -15.83
CA VAL B 748 19.10 19.47 -17.23
C VAL B 748 18.91 20.91 -17.72
N ASP B 749 17.79 21.53 -17.38
CA ASP B 749 17.59 22.94 -17.74
C ASP B 749 18.79 23.76 -17.32
N GLU B 750 19.14 23.68 -16.02
CA GLU B 750 20.23 24.51 -15.51
C GLU B 750 21.53 24.24 -16.25
N LEU B 751 21.84 22.96 -16.50
CA LEU B 751 23.11 22.64 -17.18
C LEU B 751 23.13 23.20 -18.59
N VAL B 752 22.02 23.12 -19.31
CA VAL B 752 21.96 23.71 -20.65
C VAL B 752 22.24 25.20 -20.56
N LYS B 753 21.66 25.87 -19.57
CA LYS B 753 21.99 27.29 -19.36
C LYS B 753 23.48 27.48 -19.11
N VAL B 754 24.05 26.66 -18.23
CA VAL B 754 25.48 26.73 -17.90
C VAL B 754 26.33 26.64 -19.14
N MET B 755 25.90 25.87 -20.12
CA MET B 755 26.71 25.55 -21.29
C MET B 755 26.53 26.56 -22.42
N GLY B 756 25.86 27.67 -22.17
CA GLY B 756 25.67 28.70 -23.17
C GLY B 756 24.39 28.56 -23.95
N ARG B 757 23.43 27.82 -23.42
CA ARG B 757 22.19 27.47 -24.13
C ARG B 757 22.45 26.59 -25.34
N HIS B 758 23.59 25.92 -25.36
CA HIS B 758 23.87 24.87 -26.32
C HIS B 758 23.37 23.54 -25.77
N LYS B 759 22.72 22.77 -26.62
CA LYS B 759 22.14 21.52 -26.17
C LYS B 759 23.18 20.41 -26.19
N PRO B 760 23.05 19.41 -25.32
CA PRO B 760 24.00 18.30 -25.33
C PRO B 760 23.88 17.47 -26.59
N GLU B 761 24.95 16.74 -26.88
CA GLU B 761 24.93 15.79 -27.98
C GLU B 761 24.18 14.52 -27.58
N ASN B 762 24.35 14.10 -26.32
CA ASN B 762 23.63 12.98 -25.77
C ASN B 762 23.21 13.31 -24.34
N ILE B 763 22.19 12.59 -23.87
CA ILE B 763 21.79 12.60 -22.46
C ILE B 763 21.57 11.16 -22.08
N VAL B 764 22.33 10.66 -21.11
CA VAL B 764 22.27 9.27 -20.68
C VAL B 764 21.63 9.22 -19.31
N ILE B 765 20.50 8.52 -19.21
CA ILE B 765 19.73 8.42 -17.97
C ILE B 765 19.73 6.97 -17.51
N GLU B 766 20.04 6.77 -16.22
CA GLU B 766 19.83 5.51 -15.53
C GLU B 766 18.92 5.77 -14.34
N MET B 767 18.07 4.79 -14.02
CA MET B 767 17.09 4.93 -12.97
C MET B 767 17.19 3.77 -11.99
N ALA B 768 17.20 4.08 -10.70
CA ALA B 768 17.30 3.09 -9.66
C ALA B 768 16.09 2.17 -9.66
N ARG B 769 16.29 0.95 -9.15
CA ARG B 769 15.19 -0.01 -9.06
C ARG B 769 14.05 0.60 -8.25
N ASN B 780 4.70 -4.49 6.13
CA ASN B 780 5.13 -5.78 5.58
C ASN B 780 4.72 -6.92 6.49
N SER B 781 5.34 -6.98 7.67
CA SER B 781 5.22 -8.15 8.53
C SER B 781 3.77 -8.51 8.80
N ARG B 782 2.88 -7.52 8.86
CA ARG B 782 1.47 -7.81 9.07
C ARG B 782 0.86 -8.46 7.85
N GLU B 783 1.16 -7.93 6.65
CA GLU B 783 0.71 -8.57 5.42
C GLU B 783 1.23 -10.01 5.32
N ARG B 784 2.47 -10.23 5.75
CA ARG B 784 3.04 -11.58 5.71
C ARG B 784 2.27 -12.52 6.64
N MET B 785 2.15 -12.15 7.92
CA MET B 785 1.39 -12.99 8.85
C MET B 785 -0.01 -13.24 8.33
N LYS B 786 -0.58 -12.27 7.60
CA LYS B 786 -1.91 -12.44 7.04
C LYS B 786 -1.91 -13.50 5.94
N ARG B 787 -1.02 -13.34 4.95
CA ARG B 787 -0.88 -14.33 3.89
C ARG B 787 -0.80 -15.73 4.48
N ILE B 788 0.06 -15.91 5.49
CA ILE B 788 0.29 -17.25 6.01
C ILE B 788 -0.93 -17.73 6.79
N GLU B 789 -1.54 -16.86 7.59
CA GLU B 789 -2.71 -17.29 8.34
C GLU B 789 -3.80 -17.79 7.39
N GLU B 790 -4.07 -17.05 6.33
CA GLU B 790 -5.14 -17.42 5.41
C GLU B 790 -4.77 -18.65 4.60
N GLY B 791 -3.59 -18.65 3.98
CA GLY B 791 -3.17 -19.81 3.21
C GLY B 791 -3.14 -21.08 4.04
N ILE B 792 -2.50 -21.02 5.21
CA ILE B 792 -2.47 -22.16 6.11
C ILE B 792 -3.88 -22.63 6.42
N LYS B 793 -4.78 -21.70 6.77
CA LYS B 793 -6.14 -22.08 7.12
C LYS B 793 -6.82 -22.80 5.97
N GLU B 794 -6.76 -22.21 4.77
CA GLU B 794 -7.21 -22.89 3.56
C GLU B 794 -6.68 -24.32 3.52
N LEU B 795 -5.36 -24.45 3.49
CA LEU B 795 -4.70 -25.73 3.44
C LEU B 795 -5.17 -26.67 4.55
N GLY B 796 -5.73 -26.13 5.63
CA GLY B 796 -6.13 -26.94 6.75
C GLY B 796 -4.97 -27.42 7.58
N SER B 797 -3.86 -26.69 7.57
CA SER B 797 -2.62 -27.12 8.19
C SER B 797 -2.58 -26.81 9.67
N GLN B 798 -1.89 -27.66 10.42
CA GLN B 798 -1.66 -27.45 11.84
C GLN B 798 -0.35 -26.71 12.13
N ILE B 799 0.43 -26.36 11.11
CA ILE B 799 1.80 -25.92 11.36
C ILE B 799 1.83 -24.64 12.19
N LEU B 800 0.74 -23.88 12.24
CA LEU B 800 0.73 -22.69 13.09
C LEU B 800 0.57 -23.07 14.56
N LYS B 801 -0.40 -23.91 14.88
CA LYS B 801 -0.53 -24.40 16.25
C LYS B 801 0.74 -25.13 16.70
N GLU B 802 1.29 -25.97 15.81
CA GLU B 802 2.49 -26.72 16.15
C GLU B 802 3.72 -25.83 16.24
N HIS B 803 3.75 -24.73 15.49
CA HIS B 803 4.89 -23.82 15.48
C HIS B 803 4.36 -22.38 15.43
N PRO B 804 3.99 -21.81 16.59
CA PRO B 804 3.44 -20.45 16.59
C PRO B 804 4.47 -19.42 16.17
N VAL B 805 4.00 -18.41 15.43
CA VAL B 805 4.86 -17.37 14.86
C VAL B 805 4.37 -16.01 15.31
N GLU B 806 5.25 -15.03 15.16
CA GLU B 806 4.90 -13.63 15.36
C GLU B 806 5.33 -12.84 14.14
N ASN B 807 4.60 -11.75 13.86
CA ASN B 807 4.76 -11.02 12.61
C ASN B 807 6.23 -10.72 12.33
N THR B 808 6.92 -10.14 13.32
CA THR B 808 8.29 -9.70 13.10
C THR B 808 9.20 -10.86 12.71
N GLN B 809 8.99 -12.04 13.31
CA GLN B 809 9.80 -13.20 12.97
C GLN B 809 9.80 -13.47 11.48
N LEU B 810 8.75 -13.04 10.78
CA LEU B 810 8.59 -13.35 9.37
C LEU B 810 9.40 -12.43 8.47
N GLN B 811 10.17 -11.49 9.04
CA GLN B 811 11.12 -10.76 8.23
C GLN B 811 12.27 -11.67 7.78
N ASN B 812 12.54 -12.73 8.53
CA ASN B 812 13.51 -13.72 8.08
C ASN B 812 13.03 -14.34 6.78
N GLU B 813 13.88 -14.28 5.76
CA GLU B 813 13.49 -14.81 4.45
C GLU B 813 13.21 -16.31 4.52
N LYS B 814 14.14 -17.06 5.11
CA LYS B 814 14.01 -18.51 5.15
C LYS B 814 12.79 -18.96 5.95
N LEU B 815 12.42 -18.23 7.01
CA LEU B 815 11.28 -18.63 7.82
C LEU B 815 9.97 -18.27 7.13
N TYR B 816 9.94 -17.11 6.48
CA TYR B 816 8.77 -16.73 5.70
C TYR B 816 8.51 -17.76 4.60
N LEU B 817 9.54 -18.09 3.82
CA LEU B 817 9.40 -19.18 2.86
C LEU B 817 8.93 -20.45 3.57
N TYR B 818 9.53 -20.76 4.72
CA TYR B 818 9.15 -21.98 5.43
C TYR B 818 7.64 -22.05 5.61
N TYR B 819 7.03 -20.96 6.09
CA TYR B 819 5.59 -20.98 6.32
C TYR B 819 4.78 -20.90 5.03
N LEU B 820 5.36 -20.38 3.95
CA LEU B 820 4.63 -20.35 2.69
C LEU B 820 4.60 -21.72 2.01
N GLN B 821 5.59 -22.56 2.30
CA GLN B 821 5.66 -23.91 1.75
C GLN B 821 5.05 -24.94 2.69
N ASN B 822 4.43 -24.49 3.79
CA ASN B 822 3.72 -25.38 4.71
C ASN B 822 4.67 -26.38 5.35
N GLY B 823 5.87 -25.91 5.70
CA GLY B 823 6.85 -26.75 6.37
C GLY B 823 7.45 -27.82 5.51
N ARG B 824 7.34 -27.69 4.19
CA ARG B 824 7.71 -28.75 3.26
C ARG B 824 8.78 -28.26 2.31
N ASP B 825 9.65 -29.18 1.90
CA ASP B 825 10.59 -28.87 0.83
C ASP B 825 9.81 -28.62 -0.46
N MET B 826 10.23 -27.61 -1.20
CA MET B 826 9.49 -27.23 -2.40
C MET B 826 9.82 -28.13 -3.59
N TYR B 827 11.04 -28.67 -3.67
CA TYR B 827 11.37 -29.60 -4.75
C TYR B 827 11.27 -31.07 -4.39
N VAL B 828 11.41 -31.47 -3.12
CA VAL B 828 11.69 -32.87 -2.80
C VAL B 828 10.51 -33.61 -2.18
N ASP B 829 9.40 -32.94 -1.89
CA ASP B 829 8.22 -33.63 -1.35
C ASP B 829 8.47 -34.24 0.02
N GLN B 830 9.31 -33.60 0.84
CA GLN B 830 9.62 -34.06 2.18
C GLN B 830 9.40 -32.92 3.15
N GLU B 831 9.36 -33.23 4.44
CA GLU B 831 9.20 -32.20 5.46
C GLU B 831 10.51 -31.47 5.70
N LEU B 832 10.40 -30.22 6.12
CA LEU B 832 11.54 -29.43 6.56
C LEU B 832 11.42 -29.16 8.06
N ASP B 833 12.58 -28.97 8.70
CA ASP B 833 12.67 -28.78 10.14
C ASP B 833 12.92 -27.30 10.44
N ILE B 834 12.11 -26.74 11.35
CA ILE B 834 12.21 -25.32 11.68
C ILE B 834 13.54 -24.99 12.34
N ASN B 835 14.17 -25.95 13.03
CA ASN B 835 15.45 -25.63 13.66
C ASN B 835 16.61 -25.68 12.67
N ARG B 836 16.41 -26.29 11.51
CA ARG B 836 17.47 -26.66 10.59
C ARG B 836 17.66 -25.66 9.45
N LEU B 837 16.96 -24.53 9.46
CA LEU B 837 16.95 -23.65 8.28
C LEU B 837 18.34 -23.18 7.92
N SER B 838 19.18 -22.89 8.92
CA SER B 838 20.55 -22.45 8.63
C SER B 838 21.26 -23.44 7.70
N ASP B 839 20.87 -24.71 7.74
CA ASP B 839 21.46 -25.72 6.87
C ASP B 839 20.76 -25.85 5.52
N TYR B 840 19.68 -25.10 5.29
CA TYR B 840 18.91 -25.21 4.07
C TYR B 840 19.31 -24.11 3.09
N ASP B 841 18.69 -24.15 1.91
CA ASP B 841 19.02 -23.28 0.79
C ASP B 841 17.80 -22.49 0.34
N VAL B 842 18.03 -21.22 0.01
CA VAL B 842 17.11 -20.41 -0.77
C VAL B 842 17.62 -20.43 -2.21
N ASP B 843 16.83 -21.01 -3.11
CA ASP B 843 17.21 -21.16 -4.51
C ASP B 843 16.31 -20.33 -5.40
N ALA B 844 16.88 -19.84 -6.49
CA ALA B 844 16.17 -19.05 -7.48
C ALA B 844 15.52 -19.98 -8.50
N ILE B 845 14.21 -19.84 -8.67
CA ILE B 845 13.47 -20.74 -9.55
C ILE B 845 14.03 -20.68 -10.96
N VAL B 846 13.93 -19.53 -11.61
CA VAL B 846 14.68 -19.25 -12.83
C VAL B 846 16.02 -18.65 -12.42
N PRO B 847 17.15 -19.24 -12.83
CA PRO B 847 18.44 -18.88 -12.22
C PRO B 847 18.71 -17.37 -12.23
N GLN B 848 19.50 -16.93 -11.25
CA GLN B 848 19.84 -15.52 -11.13
C GLN B 848 20.71 -15.03 -12.29
N SER B 849 21.44 -15.92 -12.96
CA SER B 849 22.24 -15.50 -14.09
C SER B 849 21.35 -14.91 -15.19
N PHE B 850 20.18 -15.51 -15.40
CA PHE B 850 19.26 -14.99 -16.41
C PHE B 850 18.43 -13.83 -15.87
N LEU B 851 17.84 -13.99 -14.69
CA LEU B 851 16.84 -13.07 -14.18
C LEU B 851 17.30 -12.57 -12.82
N LYS B 852 17.45 -11.26 -12.68
CA LYS B 852 17.82 -10.70 -11.38
C LYS B 852 16.50 -10.42 -10.67
N ASP B 853 16.14 -11.33 -9.77
CA ASP B 853 14.91 -11.20 -9.00
C ASP B 853 15.20 -11.65 -7.57
N ASP B 854 15.05 -10.73 -6.64
CA ASP B 854 15.29 -11.00 -5.22
C ASP B 854 14.01 -11.35 -4.47
N SER B 855 12.87 -11.30 -5.14
CA SER B 855 11.59 -11.36 -4.45
C SER B 855 11.20 -12.81 -4.14
N ILE B 856 10.08 -12.95 -3.43
CA ILE B 856 9.56 -14.26 -3.08
C ILE B 856 8.92 -14.96 -4.28
N ASP B 857 8.70 -14.23 -5.37
CA ASP B 857 8.15 -14.84 -6.58
C ASP B 857 9.17 -15.74 -7.28
N ASN B 858 10.46 -15.39 -7.20
CA ASN B 858 11.50 -16.19 -7.82
C ASN B 858 12.25 -17.08 -6.84
N LYS B 859 11.88 -17.11 -5.56
CA LYS B 859 12.68 -17.76 -4.55
C LYS B 859 11.94 -18.93 -3.92
N VAL B 860 12.72 -19.89 -3.40
CA VAL B 860 12.19 -21.15 -2.90
C VAL B 860 13.11 -21.67 -1.80
N LEU B 861 12.53 -22.34 -0.82
CA LEU B 861 13.31 -22.98 0.24
C LEU B 861 13.34 -24.49 0.01
N THR B 862 14.54 -25.05 -0.05
CA THR B 862 14.77 -26.48 -0.23
C THR B 862 15.95 -26.85 0.65
N ARG B 863 16.10 -28.11 1.05
CA ARG B 863 17.25 -28.41 1.88
C ARG B 863 18.54 -28.26 1.08
N SER B 864 18.53 -28.64 -0.20
CA SER B 864 19.69 -28.42 -1.05
C SER B 864 19.25 -28.06 -2.46
N ASP B 865 19.87 -27.02 -3.02
CA ASP B 865 19.58 -26.60 -4.39
C ASP B 865 19.92 -27.68 -5.41
N LYS B 866 20.80 -28.63 -5.07
CA LYS B 866 21.18 -29.67 -6.03
C LYS B 866 19.97 -30.48 -6.46
N ASN B 867 18.96 -30.60 -5.59
CA ASN B 867 17.78 -31.38 -5.91
C ASN B 867 16.79 -30.61 -6.78
N ARG B 868 17.10 -29.36 -7.15
CA ARG B 868 16.38 -28.68 -8.21
C ARG B 868 16.67 -29.30 -9.58
N GLY B 869 17.80 -29.99 -9.73
CA GLY B 869 18.28 -30.42 -11.03
C GLY B 869 19.30 -29.48 -11.64
N LYS B 870 19.38 -29.48 -12.97
CA LYS B 870 20.41 -28.74 -13.67
C LYS B 870 20.48 -27.28 -13.22
N SER B 871 21.69 -26.73 -13.16
CA SER B 871 21.90 -25.36 -12.73
C SER B 871 21.48 -24.33 -13.78
N ASP B 872 21.46 -24.72 -15.05
CA ASP B 872 21.36 -23.80 -16.16
C ASP B 872 19.93 -23.46 -16.57
N ASN B 873 18.93 -23.94 -15.85
CA ASN B 873 17.58 -23.95 -16.40
C ASN B 873 16.56 -23.85 -15.27
N VAL B 874 15.29 -23.95 -15.65
CA VAL B 874 14.16 -24.10 -14.73
C VAL B 874 14.31 -25.44 -14.01
N PRO B 875 13.69 -25.65 -12.86
CA PRO B 875 13.72 -26.99 -12.25
C PRO B 875 13.33 -28.07 -13.25
N SER B 876 13.93 -29.24 -13.09
CA SER B 876 13.88 -30.29 -14.09
C SER B 876 12.49 -30.90 -14.22
N GLU B 877 12.26 -31.59 -15.35
CA GLU B 877 11.01 -32.31 -15.54
C GLU B 877 10.73 -33.27 -14.39
N GLU B 878 11.75 -33.97 -13.90
CA GLU B 878 11.56 -34.84 -12.74
C GLU B 878 10.86 -34.08 -11.62
N VAL B 879 11.42 -32.94 -11.26
CA VAL B 879 10.92 -32.17 -10.12
C VAL B 879 9.51 -31.67 -10.38
N VAL B 880 9.23 -31.24 -11.61
CA VAL B 880 7.87 -30.80 -11.95
C VAL B 880 6.90 -31.97 -11.80
N LYS B 881 7.25 -33.12 -12.35
CA LYS B 881 6.45 -34.32 -12.21
C LYS B 881 6.12 -34.61 -10.75
N LYS B 882 7.14 -34.66 -9.90
CA LYS B 882 6.93 -35.04 -8.51
C LYS B 882 6.13 -33.99 -7.74
N MET B 883 6.44 -32.69 -7.95
CA MET B 883 5.94 -31.63 -7.07
C MET B 883 4.73 -30.86 -7.59
N LYS B 884 4.29 -31.11 -8.82
CA LYS B 884 3.32 -30.22 -9.45
C LYS B 884 2.02 -30.14 -8.65
N ASN B 885 1.56 -31.28 -8.13
CA ASN B 885 0.32 -31.29 -7.35
C ASN B 885 0.44 -30.42 -6.11
N TYR B 886 1.57 -30.54 -5.39
CA TYR B 886 1.80 -29.75 -4.20
C TYR B 886 1.85 -28.26 -4.53
N TRP B 887 2.61 -27.90 -5.57
CA TRP B 887 2.61 -26.51 -6.01
C TRP B 887 1.21 -26.04 -6.35
N ARG B 888 0.36 -26.94 -6.85
CA ARG B 888 -1.03 -26.56 -7.12
C ARG B 888 -1.76 -26.23 -5.83
N GLN B 889 -1.62 -27.08 -4.81
CA GLN B 889 -2.20 -26.75 -3.50
C GLN B 889 -1.75 -25.38 -3.04
N LEU B 890 -0.43 -25.12 -3.07
CA LEU B 890 0.08 -23.83 -2.64
C LEU B 890 -0.54 -22.69 -3.44
N LEU B 891 -0.61 -22.85 -4.76
CA LEU B 891 -1.22 -21.84 -5.62
C LEU B 891 -2.64 -21.53 -5.18
N ASN B 892 -3.44 -22.58 -4.95
CA ASN B 892 -4.83 -22.38 -4.54
C ASN B 892 -4.91 -21.62 -3.22
N ALA B 893 -4.13 -22.05 -2.23
CA ALA B 893 -4.06 -21.32 -0.96
C ALA B 893 -3.42 -19.95 -1.12
N LYS B 894 -2.87 -19.64 -2.30
CA LYS B 894 -2.22 -18.37 -2.58
C LYS B 894 -0.95 -18.17 -1.76
N LEU B 895 -0.33 -19.27 -1.31
CA LEU B 895 0.98 -19.17 -0.70
C LEU B 895 2.08 -19.00 -1.75
N ILE B 896 1.77 -19.27 -3.01
CA ILE B 896 2.57 -18.84 -4.14
C ILE B 896 1.63 -18.19 -5.16
N THR B 897 2.19 -17.34 -6.00
CA THR B 897 1.39 -16.67 -7.01
C THR B 897 1.34 -17.50 -8.28
N GLN B 898 0.60 -17.00 -9.27
CA GLN B 898 0.57 -17.65 -10.58
C GLN B 898 1.94 -17.61 -11.24
N ARG B 899 2.58 -16.44 -11.25
CA ARG B 899 3.88 -16.30 -11.91
C ARG B 899 4.86 -17.34 -11.40
N LYS B 900 5.05 -17.39 -10.08
CA LYS B 900 5.88 -18.40 -9.45
C LYS B 900 5.55 -19.80 -9.97
N PHE B 901 4.26 -20.14 -9.99
CA PHE B 901 3.85 -21.49 -10.41
C PHE B 901 4.25 -21.76 -11.86
N ASP B 902 3.98 -20.80 -12.75
CA ASP B 902 4.27 -20.99 -14.16
C ASP B 902 5.77 -21.09 -14.42
N ASN B 903 6.58 -20.33 -13.67
CA ASN B 903 8.02 -20.47 -13.81
C ASN B 903 8.50 -21.81 -13.27
N LEU B 904 7.95 -22.24 -12.13
CA LEU B 904 8.34 -23.52 -11.53
C LEU B 904 8.09 -24.68 -12.48
N THR B 905 6.99 -24.63 -13.23
CA THR B 905 6.55 -25.75 -14.05
C THR B 905 7.03 -25.67 -15.49
N LYS B 906 7.84 -24.67 -15.84
CA LYS B 906 8.12 -24.41 -17.25
C LYS B 906 8.90 -25.52 -17.93
N ALA B 907 9.52 -26.43 -17.16
CA ALA B 907 10.30 -27.49 -17.78
C ALA B 907 9.42 -28.46 -18.58
N GLU B 908 8.14 -28.56 -18.23
CA GLU B 908 7.24 -29.41 -19.01
C GLU B 908 6.75 -28.71 -20.27
N ARG B 909 7.16 -27.45 -20.47
CA ARG B 909 7.04 -26.76 -21.75
C ARG B 909 8.35 -26.73 -22.52
N GLY B 910 9.38 -27.40 -22.03
CA GLY B 910 10.71 -27.28 -22.57
C GLY B 910 11.62 -26.38 -21.77
N GLY B 911 11.17 -25.90 -20.61
CA GLY B 911 11.97 -25.03 -19.80
C GLY B 911 12.38 -23.79 -20.57
N LEU B 912 13.59 -23.31 -20.30
CA LEU B 912 14.10 -22.13 -20.97
C LEU B 912 14.63 -22.51 -22.34
N SER B 913 14.04 -21.94 -23.39
CA SER B 913 14.63 -22.05 -24.71
C SER B 913 15.83 -21.12 -24.81
N GLU B 914 16.74 -21.45 -25.72
CA GLU B 914 17.90 -20.59 -25.93
C GLU B 914 17.46 -19.16 -26.24
N LEU B 915 16.35 -19.02 -26.96
CA LEU B 915 15.79 -17.71 -27.24
C LEU B 915 15.35 -17.02 -25.95
N ASP B 916 14.69 -17.74 -25.05
CA ASP B 916 14.36 -17.20 -23.73
C ASP B 916 15.62 -16.68 -23.03
N LYS B 917 16.67 -17.50 -23.01
CA LYS B 917 17.94 -17.10 -22.41
C LYS B 917 18.42 -15.76 -22.95
N ALA B 918 18.55 -15.67 -24.28
CA ALA B 918 19.03 -14.42 -24.88
C ALA B 918 18.13 -13.26 -24.48
N GLY B 919 16.81 -13.49 -24.46
CA GLY B 919 15.89 -12.46 -24.01
C GLY B 919 16.24 -11.93 -22.63
N PHE B 920 16.44 -12.84 -21.68
CA PHE B 920 16.81 -12.41 -20.34
C PHE B 920 18.10 -11.60 -20.36
N ILE B 921 19.11 -12.09 -21.08
CA ILE B 921 20.42 -11.41 -21.06
C ILE B 921 20.27 -9.98 -21.57
N LYS B 922 19.58 -9.78 -22.69
CA LYS B 922 19.48 -8.41 -23.18
C LYS B 922 18.57 -7.57 -22.29
N ARG B 923 17.53 -8.18 -21.71
CA ARG B 923 16.71 -7.46 -20.74
C ARG B 923 17.51 -7.00 -19.53
N GLN B 924 18.67 -7.63 -19.27
CA GLN B 924 19.51 -7.16 -18.18
C GLN B 924 20.11 -5.78 -18.50
N LEU B 925 20.56 -5.55 -19.73
CA LEU B 925 21.18 -4.27 -20.09
C LEU B 925 20.28 -3.31 -20.86
N VAL B 926 19.09 -3.73 -21.31
CA VAL B 926 18.20 -2.84 -22.04
C VAL B 926 16.99 -2.56 -21.16
N GLU B 927 16.63 -1.28 -21.06
CA GLU B 927 15.68 -0.81 -20.05
C GLU B 927 14.27 -0.85 -20.62
N THR B 928 13.43 -1.74 -20.09
CA THR B 928 12.05 -1.89 -20.52
C THR B 928 11.04 -1.11 -19.67
N ARG B 929 11.46 -0.56 -18.52
CA ARG B 929 10.50 -0.01 -17.58
C ARG B 929 9.77 1.20 -18.18
N GLN B 930 8.45 1.18 -18.08
CA GLN B 930 7.63 2.23 -18.69
C GLN B 930 7.96 3.61 -18.12
N ILE B 931 8.13 3.70 -16.80
CA ILE B 931 8.38 4.99 -16.16
C ILE B 931 9.65 5.62 -16.72
N THR B 932 10.72 4.83 -16.88
CA THR B 932 11.95 5.36 -17.45
C THR B 932 11.73 5.81 -18.87
N LYS B 933 10.97 5.03 -19.66
CA LYS B 933 10.61 5.47 -21.01
C LYS B 933 9.94 6.84 -20.96
N HIS B 934 9.09 7.07 -19.96
CA HIS B 934 8.45 8.39 -19.83
C HIS B 934 9.48 9.47 -19.56
N VAL B 935 10.49 9.18 -18.72
CA VAL B 935 11.55 10.16 -18.49
C VAL B 935 12.23 10.50 -19.80
N ALA B 936 12.62 9.48 -20.58
CA ALA B 936 13.29 9.72 -21.85
C ALA B 936 12.41 10.51 -22.79
N GLN B 937 11.09 10.26 -22.77
CA GLN B 937 10.19 11.01 -23.63
C GLN B 937 10.10 12.47 -23.23
N ILE B 938 10.06 12.75 -21.92
CA ILE B 938 10.03 14.15 -21.48
C ILE B 938 11.28 14.86 -21.95
N LEU B 939 12.45 14.28 -21.66
CA LEU B 939 13.69 14.94 -22.05
C LEU B 939 13.79 15.10 -23.56
N ASP B 940 13.46 14.04 -24.31
CA ASP B 940 13.56 14.08 -25.76
C ASP B 940 12.64 15.15 -26.35
N SER B 941 11.43 15.29 -25.81
CA SER B 941 10.49 16.26 -26.34
C SER B 941 10.84 17.68 -25.91
N ARG B 942 11.51 17.85 -24.78
CA ARG B 942 11.97 19.19 -24.42
C ARG B 942 13.19 19.60 -25.23
N MET B 943 14.06 18.65 -25.58
CA MET B 943 15.29 18.99 -26.29
C MET B 943 15.07 19.13 -27.80
N ASN B 944 14.32 18.22 -28.42
CA ASN B 944 14.17 18.19 -29.87
C ASN B 944 12.81 18.80 -30.23
N THR B 945 12.82 20.06 -30.65
CA THR B 945 11.60 20.79 -30.97
C THR B 945 11.38 21.06 -32.47
N LYS B 946 12.32 20.70 -33.34
CA LYS B 946 12.28 21.15 -34.72
C LYS B 946 12.00 19.98 -35.67
N TYR B 947 11.33 20.28 -36.78
CA TYR B 947 10.94 19.31 -37.78
C TYR B 947 11.62 19.61 -39.10
N ASP B 948 11.93 18.56 -39.86
CA ASP B 948 12.67 18.69 -41.10
C ASP B 948 11.71 18.89 -42.26
N GLU B 949 12.25 18.89 -43.49
CA GLU B 949 11.47 19.28 -44.67
C GLU B 949 10.38 18.26 -45.00
N ASN B 950 10.48 17.04 -44.47
CA ASN B 950 9.41 16.06 -44.56
C ASN B 950 8.47 16.13 -43.37
N ASP B 951 8.61 17.13 -42.51
CA ASP B 951 7.78 17.28 -41.31
C ASP B 951 8.06 16.14 -40.32
N LYS B 952 9.32 15.74 -40.23
CA LYS B 952 9.76 14.73 -39.30
C LYS B 952 10.72 15.33 -38.29
N LEU B 953 10.72 14.77 -37.09
CA LEU B 953 11.43 15.38 -35.97
C LEU B 953 12.94 15.32 -36.17
N ILE B 954 13.60 16.43 -35.88
CA ILE B 954 15.05 16.48 -35.92
C ILE B 954 15.56 16.17 -34.52
N ARG B 955 16.28 15.06 -34.39
CA ARG B 955 16.87 14.68 -33.11
C ARG B 955 18.27 15.27 -33.10
N GLU B 956 18.42 16.42 -32.43
CA GLU B 956 19.74 16.97 -32.16
C GLU B 956 20.35 16.32 -30.94
N VAL B 957 19.50 15.92 -29.99
CA VAL B 957 19.92 15.32 -28.74
C VAL B 957 19.40 13.89 -28.72
N LYS B 958 20.30 12.94 -28.53
CA LYS B 958 19.92 11.54 -28.38
C LYS B 958 19.77 11.23 -26.90
N VAL B 959 18.61 10.73 -26.52
CA VAL B 959 18.35 10.31 -25.14
C VAL B 959 18.61 8.81 -25.05
N ILE B 960 19.64 8.44 -24.29
CA ILE B 960 20.06 7.07 -24.08
C ILE B 960 19.61 6.64 -22.70
N THR B 961 19.09 5.42 -22.58
CA THR B 961 18.74 4.86 -21.28
C THR B 961 19.49 3.55 -21.05
N LEU B 962 20.20 3.47 -19.94
CA LEU B 962 20.95 2.29 -19.56
C LEU B 962 20.40 1.70 -18.27
N LYS B 963 20.55 0.39 -18.12
CA LYS B 963 20.32 -0.24 -16.83
C LYS B 963 21.56 -0.09 -15.95
N SER B 964 21.34 -0.12 -14.64
CA SER B 964 22.44 0.05 -13.70
C SER B 964 23.57 -0.94 -13.97
N LYS B 965 23.22 -2.18 -14.34
CA LYS B 965 24.22 -3.24 -14.45
C LYS B 965 25.45 -2.78 -15.22
N LEU B 966 25.23 -2.11 -16.35
CA LEU B 966 26.36 -1.70 -17.19
C LEU B 966 27.40 -0.94 -16.39
N VAL B 967 26.98 0.08 -15.66
CA VAL B 967 27.97 0.86 -14.91
C VAL B 967 28.47 0.06 -13.72
N SER B 968 27.62 -0.78 -13.14
CA SER B 968 28.07 -1.65 -12.06
C SER B 968 29.19 -2.57 -12.55
N ASP B 969 28.90 -3.35 -13.59
CA ASP B 969 29.91 -4.28 -14.12
C ASP B 969 31.17 -3.54 -14.53
N PHE B 970 31.01 -2.46 -15.29
CA PHE B 970 32.14 -1.62 -15.63
C PHE B 970 32.97 -1.33 -14.38
N ARG B 971 32.30 -0.83 -13.33
CA ARG B 971 33.00 -0.51 -12.09
C ARG B 971 33.76 -1.71 -11.56
N LYS B 972 33.10 -2.87 -11.55
CA LYS B 972 33.76 -4.08 -11.05
C LYS B 972 34.87 -4.53 -11.99
N ASP B 973 34.68 -4.38 -13.30
CA ASP B 973 35.64 -4.92 -14.25
C ASP B 973 36.96 -4.15 -14.20
N PHE B 974 36.88 -2.82 -14.31
CA PHE B 974 38.05 -1.96 -14.40
C PHE B 974 38.45 -1.37 -13.06
N GLN B 975 37.82 -1.82 -11.98
CA GLN B 975 38.24 -1.44 -10.63
C GLN B 975 38.08 0.06 -10.40
N PHE B 976 36.94 0.59 -10.81
CA PHE B 976 36.45 1.84 -10.26
C PHE B 976 35.36 1.41 -9.28
N TYR B 977 35.70 1.37 -8.00
CA TYR B 977 34.80 0.73 -7.05
C TYR B 977 33.90 1.78 -6.41
N LYS B 978 32.95 1.28 -5.62
CA LYS B 978 31.92 2.13 -5.04
C LYS B 978 31.69 1.68 -3.61
N VAL B 979 31.85 2.61 -2.68
CA VAL B 979 31.46 2.41 -1.30
C VAL B 979 30.52 3.57 -0.96
N ARG B 980 29.24 3.24 -0.76
CA ARG B 980 28.23 4.28 -0.59
C ARG B 980 28.38 5.03 0.71
N GLU B 981 28.95 4.39 1.73
CA GLU B 981 28.94 4.95 3.08
C GLU B 981 30.04 5.98 3.30
N ILE B 982 30.97 6.15 2.35
CA ILE B 982 32.03 7.12 2.54
C ILE B 982 31.51 8.54 2.34
N ASN B 983 30.72 8.76 1.30
CA ASN B 983 30.13 10.07 1.04
C ASN B 983 29.10 9.90 -0.07
N ASN B 984 28.51 11.01 -0.49
CA ASN B 984 27.50 11.01 -1.54
C ASN B 984 28.08 11.14 -2.94
N TYR B 985 29.41 11.19 -3.08
CA TYR B 985 30.00 11.38 -4.40
C TYR B 985 29.56 10.30 -5.38
N HIS B 986 29.26 9.09 -4.87
CA HIS B 986 29.02 7.95 -5.76
C HIS B 986 27.81 8.16 -6.64
N HIS B 987 26.80 8.91 -6.20
CA HIS B 987 25.70 9.26 -7.09
C HIS B 987 26.22 9.98 -8.33
N ALA B 988 27.03 11.02 -8.09
CA ALA B 988 27.56 11.83 -9.19
C ALA B 988 28.52 11.02 -10.06
N HIS B 989 29.39 10.22 -9.45
CA HIS B 989 30.25 9.34 -10.21
C HIS B 989 29.43 8.40 -11.09
N ASP B 990 28.37 7.82 -10.53
CA ASP B 990 27.48 6.98 -11.31
C ASP B 990 26.95 7.71 -12.53
N ALA B 991 26.57 8.99 -12.36
CA ALA B 991 26.10 9.74 -13.53
C ALA B 991 27.22 9.91 -14.56
N TYR B 992 28.41 10.27 -14.11
CA TYR B 992 29.55 10.40 -15.02
C TYR B 992 29.75 9.10 -15.82
N LEU B 993 29.92 7.99 -15.11
CA LEU B 993 30.10 6.70 -15.76
C LEU B 993 28.95 6.39 -16.71
N ASN B 994 27.73 6.78 -16.34
CA ASN B 994 26.60 6.59 -17.26
C ASN B 994 26.84 7.33 -18.57
N ALA B 995 27.31 8.58 -18.50
CA ALA B 995 27.55 9.32 -19.74
C ALA B 995 28.68 8.70 -20.54
N VAL B 996 29.78 8.34 -19.88
CA VAL B 996 30.93 7.78 -20.59
C VAL B 996 30.55 6.48 -21.27
N VAL B 997 30.02 5.53 -20.50
CA VAL B 997 29.67 4.21 -21.04
C VAL B 997 28.60 4.35 -22.11
N GLY B 998 27.55 5.14 -21.82
CA GLY B 998 26.46 5.27 -22.77
C GLY B 998 26.86 5.91 -24.08
N THR B 999 27.78 6.87 -24.03
CA THR B 999 28.28 7.45 -25.27
C THR B 999 29.20 6.47 -26.00
N ALA B 1000 30.07 5.79 -25.27
CA ALA B 1000 30.96 4.79 -25.87
C ALA B 1000 30.17 3.73 -26.61
N LEU B 1001 29.12 3.20 -25.98
CA LEU B 1001 28.34 2.12 -26.57
C LEU B 1001 27.81 2.51 -27.94
N ILE B 1002 27.05 3.61 -28.01
CA ILE B 1002 26.45 3.99 -29.29
C ILE B 1002 27.52 4.39 -30.28
N LYS B 1003 28.63 4.97 -29.81
CA LYS B 1003 29.75 5.26 -30.70
C LYS B 1003 30.26 3.98 -31.35
N LYS B 1004 30.35 2.90 -30.57
CA LYS B 1004 30.92 1.64 -31.07
C LYS B 1004 29.91 0.86 -31.91
N TYR B 1005 28.65 0.81 -31.47
CA TYR B 1005 27.63 -0.02 -32.09
C TYR B 1005 26.44 0.85 -32.44
N PRO B 1006 26.58 1.73 -33.44
CA PRO B 1006 25.50 2.69 -33.72
C PRO B 1006 24.17 2.04 -34.01
N LYS B 1007 24.15 0.81 -34.53
CA LYS B 1007 22.88 0.15 -34.81
C LYS B 1007 22.07 -0.02 -33.54
N LEU B 1008 22.75 -0.32 -32.43
CA LEU B 1008 22.08 -0.50 -31.14
C LEU B 1008 21.34 0.76 -30.71
N GLU B 1009 21.48 1.86 -31.46
CA GLU B 1009 20.61 3.00 -31.21
C GLU B 1009 19.18 2.52 -31.03
N SER B 1010 18.71 1.64 -31.93
CA SER B 1010 17.30 1.26 -31.89
C SER B 1010 16.89 0.79 -30.49
N GLU B 1011 17.78 0.07 -29.80
CA GLU B 1011 17.46 -0.40 -28.46
C GLU B 1011 17.65 0.69 -27.40
N PHE B 1012 18.74 1.45 -27.48
CA PHE B 1012 19.17 2.25 -26.35
C PHE B 1012 18.76 3.72 -26.44
N VAL B 1013 18.17 4.15 -27.55
CA VAL B 1013 17.94 5.58 -27.80
C VAL B 1013 16.46 5.80 -28.04
N TYR B 1014 15.91 6.83 -27.40
CA TYR B 1014 14.48 7.07 -27.49
C TYR B 1014 14.08 7.51 -28.89
N GLY B 1015 12.92 7.06 -29.32
CA GLY B 1015 12.31 7.52 -30.56
C GLY B 1015 12.34 6.46 -31.64
N ASP B 1016 11.74 6.83 -32.77
CA ASP B 1016 11.53 5.91 -33.87
C ASP B 1016 12.46 6.20 -35.03
N GLY B 1034 19.57 -21.24 -33.46
CA GLY B 1034 20.84 -20.71 -33.89
C GLY B 1034 21.00 -19.23 -33.61
N LYS B 1035 20.15 -18.42 -34.25
CA LYS B 1035 20.21 -16.98 -34.04
C LYS B 1035 20.01 -16.61 -32.58
N ALA B 1036 19.26 -17.43 -31.84
CA ALA B 1036 19.11 -17.21 -30.40
C ALA B 1036 20.46 -17.25 -29.71
N THR B 1037 21.25 -18.30 -30.00
CA THR B 1037 22.60 -18.39 -29.42
C THR B 1037 23.44 -17.18 -29.80
N ALA B 1038 23.34 -16.72 -31.05
CA ALA B 1038 24.08 -15.55 -31.48
C ALA B 1038 23.71 -14.33 -30.66
N LYS B 1039 22.41 -14.10 -30.48
CA LYS B 1039 21.97 -12.97 -29.66
C LYS B 1039 22.48 -13.10 -28.23
N TYR B 1040 22.41 -14.30 -27.66
CA TYR B 1040 22.89 -14.54 -26.30
C TYR B 1040 24.35 -14.16 -26.16
N PHE B 1041 25.21 -14.77 -27.00
CA PHE B 1041 26.64 -14.44 -26.96
C PHE B 1041 26.86 -12.94 -27.17
N PHE B 1042 26.08 -12.33 -28.07
CA PHE B 1042 26.29 -10.93 -28.42
C PHE B 1042 26.02 -10.02 -27.23
N TYR B 1043 24.81 -10.08 -26.67
CA TYR B 1043 24.48 -9.20 -25.55
C TYR B 1043 25.22 -9.59 -24.28
N SER B 1044 25.69 -10.83 -24.17
CA SER B 1044 26.49 -11.21 -23.02
C SER B 1044 27.88 -10.58 -23.09
N ASN B 1045 28.44 -10.48 -24.29
CA ASN B 1045 29.78 -9.96 -24.51
C ASN B 1045 29.82 -8.51 -24.96
N ILE B 1046 28.67 -7.83 -25.03
CA ILE B 1046 28.59 -6.52 -25.68
C ILE B 1046 29.63 -5.54 -25.18
N MET B 1047 30.05 -5.66 -23.91
CA MET B 1047 30.88 -4.65 -23.26
C MET B 1047 32.37 -4.93 -23.38
N ASN B 1048 32.77 -5.95 -24.14
CA ASN B 1048 34.17 -6.35 -24.17
C ASN B 1048 35.06 -5.36 -24.92
N PHE B 1049 34.51 -4.46 -25.72
CA PHE B 1049 35.36 -3.53 -26.45
C PHE B 1049 36.12 -2.60 -25.52
N PHE B 1050 35.78 -2.58 -24.23
CA PHE B 1050 36.57 -1.84 -23.25
C PHE B 1050 37.83 -2.60 -22.82
N LYS B 1051 37.89 -3.90 -23.05
CA LYS B 1051 38.97 -4.75 -22.55
C LYS B 1051 40.05 -4.93 -23.60
N THR B 1052 41.31 -5.02 -23.13
CA THR B 1052 42.42 -5.37 -24.01
C THR B 1052 42.46 -6.86 -24.29
N GLU B 1053 42.22 -7.69 -23.26
CA GLU B 1053 42.24 -9.14 -23.42
C GLU B 1053 41.05 -9.74 -22.68
N ILE B 1054 40.55 -10.85 -23.20
CA ILE B 1054 39.37 -11.51 -22.66
C ILE B 1054 39.72 -12.94 -22.27
N LYS B 1063 41.69 -11.17 -27.39
CA LYS B 1063 42.65 -10.09 -27.50
C LYS B 1063 42.13 -8.99 -28.42
N ARG B 1064 42.24 -7.75 -27.98
CA ARG B 1064 41.69 -6.61 -28.69
C ARG B 1064 42.72 -5.49 -28.77
N PRO B 1065 42.61 -4.61 -29.77
CA PRO B 1065 43.56 -3.51 -29.88
C PRO B 1065 43.46 -2.56 -28.71
N LEU B 1066 44.56 -1.85 -28.47
CA LEU B 1066 44.54 -0.72 -27.56
C LEU B 1066 43.41 0.24 -27.93
N ILE B 1067 43.47 0.79 -29.15
CA ILE B 1067 42.50 1.78 -29.61
C ILE B 1067 41.36 1.07 -30.33
N GLU B 1068 40.15 1.30 -29.85
CA GLU B 1068 38.94 0.83 -30.50
C GLU B 1068 38.38 1.93 -31.39
N THR B 1069 37.78 1.51 -32.50
CA THR B 1069 37.21 2.43 -33.47
C THR B 1069 35.86 1.90 -33.90
N ASN B 1070 35.11 2.74 -34.60
CA ASN B 1070 33.90 2.29 -35.28
C ASN B 1070 34.25 2.00 -36.73
N GLY B 1071 34.01 0.75 -37.17
CA GLY B 1071 34.48 0.32 -38.48
C GLY B 1071 33.95 1.18 -39.62
N GLU B 1072 32.70 1.61 -39.55
CA GLU B 1072 32.09 2.30 -40.67
C GLU B 1072 32.66 3.71 -40.83
N THR B 1073 32.67 4.49 -39.75
CA THR B 1073 33.24 5.84 -39.81
C THR B 1073 34.69 5.90 -39.35
N GLY B 1074 35.24 4.80 -38.83
CA GLY B 1074 36.63 4.79 -38.38
C GLY B 1074 36.92 5.74 -37.24
N GLU B 1075 35.87 6.29 -36.64
CA GLU B 1075 36.03 7.20 -35.51
C GLU B 1075 36.48 6.44 -34.26
N ILE B 1076 37.20 7.14 -33.39
CA ILE B 1076 37.75 6.55 -32.18
C ILE B 1076 36.71 6.66 -31.07
N VAL B 1077 36.21 5.52 -30.61
CA VAL B 1077 35.32 5.51 -29.45
C VAL B 1077 36.08 5.45 -28.13
N TRP B 1078 37.11 4.61 -28.03
CA TRP B 1078 37.75 4.34 -26.77
C TRP B 1078 39.24 4.07 -26.98
N ASP B 1079 40.07 4.64 -26.12
CA ASP B 1079 41.51 4.40 -26.12
C ASP B 1079 41.90 3.85 -24.75
N LYS B 1080 42.29 2.59 -24.70
CA LYS B 1080 42.60 1.94 -23.43
C LYS B 1080 43.79 2.59 -22.71
N GLY B 1081 44.63 3.33 -23.42
CA GLY B 1081 45.82 3.90 -22.82
C GLY B 1081 45.60 5.13 -21.97
N ARG B 1082 44.76 6.06 -22.44
CA ARG B 1082 44.53 7.33 -21.76
C ARG B 1082 43.11 7.43 -21.21
N ASP B 1083 42.07 7.17 -22.02
CA ASP B 1083 40.70 7.37 -21.58
C ASP B 1083 40.44 6.85 -20.16
N PHE B 1084 40.78 5.58 -19.88
CA PHE B 1084 40.63 5.07 -18.52
C PHE B 1084 41.31 6.00 -17.52
N ALA B 1085 42.49 6.52 -17.88
CA ALA B 1085 43.19 7.44 -16.99
C ALA B 1085 42.33 8.65 -16.68
N THR B 1086 41.62 9.18 -17.69
CA THR B 1086 40.72 10.30 -17.44
C THR B 1086 39.60 9.88 -16.49
N VAL B 1087 39.05 8.68 -16.67
CA VAL B 1087 38.01 8.22 -15.76
C VAL B 1087 38.52 8.25 -14.33
N ARG B 1088 39.69 7.64 -14.08
CA ARG B 1088 40.28 7.65 -12.75
C ARG B 1088 40.45 9.07 -12.23
N LYS B 1089 40.98 9.96 -13.07
CA LYS B 1089 41.17 11.35 -12.65
C LYS B 1089 39.85 11.98 -12.23
N VAL B 1090 38.77 11.69 -12.97
CA VAL B 1090 37.47 12.25 -12.65
C VAL B 1090 36.99 11.74 -11.29
N LEU B 1091 37.03 10.42 -11.09
CA LEU B 1091 36.57 9.86 -9.83
C LEU B 1091 37.37 10.43 -8.66
N SER B 1092 38.65 10.72 -8.87
CA SER B 1092 39.52 11.21 -7.81
C SER B 1092 39.23 12.66 -7.44
N MET B 1093 38.57 13.42 -8.32
CA MET B 1093 38.45 14.85 -8.17
C MET B 1093 37.86 15.22 -6.80
N PRO B 1094 38.55 16.00 -5.97
CA PRO B 1094 38.07 16.20 -4.59
C PRO B 1094 36.81 17.05 -4.49
N GLN B 1095 36.57 17.98 -5.40
CA GLN B 1095 35.46 18.92 -5.27
C GLN B 1095 34.34 18.48 -6.21
N VAL B 1096 33.24 18.03 -5.62
CA VAL B 1096 32.06 17.55 -6.32
C VAL B 1096 30.87 18.23 -5.69
N ASN B 1097 29.94 18.71 -6.51
CA ASN B 1097 28.88 19.57 -6.01
C ASN B 1097 27.76 18.68 -5.49
N ILE B 1098 27.62 18.65 -4.18
CA ILE B 1098 26.62 17.84 -3.50
C ILE B 1098 25.70 18.82 -2.79
N VAL B 1099 24.45 18.87 -3.23
CA VAL B 1099 23.50 19.90 -2.81
C VAL B 1099 22.33 19.21 -2.14
N LYS B 1100 22.09 19.51 -0.88
CA LYS B 1100 20.88 19.06 -0.20
C LYS B 1100 19.80 20.09 -0.46
N LYS B 1101 18.76 19.68 -1.17
CA LYS B 1101 17.64 20.56 -1.46
C LYS B 1101 17.07 21.15 -0.19
N THR B 1102 17.01 22.47 -0.12
CA THR B 1102 16.39 23.14 1.01
C THR B 1102 14.88 23.11 0.85
N GLU B 1103 14.18 22.78 1.92
CA GLU B 1103 12.74 22.58 1.84
C GLU B 1103 12.05 23.10 3.08
N VAL B 1104 10.98 23.87 2.86
CA VAL B 1104 10.07 24.22 3.93
C VAL B 1104 9.38 22.96 4.41
N GLN B 1105 9.33 22.76 5.72
CA GLN B 1105 8.68 21.60 6.30
C GLN B 1105 7.17 21.82 6.36
N THR B 1106 6.43 20.76 6.04
CA THR B 1106 4.97 20.80 6.02
C THR B 1106 4.40 19.65 6.85
N GLY B 1107 3.09 19.48 6.82
CA GLY B 1107 2.47 18.38 7.55
C GLY B 1107 2.01 18.73 8.95
N GLY B 1108 2.07 17.74 9.83
CA GLY B 1108 1.50 17.90 11.16
C GLY B 1108 2.07 19.10 11.90
N PHE B 1109 1.19 19.77 12.65
CA PHE B 1109 1.62 20.89 13.49
C PHE B 1109 2.69 20.46 14.48
N SER B 1110 2.45 19.35 15.17
CA SER B 1110 3.35 18.89 16.22
C SER B 1110 3.23 17.37 16.32
N LYS B 1111 3.94 16.79 17.29
CA LYS B 1111 3.62 15.45 17.71
C LYS B 1111 2.19 15.40 18.22
N GLU B 1112 1.54 14.25 18.03
CA GLU B 1112 0.11 14.15 18.25
C GLU B 1112 -0.27 13.89 19.70
N SER B 1113 0.64 13.36 20.53
CA SER B 1113 0.28 12.96 21.87
C SER B 1113 -0.18 14.16 22.69
N ILE B 1114 -1.11 13.90 23.61
CA ILE B 1114 -1.63 14.93 24.52
C ILE B 1114 -1.05 14.65 25.89
N LEU B 1115 -0.14 15.51 26.33
CA LEU B 1115 0.53 15.33 27.61
C LEU B 1115 -0.34 15.86 28.74
N PRO B 1116 -0.14 15.38 29.96
CA PRO B 1116 -0.92 15.92 31.08
C PRO B 1116 -0.51 17.35 31.40
N LYS B 1117 -1.38 18.04 32.14
CA LYS B 1117 -1.10 19.40 32.55
C LYS B 1117 0.22 19.48 33.31
N ARG B 1118 1.02 20.49 32.99
CA ARG B 1118 2.25 20.75 33.70
C ARG B 1118 2.66 22.17 33.36
N ASN B 1119 3.53 22.77 34.18
CA ASN B 1119 3.96 24.14 33.92
C ASN B 1119 5.18 24.06 32.99
N SER B 1120 4.93 24.37 31.72
CA SER B 1120 5.96 24.61 30.73
C SER B 1120 5.36 25.57 29.73
N ASP B 1121 6.15 26.55 29.30
CA ASP B 1121 5.73 27.32 28.14
C ASP B 1121 5.69 26.48 26.88
N LYS B 1122 6.23 25.26 26.93
CA LYS B 1122 6.32 24.41 25.76
C LYS B 1122 4.95 23.86 25.36
N LEU B 1123 4.16 23.40 26.33
CA LEU B 1123 2.87 22.82 26.03
C LEU B 1123 2.02 23.78 25.19
N ILE B 1124 1.45 23.25 24.11
CA ILE B 1124 0.63 24.02 23.19
C ILE B 1124 -0.83 23.74 23.47
N ALA B 1125 -1.63 24.80 23.59
CA ALA B 1125 -3.05 24.66 23.85
C ALA B 1125 -3.72 23.83 22.77
N ARG B 1126 -4.62 22.94 23.19
CA ARG B 1126 -5.40 22.13 22.27
C ARG B 1126 -6.61 22.87 21.72
N LYS B 1127 -6.97 23.99 22.34
CA LYS B 1127 -8.06 24.84 21.91
C LYS B 1127 -7.73 26.24 22.40
N LYS B 1128 -8.30 27.24 21.74
CA LYS B 1128 -7.91 28.62 22.01
C LYS B 1128 -7.83 28.89 23.50
N ASP B 1129 -8.88 28.49 24.23
CA ASP B 1129 -9.06 28.85 25.63
C ASP B 1129 -8.62 27.76 26.61
N TRP B 1130 -8.01 26.67 26.15
CA TRP B 1130 -7.62 25.61 27.06
C TRP B 1130 -6.15 25.83 27.39
N ASP B 1131 -5.90 26.37 28.59
CA ASP B 1131 -4.57 26.75 29.03
C ASP B 1131 -3.84 25.49 29.47
N PRO B 1132 -2.78 25.07 28.78
CA PRO B 1132 -2.18 23.77 29.10
C PRO B 1132 -1.76 23.62 30.55
N LYS B 1133 -1.52 24.72 31.26
CA LYS B 1133 -1.25 24.61 32.69
C LYS B 1133 -2.40 23.91 33.40
N LYS B 1134 -3.64 24.23 33.00
CA LYS B 1134 -4.80 23.49 33.48
C LYS B 1134 -5.04 22.19 32.70
N TYR B 1135 -5.07 22.28 31.36
CA TYR B 1135 -5.65 21.23 30.52
C TYR B 1135 -4.64 20.32 29.83
N GLY B 1136 -3.33 20.57 29.95
CA GLY B 1136 -2.37 19.85 29.14
C GLY B 1136 -2.35 20.36 27.71
N GLY B 1137 -1.66 19.63 26.85
CA GLY B 1137 -1.61 20.02 25.44
C GLY B 1137 -0.48 19.31 24.70
N PHE B 1138 -0.05 19.95 23.62
CA PHE B 1138 0.87 19.37 22.65
C PHE B 1138 2.29 19.81 22.91
N VAL B 1139 3.22 18.93 22.57
CA VAL B 1139 4.65 19.18 22.72
C VAL B 1139 5.30 19.05 21.35
N SER B 1140 6.50 19.64 21.23
CA SER B 1140 7.33 19.47 20.04
C SER B 1140 6.66 19.92 18.75
N PRO B 1141 6.48 21.23 18.54
CA PRO B 1141 6.01 21.70 17.24
C PRO B 1141 7.09 21.54 16.18
N THR B 1142 6.66 21.53 14.92
CA THR B 1142 7.55 21.40 13.79
C THR B 1142 7.81 22.77 13.17
N VAL B 1143 9.09 23.11 13.02
CA VAL B 1143 9.46 24.35 12.35
C VAL B 1143 9.20 24.19 10.85
N ALA B 1144 8.36 25.07 10.30
CA ALA B 1144 8.24 25.16 8.85
C ALA B 1144 9.51 25.75 8.25
N TYR B 1145 9.94 26.91 8.75
CA TYR B 1145 11.24 27.46 8.40
C TYR B 1145 11.67 28.41 9.52
N SER B 1146 12.95 28.75 9.50
CA SER B 1146 13.53 29.69 10.44
C SER B 1146 13.66 31.05 9.78
N VAL B 1147 13.57 32.09 10.59
CA VAL B 1147 13.71 33.46 10.12
C VAL B 1147 14.85 34.14 10.88
N LEU B 1148 15.69 34.88 10.15
CA LEU B 1148 16.67 35.72 10.83
C LEU B 1148 16.02 37.03 11.22
N VAL B 1149 16.14 37.39 12.50
CA VAL B 1149 15.57 38.62 13.04
C VAL B 1149 16.71 39.46 13.61
N VAL B 1150 16.79 40.71 13.18
CA VAL B 1150 17.65 41.71 13.77
C VAL B 1150 16.74 42.80 14.30
N ALA B 1151 16.72 42.97 15.60
CA ALA B 1151 15.73 43.80 16.28
C ALA B 1151 16.21 44.05 17.69
N LYS B 1152 15.37 44.67 18.51
CA LYS B 1152 15.61 44.84 19.92
C LYS B 1152 14.53 44.13 20.72
N VAL B 1153 14.91 43.67 21.91
CA VAL B 1153 13.97 43.04 22.82
C VAL B 1153 14.11 43.70 24.19
N GLU B 1154 12.99 43.80 24.90
CA GLU B 1154 12.99 44.38 26.23
C GLU B 1154 13.85 43.54 27.17
N LYS B 1155 14.44 44.20 28.17
CA LYS B 1155 15.38 43.55 29.08
C LYS B 1155 15.07 43.97 30.51
N GLY B 1156 14.74 43.00 31.36
CA GLY B 1156 14.58 43.23 32.78
C GLY B 1156 13.31 43.99 33.11
N LYS B 1157 13.14 44.25 34.41
CA LYS B 1157 11.99 45.02 34.87
C LYS B 1157 11.93 46.38 34.18
N SER B 1158 13.07 46.94 33.81
CA SER B 1158 13.11 48.25 33.18
C SER B 1158 12.68 48.23 31.73
N LYS B 1159 12.74 47.07 31.06
CA LYS B 1159 12.42 46.98 29.63
C LYS B 1159 13.43 47.75 28.77
N LYS B 1160 14.67 47.86 29.24
CA LYS B 1160 15.74 48.41 28.42
C LYS B 1160 15.79 47.68 27.10
N LEU B 1161 15.78 48.43 25.99
CA LEU B 1161 15.84 47.82 24.68
C LEU B 1161 17.28 47.43 24.35
N LYS B 1162 17.48 46.16 24.01
CA LYS B 1162 18.79 45.59 23.73
C LYS B 1162 18.77 45.01 22.31
N SER B 1163 19.75 45.38 21.51
CA SER B 1163 19.79 44.91 20.13
C SER B 1163 20.14 43.42 20.09
N VAL B 1164 19.40 42.66 19.29
CA VAL B 1164 19.61 41.23 19.17
C VAL B 1164 19.69 40.85 17.70
N LYS B 1165 20.42 39.76 17.46
CA LYS B 1165 20.38 39.03 16.20
C LYS B 1165 20.18 37.57 16.59
N GLU B 1166 19.03 37.00 16.23
CA GLU B 1166 18.76 35.62 16.60
C GLU B 1166 17.93 34.95 15.51
N LEU B 1167 17.69 33.67 15.71
CA LEU B 1167 17.08 32.79 14.70
C LEU B 1167 15.79 32.23 15.29
N LEU B 1168 14.67 32.62 14.69
CA LEU B 1168 13.35 32.31 15.23
C LEU B 1168 12.69 31.24 14.38
N GLY B 1169 12.44 30.08 14.98
CA GLY B 1169 11.66 29.05 14.32
C GLY B 1169 10.22 29.48 14.15
N ILE B 1170 9.74 29.52 12.92
CA ILE B 1170 8.33 29.72 12.63
C ILE B 1170 7.69 28.35 12.47
N THR B 1171 6.75 28.01 13.34
CA THR B 1171 6.14 26.69 13.28
C THR B 1171 5.16 26.61 12.11
N ILE B 1172 4.91 25.38 11.67
CA ILE B 1172 3.89 25.16 10.63
C ILE B 1172 2.59 25.82 11.03
N MET B 1173 2.26 25.79 12.32
CA MET B 1173 0.98 26.35 12.77
C MET B 1173 1.01 27.87 12.75
N GLU B 1174 2.16 28.48 13.03
CA GLU B 1174 2.31 29.93 13.00
C GLU B 1174 2.50 30.49 11.59
N ARG B 1175 2.72 29.62 10.60
CA ARG B 1175 3.23 30.09 9.32
C ARG B 1175 2.34 31.16 8.72
N SER B 1176 1.06 30.86 8.50
CA SER B 1176 0.19 31.80 7.81
C SER B 1176 0.06 33.11 8.57
N SER B 1177 0.08 33.05 9.90
CA SER B 1177 0.03 34.28 10.69
C SER B 1177 1.29 35.10 10.50
N PHE B 1178 2.45 34.44 10.48
CA PHE B 1178 3.70 35.13 10.22
C PHE B 1178 3.69 35.79 8.84
N GLU B 1179 3.15 35.11 7.84
CA GLU B 1179 3.24 35.63 6.47
C GLU B 1179 2.21 36.71 6.20
N LYS B 1180 1.02 36.62 6.81
CA LYS B 1180 0.02 37.67 6.60
C LYS B 1180 0.58 39.04 6.94
N ASN B 1181 1.13 39.18 8.15
CA ASN B 1181 1.76 40.43 8.59
C ASN B 1181 2.99 40.09 9.41
N PRO B 1182 4.15 39.86 8.77
CA PRO B 1182 5.33 39.43 9.53
C PRO B 1182 5.76 40.41 10.61
N ILE B 1183 5.62 41.72 10.40
CA ILE B 1183 6.05 42.65 11.43
C ILE B 1183 5.19 42.50 12.68
N ASP B 1184 3.86 42.58 12.54
CA ASP B 1184 2.99 42.41 13.70
C ASP B 1184 3.24 41.07 14.39
N PHE B 1185 3.50 40.02 13.62
CA PHE B 1185 3.79 38.72 14.21
C PHE B 1185 5.05 38.79 15.06
N LEU B 1186 6.14 39.32 14.50
CA LEU B 1186 7.40 39.39 15.22
C LEU B 1186 7.29 40.31 16.44
N GLU B 1187 6.48 41.37 16.34
CA GLU B 1187 6.31 42.28 17.46
C GLU B 1187 5.53 41.61 18.58
N ALA B 1188 4.54 40.78 18.22
CA ALA B 1188 3.82 40.01 19.23
C ALA B 1188 4.71 38.96 19.90
N LYS B 1189 5.83 38.61 19.29
CA LYS B 1189 6.80 37.72 19.92
C LYS B 1189 7.75 38.46 20.85
N GLY B 1190 7.70 39.79 20.89
CA GLY B 1190 8.57 40.58 21.73
C GLY B 1190 9.67 41.34 21.01
N TYR B 1191 9.78 41.21 19.69
CA TYR B 1191 10.81 41.93 18.94
C TYR B 1191 10.31 43.32 18.56
N LYS B 1192 11.19 44.31 18.69
CA LYS B 1192 10.86 45.68 18.39
C LYS B 1192 11.93 46.30 17.50
N GLU B 1193 11.52 47.35 16.78
CA GLU B 1193 12.39 47.95 15.77
C GLU B 1193 12.98 46.88 14.87
N VAL B 1194 12.16 45.88 14.54
CA VAL B 1194 12.57 44.87 13.58
C VAL B 1194 13.01 45.57 12.32
N LYS B 1195 14.14 45.13 11.77
CA LYS B 1195 14.61 45.69 10.50
C LYS B 1195 14.03 44.79 9.41
N LYS B 1196 13.04 45.33 8.71
CA LYS B 1196 12.17 44.48 7.89
C LYS B 1196 12.95 43.85 6.75
N ASP B 1197 13.87 44.58 6.15
CA ASP B 1197 14.58 44.10 4.97
C ASP B 1197 15.72 43.14 5.29
N LEU B 1198 16.07 42.96 6.56
CA LEU B 1198 17.08 41.98 6.94
C LEU B 1198 16.46 40.64 7.33
N ILE B 1199 15.14 40.48 7.18
CA ILE B 1199 14.50 39.21 7.44
C ILE B 1199 14.92 38.22 6.35
N ILE B 1200 15.48 37.09 6.78
CA ILE B 1200 16.01 36.08 5.87
C ILE B 1200 15.28 34.78 6.14
N LYS B 1201 14.58 34.29 5.12
CA LYS B 1201 13.88 33.00 5.18
C LYS B 1201 14.87 31.86 5.03
N LEU B 1202 14.86 30.94 5.99
CA LEU B 1202 15.84 29.87 6.10
C LEU B 1202 15.12 28.55 6.29
N PRO B 1203 14.76 27.87 5.20
CA PRO B 1203 14.11 26.56 5.32
C PRO B 1203 15.06 25.52 5.87
N LYS B 1204 14.57 24.30 6.06
CA LYS B 1204 15.45 23.24 6.56
C LYS B 1204 16.58 22.99 5.57
N TYR B 1205 17.74 22.63 6.12
CA TYR B 1205 18.97 22.38 5.37
C TYR B 1205 19.56 23.64 4.74
N SER B 1206 19.26 24.83 5.26
CA SER B 1206 20.00 26.01 4.85
C SER B 1206 21.47 25.85 5.22
N LEU B 1207 22.35 26.26 4.30
CA LEU B 1207 23.78 25.97 4.40
C LEU B 1207 24.56 27.19 4.87
N PHE B 1208 25.52 26.94 5.76
CA PHE B 1208 26.37 27.97 6.34
C PHE B 1208 27.81 27.48 6.32
N GLU B 1209 28.74 28.40 6.08
CA GLU B 1209 30.17 28.08 6.17
C GLU B 1209 30.79 28.86 7.32
N LEU B 1210 31.43 28.13 8.23
CA LEU B 1210 32.21 28.66 9.32
C LEU B 1210 33.69 28.60 8.94
N GLU B 1211 34.57 28.79 9.92
CA GLU B 1211 36.00 28.78 9.65
C GLU B 1211 36.48 27.41 9.17
N ASN B 1212 37.65 27.41 8.53
CA ASN B 1212 38.34 26.19 8.11
C ASN B 1212 37.52 25.38 7.11
N GLY B 1213 36.66 26.05 6.35
CA GLY B 1213 35.77 25.34 5.44
C GLY B 1213 34.69 24.53 6.13
N ARG B 1214 34.59 24.62 7.45
CA ARG B 1214 33.55 23.88 8.17
C ARG B 1214 32.17 24.42 7.81
N LYS B 1215 31.25 23.52 7.52
CA LYS B 1215 29.91 23.87 7.08
C LYS B 1215 28.85 23.22 7.98
N ARG B 1216 27.67 23.84 7.98
CA ARG B 1216 26.54 23.40 8.79
C ARG B 1216 25.27 23.57 7.97
N MET B 1217 24.33 22.66 8.15
CA MET B 1217 23.01 22.80 7.55
C MET B 1217 21.98 23.03 8.66
N LEU B 1218 20.94 23.77 8.35
CA LEU B 1218 19.90 24.01 9.35
C LEU B 1218 19.05 22.76 9.51
N ALA B 1219 19.06 22.19 10.71
CA ALA B 1219 18.11 21.14 11.04
C ALA B 1219 16.78 21.72 11.45
N SER B 1220 16.82 22.86 12.13
CA SER B 1220 15.67 23.54 12.70
C SER B 1220 16.17 24.90 13.16
N ALA B 1221 15.34 25.64 13.88
CA ALA B 1221 15.83 26.88 14.49
C ALA B 1221 16.86 26.60 15.59
N GLY B 1222 16.78 25.45 16.25
CA GLY B 1222 17.66 25.16 17.37
C GLY B 1222 18.70 24.06 17.22
N GLU B 1223 18.83 23.46 16.03
CA GLU B 1223 19.77 22.35 15.85
C GLU B 1223 20.39 22.43 14.46
N LEU B 1224 21.60 21.88 14.34
CA LEU B 1224 22.36 21.91 13.10
C LEU B 1224 22.74 20.49 12.67
N GLN B 1225 22.93 20.34 11.37
CA GLN B 1225 23.40 19.11 10.73
C GLN B 1225 24.78 19.36 10.15
N LYS B 1226 25.53 18.27 9.97
CA LYS B 1226 26.85 18.37 9.35
C LYS B 1226 26.70 18.78 7.89
N GLY B 1227 27.49 19.79 7.48
CA GLY B 1227 27.41 20.31 6.14
C GLY B 1227 28.59 20.00 5.24
N ASN B 1228 29.51 19.13 5.65
CA ASN B 1228 30.71 18.85 4.89
C ASN B 1228 30.70 17.41 4.39
N GLU B 1229 31.37 17.20 3.26
CA GLU B 1229 31.60 15.88 2.70
C GLU B 1229 33.08 15.55 2.86
N LEU B 1230 33.35 14.32 3.29
CA LEU B 1230 34.73 13.85 3.39
C LEU B 1230 35.09 13.19 2.08
N ALA B 1231 35.99 13.81 1.33
CA ALA B 1231 36.42 13.26 0.06
C ALA B 1231 37.61 12.36 0.35
N LEU B 1232 37.39 11.05 0.28
CA LEU B 1232 38.42 10.08 0.61
C LEU B 1232 39.15 9.70 -0.67
N PRO B 1233 40.46 9.86 -0.74
CA PRO B 1233 41.17 9.54 -1.98
C PRO B 1233 40.83 8.16 -2.50
N SER B 1234 40.77 8.04 -3.83
CA SER B 1234 40.28 6.82 -4.47
C SER B 1234 41.03 5.58 -3.98
N LYS B 1235 42.34 5.68 -3.82
CA LYS B 1235 43.11 4.51 -3.42
C LYS B 1235 42.56 3.91 -2.13
N TYR B 1236 42.07 4.74 -1.22
CA TYR B 1236 41.49 4.24 0.02
C TYR B 1236 40.09 3.68 -0.20
N VAL B 1237 39.30 4.30 -1.08
CA VAL B 1237 37.99 3.74 -1.41
C VAL B 1237 38.15 2.33 -1.96
N ASN B 1238 39.03 2.17 -2.94
CA ASN B 1238 39.23 0.87 -3.57
C ASN B 1238 39.83 -0.14 -2.60
N PHE B 1239 40.83 0.28 -1.81
CA PHE B 1239 41.37 -0.61 -0.78
C PHE B 1239 40.27 -1.07 0.16
N LEU B 1240 39.40 -0.15 0.59
CA LEU B 1240 38.32 -0.51 1.50
C LEU B 1240 37.38 -1.52 0.84
N TYR B 1241 37.01 -1.27 -0.40
CA TYR B 1241 36.13 -2.17 -1.13
C TYR B 1241 36.72 -3.58 -1.18
N LEU B 1242 37.96 -3.70 -1.63
CA LEU B 1242 38.56 -5.03 -1.78
C LEU B 1242 38.81 -5.70 -0.43
N ALA B 1243 39.15 -4.91 0.59
CA ALA B 1243 39.48 -5.48 1.89
C ALA B 1243 38.24 -6.02 2.59
N SER B 1244 37.14 -5.25 2.56
CA SER B 1244 35.90 -5.68 3.20
C SER B 1244 35.23 -6.84 2.47
N HIS B 1245 35.67 -7.17 1.26
CA HIS B 1245 35.10 -8.30 0.52
C HIS B 1245 36.14 -9.41 0.36
N GLU B 1257 42.38 -12.88 -6.38
CA GLU B 1257 43.67 -13.30 -5.84
C GLU B 1257 44.63 -12.12 -5.77
N GLN B 1258 45.07 -11.63 -6.93
CA GLN B 1258 46.00 -10.50 -6.96
C GLN B 1258 45.51 -9.37 -6.06
N LYS B 1259 44.20 -9.11 -6.08
CA LYS B 1259 43.65 -8.07 -5.22
C LYS B 1259 43.90 -8.35 -3.74
N GLN B 1260 43.91 -9.62 -3.34
CA GLN B 1260 44.23 -9.96 -1.95
C GLN B 1260 45.67 -9.56 -1.61
N LEU B 1261 46.61 -9.89 -2.48
CA LEU B 1261 48.00 -9.52 -2.23
C LEU B 1261 48.20 -8.01 -2.29
N PHE B 1262 47.36 -7.31 -3.05
CA PHE B 1262 47.36 -5.85 -2.97
C PHE B 1262 46.92 -5.40 -1.58
N VAL B 1263 45.82 -5.96 -1.07
CA VAL B 1263 45.34 -5.60 0.27
C VAL B 1263 46.46 -5.80 1.29
N GLU B 1264 46.99 -7.01 1.35
CA GLU B 1264 48.01 -7.32 2.35
C GLU B 1264 49.27 -6.48 2.13
N GLN B 1265 49.54 -6.06 0.89
CA GLN B 1265 50.66 -5.15 0.67
C GLN B 1265 50.38 -3.76 1.22
N HIS B 1266 49.13 -3.31 1.14
CA HIS B 1266 48.73 -1.95 1.49
C HIS B 1266 48.10 -1.81 2.87
N LYS B 1267 48.19 -2.83 3.73
CA LYS B 1267 47.54 -2.79 5.04
C LYS B 1267 47.77 -1.47 5.79
N HIS B 1268 48.89 -0.78 5.57
CA HIS B 1268 49.10 0.52 6.22
C HIS B 1268 48.02 1.53 5.85
N TYR B 1269 47.31 1.29 4.75
CA TYR B 1269 46.18 2.14 4.38
C TYR B 1269 45.15 2.24 5.49
N LEU B 1270 45.10 1.29 6.42
CA LEU B 1270 44.15 1.40 7.53
C LEU B 1270 44.48 2.59 8.41
N ASP B 1271 45.72 2.64 8.91
CA ASP B 1271 46.14 3.80 9.69
C ASP B 1271 45.97 5.08 8.88
N GLU B 1272 46.33 5.05 7.60
CA GLU B 1272 46.17 6.26 6.80
C GLU B 1272 44.71 6.70 6.73
N ILE B 1273 43.79 5.74 6.61
CA ILE B 1273 42.36 6.06 6.59
C ILE B 1273 41.93 6.67 7.90
N ILE B 1274 42.35 6.07 9.02
CA ILE B 1274 42.01 6.62 10.33
C ILE B 1274 42.51 8.05 10.45
N GLU B 1275 43.69 8.34 9.88
CA GLU B 1275 44.23 9.69 9.96
C GLU B 1275 43.42 10.66 9.11
N GLN B 1276 42.93 10.20 7.96
CA GLN B 1276 42.05 11.05 7.15
C GLN B 1276 40.76 11.35 7.91
N ILE B 1277 40.12 10.32 8.46
CA ILE B 1277 38.88 10.48 9.22
C ILE B 1277 39.10 11.44 10.38
N SER B 1278 40.20 11.25 11.12
CA SER B 1278 40.44 12.04 12.32
C SER B 1278 40.77 13.49 11.98
N GLU B 1279 41.63 13.70 10.99
CA GLU B 1279 41.92 15.04 10.50
C GLU B 1279 40.61 15.76 10.15
N PHE B 1280 39.84 15.14 9.28
CA PHE B 1280 38.54 15.66 8.87
C PHE B 1280 37.68 16.02 10.08
N SER B 1281 37.63 15.12 11.07
CA SER B 1281 36.73 15.32 12.20
C SER B 1281 37.19 16.47 13.09
N LYS B 1282 38.50 16.57 13.33
CA LYS B 1282 39.00 17.67 14.15
C LYS B 1282 38.80 19.01 13.46
N ARG B 1283 38.83 19.05 12.13
CA ARG B 1283 38.59 20.33 11.46
C ARG B 1283 37.11 20.67 11.35
N VAL B 1284 36.25 19.66 11.23
CA VAL B 1284 34.89 19.84 10.72
C VAL B 1284 33.84 19.32 11.70
N ILE B 1285 33.95 18.05 12.08
CA ILE B 1285 32.91 17.44 12.93
C ILE B 1285 32.86 18.10 14.30
N LEU B 1286 34.00 18.20 14.97
CA LEU B 1286 34.08 18.84 16.29
C LEU B 1286 33.27 18.07 17.34
N ALA B 1287 33.36 16.75 17.31
CA ALA B 1287 32.93 15.90 18.42
C ALA B 1287 34.17 15.22 18.96
N ASP B 1288 34.65 15.69 20.12
CA ASP B 1288 35.93 15.21 20.65
C ASP B 1288 35.79 13.90 21.40
N ALA B 1289 34.77 13.78 22.25
CA ALA B 1289 34.59 12.55 23.00
C ALA B 1289 34.38 11.38 22.05
N ASN B 1290 33.50 11.55 21.07
CA ASN B 1290 33.22 10.46 20.14
C ASN B 1290 34.44 10.13 19.29
N LEU B 1291 35.19 11.14 18.84
CA LEU B 1291 36.41 10.85 18.09
C LEU B 1291 37.38 10.04 18.94
N ASP B 1292 37.59 10.46 20.19
CA ASP B 1292 38.48 9.70 21.06
C ASP B 1292 37.99 8.27 21.26
N LYS B 1293 36.68 8.08 21.35
CA LYS B 1293 36.13 6.73 21.43
C LYS B 1293 36.46 5.94 20.17
N VAL B 1294 36.37 6.59 19.00
CA VAL B 1294 36.70 5.93 17.74
C VAL B 1294 38.16 5.48 17.75
N LEU B 1295 39.07 6.41 18.03
CA LEU B 1295 40.49 6.08 18.03
C LEU B 1295 40.78 4.96 19.02
N SER B 1296 40.25 5.08 20.24
CA SER B 1296 40.41 4.04 21.24
C SER B 1296 39.97 2.68 20.70
N ALA B 1297 38.78 2.62 20.09
CA ALA B 1297 38.25 1.34 19.63
C ALA B 1297 39.09 0.77 18.47
N TYR B 1298 39.36 1.58 17.45
CA TYR B 1298 40.21 1.15 16.35
C TYR B 1298 41.52 0.58 16.87
N ASN B 1299 42.14 1.27 17.83
CA ASN B 1299 43.38 0.79 18.38
C ASN B 1299 43.19 -0.46 19.25
N LYS B 1300 41.98 -0.69 19.76
CA LYS B 1300 41.71 -1.96 20.43
C LYS B 1300 41.76 -3.11 19.44
N HIS B 1301 41.10 -2.96 18.30
CA HIS B 1301 40.75 -4.10 17.47
C HIS B 1301 41.77 -4.46 16.38
N ARG B 1302 42.95 -3.86 16.37
CA ARG B 1302 43.86 -4.15 15.27
C ARG B 1302 44.41 -5.57 15.28
N ASP B 1303 44.19 -6.34 16.34
CA ASP B 1303 44.52 -7.76 16.24
C ASP B 1303 43.50 -8.51 15.40
N LYS B 1304 42.42 -7.86 14.99
CA LYS B 1304 41.37 -8.52 14.23
C LYS B 1304 41.79 -8.69 12.77
N PRO B 1305 41.16 -9.63 12.05
CA PRO B 1305 41.45 -9.80 10.63
C PRO B 1305 41.21 -8.53 9.83
N ILE B 1306 41.92 -8.42 8.70
CA ILE B 1306 41.89 -7.17 7.95
C ILE B 1306 40.53 -6.94 7.31
N ARG B 1307 39.84 -8.01 6.87
CA ARG B 1307 38.49 -7.84 6.37
C ARG B 1307 37.61 -7.17 7.40
N GLU B 1308 37.51 -7.79 8.59
CA GLU B 1308 36.65 -7.27 9.65
C GLU B 1308 36.93 -5.80 9.92
N GLN B 1309 38.22 -5.44 10.07
CA GLN B 1309 38.58 -4.06 10.33
C GLN B 1309 38.16 -3.15 9.18
N ALA B 1310 38.21 -3.64 7.95
CA ALA B 1310 37.76 -2.84 6.82
C ALA B 1310 36.28 -2.55 6.93
N GLU B 1311 35.46 -3.59 7.09
CA GLU B 1311 34.02 -3.41 7.24
C GLU B 1311 33.70 -2.37 8.31
N ASN B 1312 34.29 -2.54 9.49
CA ASN B 1312 33.92 -1.67 10.59
C ASN B 1312 34.47 -0.25 10.42
N ILE B 1313 35.68 -0.12 9.85
CA ILE B 1313 36.12 1.21 9.41
C ILE B 1313 35.04 1.85 8.56
N ILE B 1314 34.43 1.07 7.67
CA ILE B 1314 33.35 1.61 6.85
C ILE B 1314 32.20 2.05 7.73
N HIS B 1315 31.94 1.36 8.83
CA HIS B 1315 30.97 1.89 9.80
C HIS B 1315 31.37 3.28 10.27
N LEU B 1316 32.67 3.52 10.46
CA LEU B 1316 33.08 4.79 11.05
C LEU B 1316 32.65 6.02 10.24
N PHE B 1317 32.32 5.87 8.96
CA PHE B 1317 32.07 7.05 8.14
C PHE B 1317 30.73 7.71 8.41
N THR B 1318 29.85 7.10 9.21
CA THR B 1318 28.64 7.83 9.61
C THR B 1318 28.98 8.95 10.59
N LEU B 1319 30.14 8.87 11.26
CA LEU B 1319 30.60 10.01 12.03
C LEU B 1319 30.79 11.22 11.15
N THR B 1320 31.40 11.05 9.99
CA THR B 1320 31.76 12.14 9.11
C THR B 1320 30.72 12.40 8.02
N ASN B 1321 29.68 11.59 7.94
CA ASN B 1321 28.70 11.73 6.86
C ASN B 1321 27.92 13.03 7.00
N LEU B 1322 27.60 13.62 5.85
CA LEU B 1322 26.74 14.79 5.80
C LEU B 1322 25.37 14.47 6.38
N GLY B 1323 24.72 15.49 6.93
CA GLY B 1323 23.36 15.36 7.41
C GLY B 1323 23.25 15.15 8.91
N ALA B 1324 22.11 14.61 9.30
CA ALA B 1324 21.80 14.42 10.71
C ALA B 1324 22.83 13.49 11.35
N PRO B 1325 23.42 13.86 12.49
CA PRO B 1325 24.29 12.92 13.19
C PRO B 1325 23.54 11.62 13.48
N ALA B 1326 24.30 10.53 13.58
CA ALA B 1326 23.71 9.22 13.77
C ALA B 1326 24.69 8.32 14.49
N ALA B 1327 24.14 7.30 15.17
CA ALA B 1327 24.94 6.37 15.93
C ALA B 1327 25.56 5.31 15.02
N PHE B 1328 26.68 4.75 15.47
CA PHE B 1328 27.35 3.69 14.74
C PHE B 1328 28.13 2.81 15.71
N LYS B 1329 28.20 1.52 15.38
CA LYS B 1329 29.01 0.57 16.13
C LYS B 1329 30.34 0.39 15.41
N TYR B 1330 31.45 0.46 16.14
CA TYR B 1330 32.71 0.14 15.49
C TYR B 1330 32.91 -1.36 15.41
N PHE B 1331 33.02 -2.05 16.56
CA PHE B 1331 32.95 -3.50 16.57
C PHE B 1331 31.81 -3.94 17.47
N ASP B 1332 32.07 -3.99 18.79
CA ASP B 1332 31.02 -4.03 19.80
C ASP B 1332 30.82 -2.68 20.49
N THR B 1333 31.62 -1.67 20.14
CA THR B 1333 31.51 -0.37 20.80
C THR B 1333 30.51 0.47 20.01
N THR B 1334 29.39 0.79 20.64
CA THR B 1334 28.46 1.75 20.10
C THR B 1334 28.97 3.15 20.38
N ILE B 1335 28.80 4.03 19.41
CA ILE B 1335 29.08 5.45 19.59
C ILE B 1335 27.76 6.19 19.43
N ASP B 1336 27.26 6.72 20.53
CA ASP B 1336 26.05 7.53 20.48
C ASP B 1336 26.31 8.78 19.66
N ARG B 1337 25.27 9.27 19.00
CA ARG B 1337 25.44 10.43 18.14
C ARG B 1337 25.67 11.69 18.97
N LYS B 1338 26.34 12.65 18.35
CA LYS B 1338 26.49 13.99 18.91
C LYS B 1338 25.67 14.94 18.06
N GLN B 1339 24.57 15.43 18.62
CA GLN B 1339 23.76 16.44 17.93
C GLN B 1339 24.39 17.80 18.14
N TYR B 1340 24.14 18.71 17.19
CA TYR B 1340 24.55 20.10 17.34
C TYR B 1340 23.28 20.89 17.64
N ARG B 1341 23.06 21.16 18.92
CA ARG B 1341 21.80 21.68 19.41
C ARG B 1341 21.82 23.18 19.67
N SER B 1342 22.88 23.88 19.25
CA SER B 1342 22.91 25.33 19.25
C SER B 1342 23.07 25.82 17.81
N THR B 1343 22.27 26.81 17.42
CA THR B 1343 22.43 27.51 16.16
C THR B 1343 23.14 28.86 16.30
N LYS B 1344 23.55 29.24 17.51
CA LYS B 1344 24.11 30.57 17.73
C LYS B 1344 25.23 30.88 16.75
N GLU B 1345 26.17 29.96 16.58
CA GLU B 1345 27.37 30.23 15.79
C GLU B 1345 27.05 30.58 14.35
N VAL B 1346 25.86 30.23 13.87
CA VAL B 1346 25.51 30.48 12.48
C VAL B 1346 25.29 31.97 12.24
N LEU B 1347 24.81 32.69 13.25
CA LEU B 1347 24.36 34.06 13.05
C LEU B 1347 25.49 35.00 12.65
N ASP B 1348 26.73 34.66 12.96
CA ASP B 1348 27.88 35.38 12.47
C ASP B 1348 28.58 34.71 11.28
N ALA B 1349 28.05 33.59 10.79
CA ALA B 1349 28.71 32.83 9.74
C ALA B 1349 28.28 33.33 8.35
N THR B 1350 28.80 32.68 7.32
CA THR B 1350 28.42 32.98 5.94
C THR B 1350 27.37 31.99 5.48
N LEU B 1351 26.17 32.49 5.19
CA LEU B 1351 25.10 31.71 4.59
C LEU B 1351 25.34 31.59 3.09
N ILE B 1352 25.10 30.40 2.55
CA ILE B 1352 25.31 30.13 1.13
C ILE B 1352 23.96 29.72 0.53
N HIS B 1353 23.41 30.58 -0.34
CA HIS B 1353 22.28 30.21 -1.18
C HIS B 1353 22.80 29.57 -2.46
N GLN B 1354 22.20 28.43 -2.82
CA GLN B 1354 22.69 27.61 -3.91
C GLN B 1354 21.64 27.39 -4.98
N SER B 1355 22.10 27.21 -6.21
CA SER B 1355 21.29 26.77 -7.32
C SER B 1355 20.95 25.28 -7.15
N ILE B 1356 20.13 24.76 -8.07
CA ILE B 1356 19.81 23.33 -8.00
C ILE B 1356 21.06 22.49 -8.23
N THR B 1357 21.98 22.97 -9.06
CA THR B 1357 23.23 22.28 -9.30
C THR B 1357 24.32 22.66 -8.30
N GLY B 1358 24.11 23.71 -7.50
CA GLY B 1358 25.17 24.24 -6.67
C GLY B 1358 26.26 24.99 -7.41
N LEU B 1359 26.12 25.15 -8.73
CA LEU B 1359 27.13 25.86 -9.50
C LEU B 1359 26.99 27.37 -9.35
N TYR B 1360 25.76 27.86 -9.22
CA TYR B 1360 25.49 29.27 -8.95
C TYR B 1360 25.27 29.46 -7.46
N GLU B 1361 25.98 30.42 -6.87
CA GLU B 1361 25.85 30.70 -5.44
C GLU B 1361 25.71 32.20 -5.23
N THR B 1362 25.03 32.54 -4.14
CA THR B 1362 25.11 33.87 -3.57
C THR B 1362 25.37 33.71 -2.08
N ARG B 1363 26.44 34.33 -1.61
CA ARG B 1363 26.94 34.16 -0.25
C ARG B 1363 26.74 35.44 0.54
N ILE B 1364 26.21 35.31 1.74
CA ILE B 1364 25.94 36.42 2.62
C ILE B 1364 26.74 36.22 3.89
N ASP B 1365 27.68 37.13 4.16
CA ASP B 1365 28.34 37.15 5.45
C ASP B 1365 27.37 37.78 6.44
N LEU B 1366 26.96 37.05 7.46
CA LEU B 1366 25.97 37.59 8.38
C LEU B 1366 26.76 38.35 9.42
N SER B 1367 26.85 39.66 9.23
CA SER B 1367 27.29 40.59 10.25
C SER B 1367 26.45 41.83 10.06
N GLN B 1368 25.61 42.16 11.04
CA GLN B 1368 24.51 43.09 10.83
C GLN B 1368 23.54 43.01 12.00
K K E . -5.85 0.23 -2.45
K K F . -4.30 6.10 31.29
MG MG G . -12.96 6.24 25.49
MG MG H . -13.05 19.87 14.68
K K I . 18.71 25.35 -3.46
K K J . -5.48 -19.91 -24.12
K K K . 5.81 19.09 1.27
K K L . -21.33 -2.83 -10.01
K K M . -4.30 1.18 31.06
K K N . -17.81 -38.86 15.57
K K O . -17.54 28.40 38.63
K K P . -43.50 -9.26 -14.64
K K Q . 8.00 15.53 4.25
K K R . -11.83 4.37 27.98
K K S . 11.31 13.26 14.28
#